data_5U8W
#
_entry.id   5U8W
#
_cell.length_a   65.510
_cell.length_b   117.830
_cell.length_c   139.730
_cell.angle_alpha   90.00
_cell.angle_beta   94.30
_cell.angle_gamma   90.00
#
_symmetry.space_group_name_H-M   'P 1 21 1'
#
loop_
_entity.id
_entity.type
_entity.pdbx_description
1 polymer 'Dihydrolipoyl dehydrogenase'
2 non-polymer 'FLAVIN-ADENINE DINUCLEOTIDE'
3 non-polymer '1,4-DIHYDRONICOTINAMIDE ADENINE DINUCLEOTIDE'
4 non-polymer 'DIMETHYL SULFOXIDE'
5 water water
#
_entity_poly.entity_id   1
_entity_poly.type   'polypeptide(L)'
_entity_poly.pdbx_seq_one_letter_code
;GSHMSQKFDVVVIGAGPGGYVAAIRAAQLGLKTACIEKYIGKEGKVALGGTCLNVGCIPSKALLDSSYKYHEAKEAFKVH
GIEAKGVTIDVPAMVARKANIVKNLTGGIATLFKANGVTSFEGHGKLLANKQVEVTGLDGKTQVLEAENVIIASGSRPVE
IPPAPLTDDIIVDSTGALEFQAVPKKLGVIGAGVIGLELGSVWARLGAEVTVLEALDKFLPAADEQIAKEALKVLTKQGL
NIRLGARVTASEVKKKQVTVTFTDANGEQKETFDKLIVAVGRRPVTTDLLAADSGVTLDERGFIYVDDHCKTSVPGVFAI
GDVVRGAMLAHKASEEGVMVAERIAGHKAQMNYDLIPSVIYTHPEIAWVGKTEQTLKAEGVEVNVGTFPFAASGRAMAAN
DTTGLVKVIADAKTDRVLGVHVIGPSAAELVQQGAIGMEFGTSAEDLGMMVFSHPTLSEALHEAALAVNGHAIHIANRKK
R
;
_entity_poly.pdbx_strand_id   A,B,C,D
#
# COMPACT_ATOMS: atom_id res chain seq x y z
N SER A 5 -20.17 -10.06 -9.63
CA SER A 5 -20.48 -9.25 -8.44
C SER A 5 -19.29 -8.37 -8.07
N GLN A 6 -19.30 -7.14 -8.55
CA GLN A 6 -18.21 -6.21 -8.27
C GLN A 6 -18.05 -6.01 -6.77
N LYS A 7 -16.90 -6.40 -6.25
CA LYS A 7 -16.59 -6.34 -4.83
C LYS A 7 -15.60 -5.22 -4.56
N PHE A 8 -15.86 -4.46 -3.50
CA PHE A 8 -14.99 -3.36 -3.11
C PHE A 8 -14.74 -3.42 -1.60
N ASP A 9 -13.55 -2.97 -1.20
CA ASP A 9 -13.28 -2.76 0.22
C ASP A 9 -14.12 -1.63 0.77
N VAL A 10 -14.31 -0.57 -0.01
CA VAL A 10 -15.05 0.62 0.42
C VAL A 10 -15.94 1.08 -0.73
N VAL A 11 -17.22 1.29 -0.43
CA VAL A 11 -18.15 1.93 -1.36
C VAL A 11 -18.64 3.21 -0.71
N VAL A 12 -18.42 4.34 -1.38
CA VAL A 12 -18.80 5.65 -0.88
C VAL A 12 -20.01 6.14 -1.66
N ILE A 13 -21.06 6.54 -0.94
CA ILE A 13 -22.25 7.11 -1.56
C ILE A 13 -22.17 8.61 -1.39
N GLY A 14 -21.94 9.32 -2.49
CA GLY A 14 -21.83 10.77 -2.51
C GLY A 14 -20.39 11.19 -2.74
N ALA A 15 -20.21 12.26 -3.53
CA ALA A 15 -18.87 12.73 -3.90
C ALA A 15 -18.68 14.19 -3.52
N GLY A 16 -19.27 14.63 -2.42
CA GLY A 16 -18.98 15.94 -1.87
C GLY A 16 -17.71 15.90 -1.05
N PRO A 17 -17.43 17.00 -0.33
CA PRO A 17 -16.20 17.03 0.50
C PRO A 17 -16.03 15.83 1.40
N GLY A 18 -17.12 15.29 1.94
CA GLY A 18 -17.01 14.10 2.77
C GLY A 18 -16.65 12.90 1.93
N GLY A 19 -17.47 12.62 0.92
CA GLY A 19 -17.32 11.38 0.18
C GLY A 19 -16.08 11.33 -0.70
N TYR A 20 -15.79 12.41 -1.43
CA TYR A 20 -14.67 12.31 -2.37
C TYR A 20 -13.33 12.30 -1.64
N VAL A 21 -13.24 12.97 -0.49
CA VAL A 21 -12.02 12.89 0.31
C VAL A 21 -11.88 11.49 0.92
N ALA A 22 -12.97 10.94 1.46
CA ALA A 22 -12.93 9.58 1.99
C ALA A 22 -12.49 8.59 0.92
N ALA A 23 -13.00 8.76 -0.30
CA ALA A 23 -12.65 7.82 -1.37
C ALA A 23 -11.16 7.92 -1.71
N ILE A 24 -10.64 9.14 -1.84
CA ILE A 24 -9.22 9.31 -2.17
C ILE A 24 -8.35 8.74 -1.05
N ARG A 25 -8.66 9.06 0.20
CA ARG A 25 -7.83 8.57 1.29
C ARG A 25 -7.86 7.05 1.36
N ALA A 26 -9.04 6.46 1.19
CA ALA A 26 -9.14 5.00 1.19
C ALA A 26 -8.26 4.40 0.10
N ALA A 27 -8.30 4.97 -1.11
CA ALA A 27 -7.45 4.46 -2.17
C ALA A 27 -5.97 4.62 -1.83
N GLN A 28 -5.59 5.76 -1.25
CA GLN A 28 -4.21 5.96 -0.84
C GLN A 28 -3.77 4.91 0.15
N LEU A 29 -4.68 4.43 0.99
CA LEU A 29 -4.38 3.41 1.99
C LEU A 29 -4.43 2.00 1.42
N GLY A 30 -4.62 1.86 0.11
CA GLY A 30 -4.61 0.56 -0.54
C GLY A 30 -5.93 -0.15 -0.59
N LEU A 31 -7.03 0.53 -0.26
CA LEU A 31 -8.35 -0.09 -0.27
C LEU A 31 -8.98 0.09 -1.65
N LYS A 32 -9.54 -1.00 -2.18
CA LYS A 32 -10.26 -0.93 -3.46
C LYS A 32 -11.57 -0.19 -3.24
N THR A 33 -11.69 0.98 -3.86
CA THR A 33 -12.70 1.96 -3.49
C THR A 33 -13.58 2.33 -4.67
N ALA A 34 -14.88 2.44 -4.42
CA ALA A 34 -15.83 2.97 -5.38
C ALA A 34 -16.53 4.18 -4.77
N CYS A 35 -16.90 5.13 -5.63
CA CYS A 35 -17.62 6.32 -5.22
C CYS A 35 -18.78 6.55 -6.17
N ILE A 36 -19.99 6.67 -5.60
CA ILE A 36 -21.23 6.78 -6.36
C ILE A 36 -21.72 8.22 -6.28
N GLU A 37 -22.08 8.80 -7.42
CA GLU A 37 -22.57 10.17 -7.45
C GLU A 37 -23.64 10.32 -8.52
N LYS A 38 -24.68 11.09 -8.20
CA LYS A 38 -25.85 11.25 -9.07
C LYS A 38 -26.04 12.65 -9.63
N TYR A 39 -25.35 13.66 -9.09
CA TYR A 39 -25.63 15.04 -9.44
C TYR A 39 -25.23 15.35 -10.88
N ILE A 40 -26.15 15.94 -11.64
CA ILE A 40 -25.90 16.36 -13.02
C ILE A 40 -25.50 17.82 -13.01
N GLY A 41 -24.30 18.11 -13.53
CA GLY A 41 -23.77 19.46 -13.57
C GLY A 41 -24.22 20.24 -14.79
N LYS A 42 -23.52 21.36 -15.02
CA LYS A 42 -23.97 22.33 -16.02
C LYS A 42 -23.85 21.78 -17.43
N GLU A 43 -22.91 20.87 -17.67
CA GLU A 43 -22.70 20.29 -18.99
C GLU A 43 -23.62 19.11 -19.28
N GLY A 44 -24.53 18.79 -18.36
CA GLY A 44 -25.42 17.65 -18.56
C GLY A 44 -24.83 16.32 -18.20
N LYS A 45 -23.61 16.29 -17.67
CA LYS A 45 -22.96 15.07 -17.18
C LYS A 45 -22.82 15.14 -15.67
N VAL A 46 -22.59 13.97 -15.07
CA VAL A 46 -22.38 13.91 -13.64
C VAL A 46 -21.18 14.77 -13.27
N ALA A 47 -21.34 15.57 -12.21
CA ALA A 47 -20.30 16.44 -11.70
C ALA A 47 -20.02 16.09 -10.24
N LEU A 48 -18.75 15.83 -9.93
CA LEU A 48 -18.35 15.56 -8.56
C LEU A 48 -18.17 16.88 -7.79
N GLY A 49 -17.91 16.75 -6.49
CA GLY A 49 -17.61 17.89 -5.64
C GLY A 49 -18.74 18.31 -4.71
N GLY A 50 -19.94 17.78 -4.91
CA GLY A 50 -21.03 18.03 -3.99
C GLY A 50 -21.47 19.48 -3.94
N THR A 51 -22.08 19.83 -2.81
CA THR A 51 -22.59 21.18 -2.61
C THR A 51 -21.46 22.20 -2.63
N CYS A 52 -20.36 21.87 -1.95
CA CYS A 52 -19.29 22.83 -1.73
C CYS A 52 -18.71 23.33 -3.05
N LEU A 53 -18.41 22.42 -3.98
CA LEU A 53 -17.82 22.87 -5.23
C LEU A 53 -18.84 23.39 -6.24
N ASN A 54 -20.06 22.86 -6.23
CA ASN A 54 -20.98 23.18 -7.32
C ASN A 54 -21.89 24.36 -7.02
N VAL A 55 -22.43 24.45 -5.81
CA VAL A 55 -23.43 25.48 -5.50
C VAL A 55 -23.20 26.03 -4.10
N GLY A 56 -21.96 25.95 -3.62
CA GLY A 56 -21.69 26.25 -2.22
C GLY A 56 -20.45 27.08 -2.00
N CYS A 57 -19.46 26.49 -1.30
CA CYS A 57 -18.31 27.25 -0.82
C CYS A 57 -17.63 28.01 -1.94
N ILE A 58 -17.24 27.32 -3.01
CA ILE A 58 -16.34 27.92 -3.99
C ILE A 58 -17.11 28.93 -4.82
N PRO A 59 -18.29 28.62 -5.36
CA PRO A 59 -19.01 29.65 -6.11
C PRO A 59 -19.29 30.91 -5.29
N SER A 60 -19.65 30.75 -4.00
CA SER A 60 -19.92 31.92 -3.18
CA SER A 60 -19.92 31.92 -3.18
C SER A 60 -18.67 32.77 -3.02
N LYS A 61 -17.54 32.14 -2.74
CA LYS A 61 -16.30 32.89 -2.56
C LYS A 61 -15.87 33.58 -3.86
N ALA A 62 -16.12 32.97 -5.01
CA ALA A 62 -15.82 33.63 -6.28
C ALA A 62 -16.62 34.92 -6.43
N LEU A 63 -17.92 34.88 -6.12
CA LEU A 63 -18.73 36.08 -6.23
C LEU A 63 -18.41 37.08 -5.12
N LEU A 64 -18.08 36.60 -3.92
CA LEU A 64 -17.68 37.52 -2.86
C LEU A 64 -16.41 38.27 -3.26
N ASP A 65 -15.45 37.57 -3.87
CA ASP A 65 -14.20 38.21 -4.27
C ASP A 65 -14.41 39.23 -5.39
N SER A 66 -15.18 38.85 -6.42
CA SER A 66 -15.45 39.80 -7.50
C SER A 66 -16.20 41.02 -7.00
N SER A 67 -17.27 40.81 -6.23
CA SER A 67 -18.08 41.92 -5.76
C SER A 67 -17.30 42.83 -4.83
N TYR A 68 -16.38 42.27 -4.03
CA TYR A 68 -15.59 43.12 -3.15
C TYR A 68 -14.64 44.01 -3.96
N LYS A 69 -14.03 43.47 -5.00
CA LYS A 69 -13.11 44.26 -5.82
C LYS A 69 -13.84 45.42 -6.49
N TYR A 70 -15.06 45.16 -6.97
CA TYR A 70 -15.88 46.23 -7.52
C TYR A 70 -16.19 47.28 -6.46
N HIS A 71 -16.61 46.82 -5.28
CA HIS A 71 -16.98 47.73 -4.20
C HIS A 71 -15.80 48.60 -3.78
N GLU A 72 -14.60 48.01 -3.65
CA GLU A 72 -13.45 48.80 -3.25
C GLU A 72 -13.10 49.83 -4.32
N ALA A 73 -13.17 49.45 -5.59
CA ALA A 73 -12.90 50.40 -6.66
C ALA A 73 -13.88 51.56 -6.65
N LYS A 74 -15.14 51.28 -6.28
CA LYS A 74 -16.17 52.31 -6.31
C LYS A 74 -16.12 53.23 -5.09
N GLU A 75 -15.73 52.70 -3.93
CA GLU A 75 -15.93 53.39 -2.66
C GLU A 75 -14.65 53.63 -1.86
N ALA A 76 -13.52 53.03 -2.24
CA ALA A 76 -12.35 53.08 -1.37
C ALA A 76 -11.06 53.19 -2.17
N PHE A 77 -11.10 53.84 -3.33
CA PHE A 77 -9.93 54.07 -4.17
C PHE A 77 -9.37 55.47 -4.03
N LYS A 78 -10.23 56.47 -3.79
CA LYS A 78 -9.79 57.86 -3.81
C LYS A 78 -8.71 58.13 -2.75
N VAL A 79 -8.79 57.48 -1.59
CA VAL A 79 -7.82 57.74 -0.53
C VAL A 79 -6.42 57.35 -0.96
N HIS A 80 -6.29 56.40 -1.88
CA HIS A 80 -4.99 56.00 -2.42
C HIS A 80 -4.50 56.93 -3.51
N GLY A 81 -5.30 57.91 -3.91
CA GLY A 81 -5.01 58.70 -5.08
C GLY A 81 -5.48 58.10 -6.38
N ILE A 82 -6.24 57.02 -6.34
CA ILE A 82 -6.66 56.32 -7.55
C ILE A 82 -8.00 56.89 -7.98
N GLU A 83 -8.06 57.37 -9.22
CA GLU A 83 -9.29 57.89 -9.81
C GLU A 83 -9.73 56.89 -10.87
N ALA A 84 -10.95 56.39 -10.74
CA ALA A 84 -11.53 55.44 -11.69
C ALA A 84 -12.75 56.11 -12.32
N LYS A 85 -12.63 56.45 -13.60
CA LYS A 85 -13.72 57.07 -14.36
C LYS A 85 -14.75 56.02 -14.72
N GLY A 86 -15.84 55.97 -13.97
CA GLY A 86 -17.01 55.19 -14.35
C GLY A 86 -16.75 53.70 -14.34
N VAL A 87 -16.72 53.13 -13.14
CA VAL A 87 -16.52 51.69 -12.96
C VAL A 87 -17.88 51.02 -13.01
N THR A 88 -17.96 49.93 -13.77
CA THR A 88 -19.19 49.17 -13.94
C THR A 88 -18.92 47.69 -13.73
N ILE A 89 -20.00 46.94 -13.53
CA ILE A 89 -19.92 45.50 -13.32
C ILE A 89 -20.86 44.83 -14.31
N ASP A 90 -20.32 43.85 -15.05
CA ASP A 90 -21.09 43.03 -15.98
C ASP A 90 -21.43 41.74 -15.23
N VAL A 91 -22.68 41.64 -14.73
CA VAL A 91 -23.05 40.48 -13.92
C VAL A 91 -22.93 39.18 -14.69
N PRO A 92 -23.40 39.07 -15.94
CA PRO A 92 -23.19 37.81 -16.67
C PRO A 92 -21.73 37.38 -16.72
N ALA A 93 -20.81 38.32 -16.94
CA ALA A 93 -19.40 37.95 -16.97
C ALA A 93 -18.91 37.53 -15.60
N MET A 94 -19.35 38.21 -14.54
CA MET A 94 -18.96 37.83 -13.19
C MET A 94 -19.41 36.40 -12.87
N VAL A 95 -20.66 36.08 -13.22
CA VAL A 95 -21.18 34.75 -12.94
C VAL A 95 -20.49 33.72 -13.82
N ALA A 96 -20.10 34.10 -15.04
CA ALA A 96 -19.44 33.16 -15.94
C ALA A 96 -18.06 32.77 -15.42
N ARG A 97 -17.30 33.72 -14.87
CA ARG A 97 -16.02 33.35 -14.27
C ARG A 97 -16.22 32.33 -13.16
N LYS A 98 -17.22 32.57 -12.30
CA LYS A 98 -17.56 31.62 -11.25
C LYS A 98 -17.89 30.25 -11.83
N ALA A 99 -18.73 30.22 -12.87
CA ALA A 99 -19.11 28.95 -13.48
C ALA A 99 -17.90 28.23 -14.07
N ASN A 100 -16.96 29.00 -14.65
CA ASN A 100 -15.78 28.37 -15.23
C ASN A 100 -14.90 27.76 -14.16
N ILE A 101 -14.77 28.43 -13.02
CA ILE A 101 -14.00 27.88 -11.91
C ILE A 101 -14.64 26.60 -11.39
N VAL A 102 -15.96 26.60 -11.23
CA VAL A 102 -16.67 25.39 -10.82
C VAL A 102 -16.39 24.25 -11.78
N LYS A 103 -16.50 24.53 -13.08
CA LYS A 103 -16.24 23.50 -14.10
C LYS A 103 -14.84 22.91 -13.94
N ASN A 104 -13.84 23.77 -13.77
CA ASN A 104 -12.46 23.31 -13.66
C ASN A 104 -12.26 22.46 -12.41
N LEU A 105 -12.79 22.90 -11.27
CA LEU A 105 -12.54 22.20 -10.01
C LEU A 105 -13.28 20.85 -9.95
N THR A 106 -14.52 20.79 -10.43
CA THR A 106 -15.24 19.53 -10.42
C THR A 106 -14.55 18.52 -11.34
N GLY A 107 -14.08 18.97 -12.51
CA GLY A 107 -13.28 18.10 -13.36
C GLY A 107 -12.01 17.66 -12.68
N GLY A 108 -11.42 18.52 -11.86
CA GLY A 108 -10.22 18.15 -11.14
C GLY A 108 -10.41 17.01 -10.16
N ILE A 109 -11.61 16.90 -9.56
CA ILE A 109 -11.88 15.78 -8.67
C ILE A 109 -11.85 14.47 -9.45
N ALA A 110 -12.46 14.46 -10.63
CA ALA A 110 -12.44 13.24 -11.44
C ALA A 110 -11.00 12.86 -11.80
N THR A 111 -10.16 13.87 -12.07
CA THR A 111 -8.75 13.60 -12.34
C THR A 111 -8.07 12.99 -11.11
N LEU A 112 -8.38 13.48 -9.92
CA LEU A 112 -7.80 12.91 -8.70
C LEU A 112 -8.27 11.48 -8.51
N PHE A 113 -9.56 11.21 -8.77
CA PHE A 113 -10.07 9.84 -8.69
C PHE A 113 -9.29 8.92 -9.60
N LYS A 114 -9.03 9.36 -10.83
CA LYS A 114 -8.30 8.52 -11.78
C LYS A 114 -6.86 8.30 -11.31
N ALA A 115 -6.21 9.35 -10.81
CA ALA A 115 -4.83 9.22 -10.36
C ALA A 115 -4.71 8.28 -9.17
N ASN A 116 -5.73 8.22 -8.32
CA ASN A 116 -5.70 7.40 -7.11
C ASN A 116 -6.37 6.05 -7.30
N GLY A 117 -6.96 5.78 -8.46
CA GLY A 117 -7.58 4.51 -8.71
C GLY A 117 -8.97 4.34 -8.14
N VAL A 118 -9.67 5.44 -7.86
CA VAL A 118 -11.05 5.36 -7.40
C VAL A 118 -11.95 5.05 -8.59
N THR A 119 -12.82 4.06 -8.44
CA THR A 119 -13.80 3.71 -9.46
C THR A 119 -15.05 4.54 -9.25
N SER A 120 -15.46 5.26 -10.30
CA SER A 120 -16.64 6.11 -10.24
C SER A 120 -17.85 5.40 -10.82
N PHE A 121 -18.98 5.52 -10.13
CA PHE A 121 -20.28 5.08 -10.63
C PHE A 121 -21.20 6.28 -10.71
N GLU A 122 -21.94 6.38 -11.82
CA GLU A 122 -22.85 7.49 -12.03
C GLU A 122 -24.28 7.01 -11.78
N GLY A 123 -24.93 7.59 -10.79
CA GLY A 123 -26.31 7.27 -10.50
C GLY A 123 -26.61 7.38 -9.01
N HIS A 124 -27.77 6.84 -8.65
CA HIS A 124 -28.28 6.92 -7.29
C HIS A 124 -27.88 5.64 -6.55
N GLY A 125 -27.22 5.81 -5.42
CA GLY A 125 -26.84 4.69 -4.57
C GLY A 125 -27.84 4.51 -3.43
N LYS A 126 -28.16 3.25 -3.16
CA LYS A 126 -29.07 2.89 -2.09
C LYS A 126 -28.49 1.73 -1.31
N LEU A 127 -28.41 1.87 0.02
CA LEU A 127 -27.87 0.80 0.84
C LEU A 127 -28.95 -0.27 1.05
N LEU A 128 -28.64 -1.49 0.65
CA LEU A 128 -29.50 -2.64 0.88
C LEU A 128 -29.01 -3.39 2.11
N ALA A 129 -29.69 -4.50 2.42
CA ALA A 129 -29.26 -5.37 3.50
C ALA A 129 -27.87 -5.95 3.17
N ASN A 130 -27.13 -6.28 4.22
CA ASN A 130 -25.87 -7.01 4.10
C ASN A 130 -24.82 -6.20 3.34
N LYS A 131 -24.84 -4.88 3.51
CA LYS A 131 -23.80 -3.99 2.98
C LYS A 131 -23.67 -4.07 1.46
N GLN A 132 -24.74 -4.47 0.78
CA GLN A 132 -24.81 -4.35 -0.67
C GLN A 132 -25.36 -2.98 -1.03
N VAL A 133 -24.83 -2.41 -2.11
CA VAL A 133 -25.21 -1.07 -2.55
C VAL A 133 -25.78 -1.17 -3.96
N GLU A 134 -27.04 -0.78 -4.11
CA GLU A 134 -27.69 -0.74 -5.41
C GLU A 134 -27.46 0.61 -6.05
N VAL A 135 -26.93 0.60 -7.28
CA VAL A 135 -26.70 1.81 -8.06
C VAL A 135 -27.71 1.82 -9.20
N THR A 136 -28.57 2.84 -9.21
CA THR A 136 -29.53 3.04 -10.30
C THR A 136 -28.92 4.05 -11.26
N GLY A 137 -28.58 3.57 -12.46
CA GLY A 137 -27.98 4.43 -13.46
C GLY A 137 -28.95 5.44 -14.01
N LEU A 138 -28.42 6.37 -14.80
CA LEU A 138 -29.26 7.38 -15.42
C LEU A 138 -30.24 6.77 -16.42
N ASP A 139 -29.98 5.56 -16.91
CA ASP A 139 -30.90 4.84 -17.78
C ASP A 139 -31.89 3.97 -17.02
N GLY A 140 -31.93 4.06 -15.68
CA GLY A 140 -32.88 3.32 -14.88
C GLY A 140 -32.49 1.89 -14.57
N LYS A 141 -31.43 1.37 -15.19
CA LYS A 141 -30.94 0.03 -14.89
C LYS A 141 -30.14 0.06 -13.60
N THR A 142 -30.17 -1.06 -12.87
CA THR A 142 -29.52 -1.16 -11.57
C THR A 142 -28.30 -2.07 -11.66
N GLN A 143 -27.36 -1.83 -10.76
CA GLN A 143 -26.23 -2.71 -10.54
C GLN A 143 -26.00 -2.79 -9.05
N VAL A 144 -25.63 -3.97 -8.57
CA VAL A 144 -25.46 -4.22 -7.14
C VAL A 144 -23.99 -4.43 -6.85
N LEU A 145 -23.46 -3.63 -5.94
CA LEU A 145 -22.08 -3.73 -5.48
C LEU A 145 -22.02 -4.40 -4.11
N GLU A 146 -21.05 -5.31 -3.96
CA GLU A 146 -20.76 -5.94 -2.67
C GLU A 146 -19.65 -5.15 -1.97
N ALA A 147 -19.95 -4.62 -0.79
CA ALA A 147 -19.02 -3.76 -0.07
C ALA A 147 -18.59 -4.40 1.25
N GLU A 148 -17.28 -4.38 1.54
CA GLU A 148 -16.83 -4.68 2.89
C GLU A 148 -17.15 -3.55 3.85
N ASN A 149 -17.10 -2.32 3.37
CA ASN A 149 -17.45 -1.14 4.17
C ASN A 149 -18.19 -0.18 3.26
N VAL A 150 -19.18 0.50 3.84
CA VAL A 150 -19.95 1.52 3.14
C VAL A 150 -19.79 2.83 3.89
N ILE A 151 -19.51 3.90 3.16
CA ILE A 151 -19.43 5.24 3.73
C ILE A 151 -20.55 6.05 3.11
N ILE A 152 -21.51 6.46 3.93
CA ILE A 152 -22.65 7.24 3.48
C ILE A 152 -22.29 8.72 3.62
N ALA A 153 -22.33 9.46 2.53
CA ALA A 153 -21.95 10.86 2.51
C ALA A 153 -22.90 11.65 1.62
N SER A 154 -24.19 11.52 1.88
CA SER A 154 -25.25 12.02 1.00
C SER A 154 -25.58 13.49 1.20
N GLY A 155 -25.01 14.15 2.22
CA GLY A 155 -25.07 15.59 2.30
C GLY A 155 -26.42 16.13 2.77
N SER A 156 -26.73 17.35 2.32
CA SER A 156 -27.89 18.09 2.80
C SER A 156 -28.51 18.86 1.65
N ARG A 157 -29.60 19.55 1.95
CA ARG A 157 -30.29 20.41 0.99
C ARG A 157 -30.90 21.57 1.76
N PRO A 158 -31.26 22.66 1.07
CA PRO A 158 -31.83 23.80 1.78
C PRO A 158 -33.17 23.46 2.44
N VAL A 159 -33.38 24.05 3.62
CA VAL A 159 -34.68 24.01 4.27
C VAL A 159 -35.68 24.84 3.47
N GLU A 160 -36.91 24.37 3.40
CA GLU A 160 -38.01 25.04 2.74
C GLU A 160 -38.98 25.59 3.78
N ILE A 161 -39.64 26.71 3.46
CA ILE A 161 -40.62 27.27 4.39
C ILE A 161 -41.93 27.54 3.66
N PRO A 162 -43.08 27.29 4.30
CA PRO A 162 -44.37 27.40 3.61
C PRO A 162 -44.61 28.78 3.00
N PRO A 163 -44.23 29.86 3.69
CA PRO A 163 -44.52 31.20 3.13
C PRO A 163 -43.77 31.53 1.85
N ALA A 164 -42.67 30.84 1.55
CA ALA A 164 -41.79 31.24 0.45
C ALA A 164 -41.24 30.02 -0.27
N PRO A 165 -42.10 29.29 -0.96
CA PRO A 165 -41.60 28.20 -1.81
C PRO A 165 -40.86 28.76 -3.00
N LEU A 166 -39.86 28.02 -3.46
CA LEU A 166 -39.11 28.44 -4.63
C LEU A 166 -40.05 28.65 -5.79
N THR A 167 -39.89 29.76 -6.51
CA THR A 167 -40.84 30.18 -7.53
C THR A 167 -40.07 30.80 -8.69
N ASP A 168 -40.18 30.18 -9.86
CA ASP A 168 -39.57 30.73 -11.07
C ASP A 168 -38.16 31.18 -10.80
N ASP A 169 -37.88 32.45 -11.11
CA ASP A 169 -36.61 33.06 -10.79
C ASP A 169 -36.73 34.17 -9.76
N ILE A 170 -37.86 34.24 -9.06
CA ILE A 170 -38.13 35.34 -8.14
C ILE A 170 -37.85 34.94 -6.69
N ILE A 171 -38.28 33.75 -6.28
CA ILE A 171 -37.95 33.21 -4.96
C ILE A 171 -36.96 32.07 -5.17
N VAL A 172 -35.75 32.24 -4.64
CA VAL A 172 -34.68 31.28 -4.85
C VAL A 172 -34.08 30.89 -3.51
N ASP A 173 -33.32 29.81 -3.53
CA ASP A 173 -32.46 29.47 -2.41
C ASP A 173 -31.03 29.84 -2.81
N SER A 174 -30.05 29.35 -2.05
CA SER A 174 -28.66 29.76 -2.30
C SER A 174 -28.21 29.41 -3.71
N THR A 175 -28.73 28.32 -4.28
CA THR A 175 -28.30 27.94 -5.63
C THR A 175 -28.69 29.01 -6.65
N GLY A 176 -29.96 29.43 -6.64
CA GLY A 176 -30.38 30.49 -7.55
C GLY A 176 -29.72 31.83 -7.26
N ALA A 177 -29.41 32.11 -6.00
CA ALA A 177 -28.80 33.38 -5.63
C ALA A 177 -27.40 33.53 -6.21
N LEU A 178 -26.78 32.43 -6.61
CA LEU A 178 -25.48 32.44 -7.26
C LEU A 178 -25.57 32.54 -8.77
N GLU A 179 -26.78 32.71 -9.31
CA GLU A 179 -27.03 32.66 -10.74
C GLU A 179 -27.76 33.87 -11.28
N PHE A 180 -28.06 34.88 -10.47
CA PHE A 180 -28.70 36.09 -10.98
C PHE A 180 -27.89 36.62 -12.16
N GLN A 181 -28.58 37.03 -13.21
CA GLN A 181 -27.92 37.60 -14.38
C GLN A 181 -27.94 39.11 -14.40
N ALA A 182 -28.53 39.73 -13.38
CA ALA A 182 -28.54 41.17 -13.21
C ALA A 182 -28.66 41.44 -11.71
N VAL A 183 -28.17 42.59 -11.29
CA VAL A 183 -28.25 42.95 -9.87
C VAL A 183 -29.71 43.16 -9.54
N PRO A 184 -30.28 42.43 -8.57
CA PRO A 184 -31.67 42.74 -8.17
C PRO A 184 -31.72 44.12 -7.52
N LYS A 185 -32.71 44.91 -7.93
CA LYS A 185 -32.79 46.28 -7.43
C LYS A 185 -33.12 46.30 -5.94
N LYS A 186 -34.11 45.51 -5.53
CA LYS A 186 -34.46 45.33 -4.14
C LYS A 186 -34.41 43.84 -3.85
N LEU A 187 -33.59 43.45 -2.87
CA LEU A 187 -33.33 42.05 -2.58
C LEU A 187 -33.76 41.74 -1.15
N GLY A 188 -34.60 40.74 -1.00
CA GLY A 188 -35.00 40.25 0.31
C GLY A 188 -34.24 38.96 0.61
N VAL A 189 -33.88 38.79 1.88
CA VAL A 189 -33.24 37.58 2.35
C VAL A 189 -33.97 37.15 3.61
N ILE A 190 -34.41 35.90 3.64
CA ILE A 190 -35.00 35.31 4.85
C ILE A 190 -33.89 34.50 5.51
N GLY A 191 -33.48 34.93 6.70
CA GLY A 191 -32.44 34.28 7.45
C GLY A 191 -31.16 35.10 7.45
N ALA A 192 -30.74 35.56 8.63
CA ALA A 192 -29.48 36.28 8.78
C ALA A 192 -28.38 35.36 9.31
N GLY A 193 -28.35 34.13 8.81
CA GLY A 193 -27.24 33.23 9.04
C GLY A 193 -26.15 33.46 8.02
N VAL A 194 -25.23 32.51 7.94
CA VAL A 194 -24.02 32.72 7.16
C VAL A 194 -24.35 32.87 5.67
N ILE A 195 -25.27 32.07 5.14
CA ILE A 195 -25.63 32.21 3.72
C ILE A 195 -26.28 33.56 3.47
N GLY A 196 -27.26 33.93 4.31
CA GLY A 196 -27.93 35.20 4.11
C GLY A 196 -26.98 36.39 4.13
N LEU A 197 -26.02 36.37 5.06
CA LEU A 197 -25.09 37.49 5.17
C LEU A 197 -24.10 37.51 4.01
N GLU A 198 -23.60 36.34 3.60
CA GLU A 198 -22.64 36.29 2.50
C GLU A 198 -23.30 36.67 1.17
N LEU A 199 -24.42 36.04 0.85
CA LEU A 199 -25.05 36.32 -0.44
C LEU A 199 -25.72 37.69 -0.45
N GLY A 200 -26.27 38.12 0.67
CA GLY A 200 -26.71 39.50 0.78
C GLY A 200 -25.58 40.48 0.51
N SER A 201 -24.38 40.17 1.02
CA SER A 201 -23.23 41.04 0.80
C SER A 201 -22.86 41.12 -0.68
N VAL A 202 -22.84 39.98 -1.37
CA VAL A 202 -22.49 39.98 -2.79
C VAL A 202 -23.31 41.02 -3.53
N TRP A 203 -24.62 40.93 -3.40
CA TRP A 203 -25.50 41.75 -4.24
C TRP A 203 -25.63 43.17 -3.72
N ALA A 204 -25.54 43.39 -2.41
CA ALA A 204 -25.49 44.76 -1.90
C ALA A 204 -24.29 45.52 -2.46
N ARG A 205 -23.14 44.86 -2.57
CA ARG A 205 -21.94 45.52 -3.07
C ARG A 205 -22.13 45.99 -4.51
N LEU A 206 -22.95 45.30 -5.27
CA LEU A 206 -23.20 45.63 -6.67
C LEU A 206 -24.38 46.57 -6.84
N GLY A 207 -24.99 47.03 -5.75
CA GLY A 207 -26.01 48.07 -5.80
C GLY A 207 -27.38 47.63 -5.32
N ALA A 208 -27.61 46.38 -4.96
CA ALA A 208 -28.91 45.96 -4.49
C ALA A 208 -29.20 46.59 -3.13
N GLU A 209 -30.46 46.97 -2.92
CA GLU A 209 -30.93 47.40 -1.61
C GLU A 209 -31.48 46.17 -0.91
N VAL A 210 -30.78 45.74 0.14
CA VAL A 210 -30.97 44.41 0.75
C VAL A 210 -31.62 44.54 2.12
N THR A 211 -32.66 43.75 2.34
CA THR A 211 -33.27 43.58 3.66
C THR A 211 -33.15 42.11 4.05
N VAL A 212 -32.68 41.86 5.27
CA VAL A 212 -32.51 40.51 5.79
C VAL A 212 -33.46 40.35 6.97
N LEU A 213 -34.38 39.38 6.87
CA LEU A 213 -35.38 39.13 7.89
C LEU A 213 -34.97 37.89 8.68
N GLU A 214 -34.69 38.09 9.98
CA GLU A 214 -34.18 37.05 10.85
C GLU A 214 -35.17 36.79 11.98
N ALA A 215 -35.54 35.52 12.16
CA ALA A 215 -36.56 35.17 13.14
C ALA A 215 -36.09 35.38 14.58
N LEU A 216 -34.83 35.11 14.86
CA LEU A 216 -34.32 35.20 16.23
C LEU A 216 -34.06 36.65 16.63
N ASP A 217 -34.13 36.91 17.94
CA ASP A 217 -33.79 38.23 18.47
C ASP A 217 -32.29 38.46 18.53
N LYS A 218 -31.51 37.39 18.60
CA LYS A 218 -30.07 37.47 18.78
C LYS A 218 -29.36 37.25 17.45
N PHE A 219 -28.45 38.16 17.13
CA PHE A 219 -27.67 38.06 15.89
C PHE A 219 -26.45 37.16 16.10
N LEU A 220 -26.20 36.27 15.13
CA LEU A 220 -25.09 35.32 15.14
C LEU A 220 -24.87 34.72 16.53
N PRO A 221 -25.85 33.99 17.07
CA PRO A 221 -25.73 33.49 18.45
C PRO A 221 -24.56 32.56 18.69
N ALA A 222 -24.05 31.86 17.67
CA ALA A 222 -22.89 30.99 17.89
C ALA A 222 -21.59 31.78 18.01
N ALA A 223 -21.56 33.01 17.52
CA ALA A 223 -20.35 33.82 17.60
C ALA A 223 -20.22 34.46 18.99
N ASP A 224 -19.00 34.87 19.31
CA ASP A 224 -18.77 35.65 20.52
C ASP A 224 -19.60 36.92 20.46
N GLU A 225 -20.24 37.26 21.58
CA GLU A 225 -21.19 38.38 21.59
C GLU A 225 -20.54 39.69 21.17
N GLN A 226 -19.30 39.93 21.62
CA GLN A 226 -18.61 41.15 21.24
C GLN A 226 -18.36 41.18 19.73
N ILE A 227 -17.95 40.04 19.16
CA ILE A 227 -17.76 39.94 17.72
C ILE A 227 -19.08 40.18 16.99
N ALA A 228 -20.15 39.54 17.47
CA ALA A 228 -21.43 39.65 16.79
C ALA A 228 -21.97 41.08 16.81
N LYS A 229 -21.79 41.78 17.93
CA LYS A 229 -22.23 43.16 18.04
C LYS A 229 -21.51 44.03 17.03
N GLU A 230 -20.19 43.87 16.91
CA GLU A 230 -19.45 44.64 15.92
C GLU A 230 -19.87 44.27 14.50
N ALA A 231 -20.12 42.99 14.26
CA ALA A 231 -20.55 42.56 12.93
C ALA A 231 -21.88 43.19 12.55
N LEU A 232 -22.84 43.22 13.48
CA LEU A 232 -24.15 43.79 13.17
C LEU A 232 -24.02 45.27 12.81
N LYS A 233 -23.21 46.01 13.58
CA LYS A 233 -23.02 47.43 13.31
C LYS A 233 -22.41 47.65 11.94
N VAL A 234 -21.35 46.91 11.62
CA VAL A 234 -20.61 47.14 10.38
C VAL A 234 -21.44 46.70 9.18
N LEU A 235 -22.08 45.52 9.27
CA LEU A 235 -22.87 45.05 8.15
C LEU A 235 -24.08 45.92 7.90
N THR A 236 -24.68 46.47 8.95
CA THR A 236 -25.78 47.40 8.77
C THR A 236 -25.31 48.66 8.06
N LYS A 237 -24.12 49.15 8.42
CA LYS A 237 -23.54 50.31 7.76
C LYS A 237 -23.25 50.04 6.29
N GLN A 238 -22.89 48.80 5.94
CA GLN A 238 -22.63 48.43 4.55
C GLN A 238 -23.90 48.28 3.72
N GLY A 239 -25.08 48.42 4.31
CA GLY A 239 -26.32 48.38 3.57
C GLY A 239 -27.13 47.12 3.76
N LEU A 240 -26.72 46.22 4.65
CA LEU A 240 -27.57 45.07 4.97
C LEU A 240 -28.55 45.52 6.05
N ASN A 241 -29.80 45.71 5.67
CA ASN A 241 -30.84 46.12 6.60
C ASN A 241 -31.32 44.88 7.33
N ILE A 242 -30.63 44.53 8.41
CA ILE A 242 -30.89 43.31 9.15
C ILE A 242 -31.97 43.59 10.18
N ARG A 243 -33.10 42.90 10.05
CA ARG A 243 -34.25 43.04 10.93
C ARG A 243 -34.34 41.80 11.80
N LEU A 244 -34.07 41.95 13.09
CA LEU A 244 -34.12 40.83 14.02
C LEU A 244 -35.53 40.67 14.60
N GLY A 245 -35.81 39.46 15.07
CA GLY A 245 -37.13 39.18 15.62
C GLY A 245 -38.26 39.32 14.61
N ALA A 246 -38.01 38.95 13.36
CA ALA A 246 -38.98 39.08 12.27
C ALA A 246 -39.51 37.70 11.90
N ARG A 247 -40.81 37.50 12.08
CA ARG A 247 -41.47 36.24 11.81
C ARG A 247 -42.20 36.35 10.48
N VAL A 248 -41.63 35.75 9.43
CA VAL A 248 -42.25 35.77 8.11
C VAL A 248 -43.44 34.82 8.10
N THR A 249 -44.59 35.32 7.66
CA THR A 249 -45.83 34.56 7.70
C THR A 249 -46.45 34.32 6.33
N ALA A 250 -46.07 35.08 5.31
CA ALA A 250 -46.69 34.92 3.99
C ALA A 250 -45.86 35.66 2.95
N SER A 251 -46.06 35.29 1.69
CA SER A 251 -45.51 36.04 0.58
C SER A 251 -46.50 35.99 -0.58
N GLU A 252 -46.31 36.89 -1.54
CA GLU A 252 -47.15 36.94 -2.72
C GLU A 252 -46.31 37.46 -3.87
N VAL A 253 -46.37 36.77 -5.02
CA VAL A 253 -45.68 37.22 -6.23
C VAL A 253 -46.72 37.84 -7.15
N LYS A 254 -46.44 39.03 -7.63
CA LYS A 254 -47.33 39.74 -8.54
C LYS A 254 -46.53 40.87 -9.17
N LYS A 255 -46.69 41.05 -10.48
CA LYS A 255 -46.01 42.11 -11.20
C LYS A 255 -44.50 41.95 -11.08
N LYS A 256 -44.04 40.70 -11.14
CA LYS A 256 -42.61 40.35 -11.12
C LYS A 256 -41.93 40.87 -9.86
N GLN A 257 -42.68 40.96 -8.77
CA GLN A 257 -42.12 41.31 -7.48
C GLN A 257 -42.74 40.38 -6.44
N VAL A 258 -42.11 40.33 -5.27
CA VAL A 258 -42.58 39.48 -4.19
C VAL A 258 -42.73 40.34 -2.95
N THR A 259 -43.92 40.32 -2.36
CA THR A 259 -44.21 41.03 -1.13
C THR A 259 -44.22 40.03 0.01
N VAL A 260 -43.42 40.30 1.03
CA VAL A 260 -43.30 39.43 2.19
C VAL A 260 -44.03 40.08 3.35
N THR A 261 -44.85 39.29 4.04
CA THR A 261 -45.51 39.73 5.26
C THR A 261 -44.78 39.11 6.45
N PHE A 262 -44.48 39.94 7.45
CA PHE A 262 -43.79 39.45 8.64
C PHE A 262 -44.24 40.26 9.85
N THR A 263 -44.09 39.67 11.02
CA THR A 263 -44.42 40.31 12.29
C THR A 263 -43.14 40.56 13.07
N ASP A 264 -42.98 41.78 13.56
CA ASP A 264 -41.85 42.12 14.41
C ASP A 264 -42.41 42.77 15.68
N ALA A 265 -41.54 43.46 16.41
CA ALA A 265 -41.96 44.05 17.68
C ALA A 265 -43.11 45.03 17.51
N ASN A 266 -43.22 45.66 16.34
CA ASN A 266 -44.22 46.69 16.10
C ASN A 266 -45.45 46.18 15.33
N GLY A 267 -45.62 44.88 15.22
CA GLY A 267 -46.80 44.32 14.58
C GLY A 267 -46.52 43.83 13.16
N GLU A 268 -47.60 43.75 12.38
CA GLU A 268 -47.51 43.22 11.03
C GLU A 268 -46.83 44.22 10.10
N GLN A 269 -45.92 43.71 9.28
CA GLN A 269 -45.16 44.53 8.35
C GLN A 269 -45.23 43.88 6.97
N LYS A 270 -45.01 44.68 5.95
CA LYS A 270 -44.91 44.19 4.58
C LYS A 270 -43.73 44.88 3.90
N GLU A 271 -43.02 44.13 3.07
CA GLU A 271 -41.93 44.70 2.28
C GLU A 271 -41.87 43.97 0.94
N THR A 272 -41.59 44.72 -0.12
CA THR A 272 -41.61 44.20 -1.48
C THR A 272 -40.20 44.18 -2.07
N PHE A 273 -39.91 43.11 -2.82
CA PHE A 273 -38.60 42.87 -3.38
C PHE A 273 -38.73 42.41 -4.83
N ASP A 274 -37.64 42.57 -5.59
CA ASP A 274 -37.54 42.00 -6.93
C ASP A 274 -37.14 40.54 -6.90
N LYS A 275 -36.35 40.14 -5.90
CA LYS A 275 -35.90 38.78 -5.70
C LYS A 275 -35.89 38.50 -4.21
N LEU A 276 -36.09 37.24 -3.86
CA LEU A 276 -36.14 36.80 -2.47
C LEU A 276 -35.28 35.55 -2.34
N ILE A 277 -34.30 35.59 -1.43
CA ILE A 277 -33.47 34.44 -1.11
C ILE A 277 -33.96 33.82 0.19
N VAL A 278 -34.21 32.50 0.16
CA VAL A 278 -34.61 31.76 1.36
C VAL A 278 -33.37 31.03 1.86
N ALA A 279 -32.85 31.46 3.01
CA ALA A 279 -31.60 30.93 3.58
C ALA A 279 -31.82 30.64 5.06
N VAL A 280 -32.58 29.58 5.34
CA VAL A 280 -33.03 29.30 6.70
C VAL A 280 -32.52 27.94 7.17
N GLY A 281 -31.34 27.55 6.71
CA GLY A 281 -30.69 26.34 7.18
C GLY A 281 -30.71 25.26 6.11
N ARG A 282 -30.07 24.14 6.46
CA ARG A 282 -30.03 22.98 5.59
C ARG A 282 -30.42 21.74 6.38
N ARG A 283 -30.92 20.73 5.67
CA ARG A 283 -31.40 19.52 6.32
C ARG A 283 -30.76 18.32 5.64
N PRO A 284 -30.56 17.23 6.38
CA PRO A 284 -29.88 16.06 5.80
C PRO A 284 -30.71 15.36 4.74
N VAL A 285 -30.00 14.80 3.76
CA VAL A 285 -30.60 14.10 2.62
C VAL A 285 -30.50 12.60 2.84
N THR A 286 -31.65 11.93 2.96
CA THR A 286 -31.73 10.48 3.11
C THR A 286 -32.73 9.86 2.14
N THR A 287 -33.26 10.64 1.20
CA THR A 287 -34.32 10.17 0.30
C THR A 287 -33.85 8.95 -0.49
N ASP A 288 -34.58 7.85 -0.36
CA ASP A 288 -34.33 6.61 -1.10
C ASP A 288 -32.90 6.10 -0.88
N LEU A 289 -32.29 6.47 0.23
CA LEU A 289 -30.91 6.11 0.53
C LEU A 289 -30.78 4.75 1.22
N LEU A 290 -31.78 4.36 2.00
CA LEU A 290 -31.68 3.22 2.90
C LEU A 290 -32.85 2.27 2.63
N ALA A 291 -32.53 1.02 2.29
CA ALA A 291 -33.56 0.00 2.23
C ALA A 291 -34.20 -0.18 3.61
N ALA A 292 -35.45 -0.65 3.62
CA ALA A 292 -36.17 -0.79 4.88
C ALA A 292 -35.46 -1.75 5.84
N ASP A 293 -34.72 -2.73 5.31
CA ASP A 293 -34.01 -3.69 6.15
C ASP A 293 -32.50 -3.45 6.17
N SER A 294 -32.08 -2.21 5.92
CA SER A 294 -30.66 -1.92 5.88
C SER A 294 -30.02 -1.99 7.27
N GLY A 295 -30.81 -1.74 8.32
CA GLY A 295 -30.30 -1.71 9.67
C GLY A 295 -29.83 -0.35 10.15
N VAL A 296 -29.70 0.63 9.26
CA VAL A 296 -29.24 1.96 9.65
C VAL A 296 -30.41 2.76 10.18
N THR A 297 -30.21 3.43 11.32
CA THR A 297 -31.26 4.17 12.00
C THR A 297 -31.03 5.66 11.86
N LEU A 298 -32.13 6.42 11.91
CA LEU A 298 -32.10 7.87 11.87
C LEU A 298 -32.50 8.43 13.24
N ASP A 299 -32.02 9.63 13.55
CA ASP A 299 -32.41 10.29 14.78
C ASP A 299 -33.67 11.12 14.56
N GLU A 300 -34.10 11.84 15.60
CA GLU A 300 -35.36 12.55 15.55
C GLU A 300 -35.38 13.62 14.47
N ARG A 301 -34.21 14.18 14.14
CA ARG A 301 -34.13 15.27 13.18
C ARG A 301 -33.83 14.79 11.76
N GLY A 302 -33.78 13.48 11.54
CA GLY A 302 -33.54 12.95 10.21
C GLY A 302 -32.09 12.70 9.87
N PHE A 303 -31.16 12.93 10.79
CA PHE A 303 -29.77 12.61 10.56
C PHE A 303 -29.54 11.12 10.78
N ILE A 304 -28.53 10.57 10.10
CA ILE A 304 -28.14 9.20 10.35
C ILE A 304 -27.42 9.15 11.69
N TYR A 305 -27.82 8.20 12.53
CA TYR A 305 -27.25 8.08 13.87
C TYR A 305 -25.87 7.43 13.79
N VAL A 306 -24.86 8.12 14.33
CA VAL A 306 -23.49 7.61 14.37
C VAL A 306 -22.87 7.95 15.72
N ASP A 307 -21.80 7.23 16.04
CA ASP A 307 -21.02 7.48 17.25
C ASP A 307 -19.91 8.49 16.94
N ASP A 308 -18.96 8.63 17.87
CA ASP A 308 -17.90 9.64 17.74
C ASP A 308 -16.94 9.32 16.60
N HIS A 309 -16.94 8.08 16.11
CA HIS A 309 -16.12 7.70 14.96
C HIS A 309 -16.93 7.58 13.67
N CYS A 310 -18.15 8.11 13.67
CA CYS A 310 -19.02 8.10 12.48
C CYS A 310 -19.44 6.69 12.07
N LYS A 311 -19.48 5.75 13.02
CA LYS A 311 -19.96 4.40 12.75
C LYS A 311 -21.45 4.34 13.01
N THR A 312 -22.19 3.72 12.09
CA THR A 312 -23.64 3.62 12.25
C THR A 312 -23.97 2.45 13.17
N SER A 313 -25.26 2.14 13.27
CA SER A 313 -25.73 0.98 14.01
C SER A 313 -25.39 -0.34 13.33
N VAL A 314 -24.88 -0.31 12.10
CA VAL A 314 -24.57 -1.51 11.34
C VAL A 314 -23.05 -1.61 11.23
N PRO A 315 -22.42 -2.70 11.67
CA PRO A 315 -20.96 -2.79 11.53
C PRO A 315 -20.54 -2.67 10.07
N GLY A 316 -19.45 -1.96 9.83
CA GLY A 316 -18.94 -1.74 8.50
C GLY A 316 -19.66 -0.67 7.71
N VAL A 317 -20.64 0.01 8.29
CA VAL A 317 -21.37 1.09 7.63
C VAL A 317 -21.15 2.36 8.42
N PHE A 318 -20.65 3.39 7.75
CA PHE A 318 -20.33 4.66 8.36
C PHE A 318 -21.09 5.77 7.64
N ALA A 319 -21.24 6.90 8.33
CA ALA A 319 -21.88 8.06 7.74
C ALA A 319 -21.15 9.32 8.21
N ILE A 320 -20.93 10.25 7.28
CA ILE A 320 -20.08 11.41 7.51
C ILE A 320 -20.72 12.65 6.91
N GLY A 321 -20.22 13.81 7.35
CA GLY A 321 -20.59 15.06 6.74
C GLY A 321 -21.95 15.58 7.18
N ASP A 322 -22.61 16.28 6.25
CA ASP A 322 -23.86 16.98 6.56
C ASP A 322 -24.99 16.03 6.93
N VAL A 323 -24.89 14.74 6.58
CA VAL A 323 -25.98 13.81 6.90
C VAL A 323 -25.91 13.29 8.32
N VAL A 324 -24.88 13.64 9.10
CA VAL A 324 -24.76 13.23 10.49
C VAL A 324 -24.58 14.47 11.37
N ARG A 325 -24.59 14.24 12.68
CA ARG A 325 -24.49 15.32 13.67
C ARG A 325 -23.19 16.11 13.50
N GLY A 326 -23.21 17.32 14.04
CA GLY A 326 -22.05 18.19 14.07
C GLY A 326 -22.18 19.34 13.10
N ALA A 327 -21.17 20.22 13.14
CA ALA A 327 -21.17 21.40 12.29
C ALA A 327 -21.26 21.01 10.82
N MET A 328 -22.21 21.61 10.11
CA MET A 328 -22.43 21.33 8.70
C MET A 328 -21.48 22.18 7.87
N LEU A 329 -20.20 21.77 7.89
CA LEU A 329 -19.12 22.49 7.25
C LEU A 329 -18.29 21.52 6.40
N ALA A 330 -17.66 22.07 5.36
CA ALA A 330 -16.93 21.22 4.41
C ALA A 330 -15.69 20.58 5.03
N HIS A 331 -14.94 21.34 5.84
CA HIS A 331 -13.75 20.76 6.45
C HIS A 331 -14.10 19.77 7.54
N LYS A 332 -15.28 19.91 8.16
CA LYS A 332 -15.77 18.87 9.07
C LYS A 332 -16.05 17.58 8.31
N ALA A 333 -16.76 17.69 7.18
CA ALA A 333 -17.08 16.51 6.37
C ALA A 333 -15.82 15.81 5.88
N SER A 334 -14.85 16.58 5.36
CA SER A 334 -13.65 15.96 4.80
CA SER A 334 -13.65 15.96 4.80
C SER A 334 -12.82 15.28 5.88
N GLU A 335 -12.71 15.90 7.05
CA GLU A 335 -11.92 15.29 8.11
C GLU A 335 -12.57 14.01 8.61
N GLU A 336 -13.91 13.98 8.67
CA GLU A 336 -14.59 12.74 9.01
C GLU A 336 -14.33 11.68 7.95
N GLY A 337 -14.31 12.06 6.68
CA GLY A 337 -13.97 11.11 5.64
C GLY A 337 -12.58 10.52 5.81
N VAL A 338 -11.61 11.37 6.15
CA VAL A 338 -10.25 10.87 6.41
C VAL A 338 -10.26 9.93 7.60
N MET A 339 -10.92 10.32 8.69
CA MET A 339 -10.95 9.47 9.89
C MET A 339 -11.51 8.10 9.56
N VAL A 340 -12.66 8.06 8.87
CA VAL A 340 -13.31 6.79 8.60
C VAL A 340 -12.42 5.92 7.73
N ALA A 341 -11.83 6.49 6.69
CA ALA A 341 -10.95 5.71 5.81
C ALA A 341 -9.77 5.15 6.59
N GLU A 342 -9.14 5.98 7.43
CA GLU A 342 -7.98 5.52 8.18
C GLU A 342 -8.36 4.43 9.19
N ARG A 343 -9.55 4.53 9.79
CA ARG A 343 -9.98 3.51 10.73
C ARG A 343 -10.30 2.20 10.02
N ILE A 344 -10.89 2.28 8.82
CA ILE A 344 -11.10 1.08 8.03
C ILE A 344 -9.76 0.40 7.73
N ALA A 345 -8.71 1.20 7.51
CA ALA A 345 -7.39 0.66 7.24
C ALA A 345 -6.68 0.18 8.49
N GLY A 346 -7.27 0.36 9.68
CA GLY A 346 -6.72 -0.16 10.91
C GLY A 346 -6.04 0.85 11.80
N HIS A 347 -6.03 2.13 11.44
CA HIS A 347 -5.44 3.16 12.27
C HIS A 347 -6.47 3.72 13.23
N LYS A 348 -6.02 4.06 14.44
CA LYS A 348 -6.91 4.63 15.46
C LYS A 348 -7.04 6.13 15.29
N ALA A 349 -7.45 6.55 14.09
CA ALA A 349 -7.62 7.96 13.83
C ALA A 349 -8.80 8.49 14.62
N GLN A 350 -8.64 9.69 15.17
CA GLN A 350 -9.68 10.34 15.95
C GLN A 350 -9.81 11.77 15.46
N MET A 351 -10.94 12.39 15.81
CA MET A 351 -11.19 13.78 15.46
C MET A 351 -11.43 14.59 16.71
N ASN A 352 -10.86 15.79 16.73
CA ASN A 352 -11.06 16.73 17.81
C ASN A 352 -12.16 17.68 17.33
N TYR A 353 -13.39 17.41 17.76
CA TYR A 353 -14.49 18.27 17.35
C TYR A 353 -14.49 19.58 18.11
N ASP A 354 -13.52 19.79 19.00
CA ASP A 354 -13.45 21.00 19.79
C ASP A 354 -12.67 22.12 19.09
N LEU A 355 -11.89 21.81 18.06
CA LEU A 355 -11.06 22.82 17.40
C LEU A 355 -11.40 22.98 15.93
N ILE A 356 -12.66 22.77 15.58
CA ILE A 356 -13.12 23.03 14.21
C ILE A 356 -13.39 24.53 14.07
N PRO A 357 -12.64 25.24 13.22
CA PRO A 357 -12.89 26.68 13.08
C PRO A 357 -14.15 26.98 12.27
N SER A 358 -14.69 28.17 12.51
CA SER A 358 -15.83 28.69 11.77
C SER A 358 -15.40 29.98 11.08
N VAL A 359 -15.87 30.18 9.85
CA VAL A 359 -15.56 31.38 9.09
C VAL A 359 -16.83 31.86 8.40
N ILE A 360 -17.07 33.16 8.46
CA ILE A 360 -18.11 33.83 7.69
C ILE A 360 -17.40 34.80 6.75
N TYR A 361 -17.60 34.60 5.44
CA TYR A 361 -16.78 35.31 4.45
C TYR A 361 -17.40 36.63 4.03
N THR A 362 -17.97 37.35 4.99
CA THR A 362 -18.27 38.75 4.82
C THR A 362 -16.95 39.53 4.70
N HIS A 363 -17.05 40.84 4.44
CA HIS A 363 -15.91 41.74 4.58
C HIS A 363 -16.39 42.90 5.42
N PRO A 364 -15.89 43.07 6.67
CA PRO A 364 -14.84 42.27 7.29
C PRO A 364 -15.21 40.81 7.51
N GLU A 365 -14.21 39.96 7.35
CA GLU A 365 -14.32 38.53 7.60
C GLU A 365 -14.49 38.26 9.09
N ILE A 366 -15.25 37.21 9.40
CA ILE A 366 -15.50 36.80 10.78
C ILE A 366 -15.04 35.35 10.91
N ALA A 367 -14.29 35.05 11.96
CA ALA A 367 -13.82 33.69 12.17
C ALA A 367 -13.57 33.45 13.65
N TRP A 368 -13.71 32.19 14.05
CA TRP A 368 -13.39 31.85 15.43
C TRP A 368 -13.14 30.36 15.58
N VAL A 369 -12.49 30.02 16.69
CA VAL A 369 -12.26 28.64 17.08
C VAL A 369 -12.34 28.57 18.60
N GLY A 370 -12.87 27.48 19.11
CA GLY A 370 -13.04 27.35 20.54
C GLY A 370 -14.29 28.06 21.05
N LYS A 371 -14.25 28.39 22.34
CA LYS A 371 -15.44 28.83 23.06
C LYS A 371 -15.56 30.35 23.13
N THR A 372 -16.80 30.81 23.14
CA THR A 372 -17.15 32.21 23.30
C THR A 372 -17.12 32.64 24.77
N GLU A 373 -17.09 33.95 24.98
CA GLU A 373 -17.13 34.47 26.34
C GLU A 373 -18.45 34.12 27.03
N GLN A 374 -19.56 34.22 26.30
CA GLN A 374 -20.86 33.95 26.93
C GLN A 374 -20.98 32.47 27.29
N THR A 375 -20.43 31.58 26.47
CA THR A 375 -20.47 30.15 26.80
C THR A 375 -19.67 29.88 28.07
N LEU A 376 -18.45 30.42 28.15
CA LEU A 376 -17.61 30.17 29.30
C LEU A 376 -18.22 30.76 30.57
N LYS A 377 -18.88 31.91 30.45
CA LYS A 377 -19.58 32.48 31.61
C LYS A 377 -20.72 31.56 32.05
N ALA A 378 -21.48 31.01 31.09
CA ALA A 378 -22.54 30.08 31.44
C ALA A 378 -21.99 28.83 32.11
N GLU A 379 -20.78 28.41 31.74
CA GLU A 379 -20.16 27.24 32.33
C GLU A 379 -19.47 27.54 33.66
N GLY A 380 -19.40 28.80 34.07
CA GLY A 380 -18.75 29.14 35.31
C GLY A 380 -17.25 29.11 35.26
N VAL A 381 -16.65 29.24 34.08
CA VAL A 381 -15.21 29.19 33.92
C VAL A 381 -14.68 30.62 34.00
N GLU A 382 -13.83 30.88 34.98
CA GLU A 382 -13.19 32.19 35.08
C GLU A 382 -12.13 32.32 34.01
N VAL A 383 -12.13 33.47 33.31
CA VAL A 383 -11.25 33.67 32.16
C VAL A 383 -10.60 35.04 32.22
N ASN A 384 -9.49 35.15 31.51
CA ASN A 384 -8.89 36.43 31.17
C ASN A 384 -9.03 36.64 29.67
N VAL A 385 -9.38 37.86 29.28
CA VAL A 385 -9.65 38.20 27.88
C VAL A 385 -8.68 39.29 27.46
N GLY A 386 -8.12 39.14 26.27
CA GLY A 386 -7.31 40.18 25.66
C GLY A 386 -7.79 40.48 24.27
N THR A 387 -7.85 41.76 23.95
CA THR A 387 -8.29 42.20 22.62
C THR A 387 -7.30 43.22 22.07
N PHE A 388 -7.25 43.28 20.74
CA PHE A 388 -6.44 44.26 20.05
C PHE A 388 -7.22 44.70 18.81
N PRO A 389 -7.41 46.00 18.60
CA PRO A 389 -8.16 46.45 17.43
C PRO A 389 -7.26 46.67 16.22
N PHE A 390 -7.80 46.37 15.04
CA PHE A 390 -7.03 46.59 13.83
C PHE A 390 -6.80 48.07 13.57
N ALA A 391 -7.56 48.95 14.23
CA ALA A 391 -7.30 50.39 14.14
C ALA A 391 -5.92 50.75 14.66
N ALA A 392 -5.30 49.88 15.45
CA ALA A 392 -3.96 50.12 15.98
C ALA A 392 -2.89 49.32 15.26
N SER A 393 -3.23 48.64 14.17
CA SER A 393 -2.31 47.81 13.41
C SER A 393 -1.74 48.63 12.25
N GLY A 394 -0.41 48.77 12.23
CA GLY A 394 0.22 49.47 11.12
C GLY A 394 -0.05 48.81 9.78
N ARG A 395 0.02 47.47 9.74
CA ARG A 395 -0.27 46.77 8.50
C ARG A 395 -1.68 47.07 8.02
N ALA A 396 -2.66 47.05 8.93
CA ALA A 396 -4.05 47.29 8.54
C ALA A 396 -4.24 48.71 8.05
N MET A 397 -3.56 49.67 8.67
CA MET A 397 -3.62 51.05 8.19
C MET A 397 -3.10 51.15 6.77
N ALA A 398 -1.94 50.53 6.50
CA ALA A 398 -1.40 50.52 5.15
C ALA A 398 -2.41 49.93 4.18
N ALA A 399 -3.15 48.91 4.62
CA ALA A 399 -4.15 48.24 3.80
C ALA A 399 -5.43 49.04 3.65
N ASN A 400 -5.58 50.16 4.36
CA ASN A 400 -6.84 50.93 4.39
C ASN A 400 -8.00 50.04 4.85
N ASP A 401 -7.74 49.19 5.85
CA ASP A 401 -8.74 48.21 6.28
C ASP A 401 -8.56 47.97 7.79
N THR A 402 -9.14 48.87 8.58
CA THR A 402 -8.89 48.93 10.02
C THR A 402 -10.10 48.54 10.87
N THR A 403 -11.17 48.05 10.27
CA THR A 403 -12.32 47.62 11.04
C THR A 403 -12.02 46.32 11.77
N GLY A 404 -12.46 46.23 13.02
CA GLY A 404 -12.53 44.96 13.72
C GLY A 404 -11.49 44.81 14.82
N LEU A 405 -11.38 43.57 15.31
CA LEU A 405 -10.51 43.27 16.44
C LEU A 405 -10.19 41.79 16.48
N VAL A 406 -9.16 41.45 17.26
CA VAL A 406 -8.83 40.08 17.63
C VAL A 406 -9.11 39.93 19.12
N LYS A 407 -9.67 38.79 19.50
CA LYS A 407 -9.97 38.49 20.90
C LYS A 407 -9.45 37.11 21.24
N VAL A 408 -8.66 37.04 22.31
CA VAL A 408 -8.13 35.79 22.85
C VAL A 408 -8.70 35.61 24.24
N ILE A 409 -9.23 34.42 24.52
CA ILE A 409 -9.80 34.06 25.81
C ILE A 409 -8.97 32.94 26.41
N ALA A 410 -8.52 33.12 27.66
CA ALA A 410 -7.70 32.13 28.33
C ALA A 410 -8.25 31.80 29.70
N ASP A 411 -8.00 30.56 30.13
CA ASP A 411 -8.37 30.15 31.48
C ASP A 411 -7.60 30.97 32.50
N ALA A 412 -8.32 31.49 33.50
CA ALA A 412 -7.70 32.39 34.48
C ALA A 412 -6.71 31.66 35.38
N LYS A 413 -6.87 30.35 35.56
CA LYS A 413 -5.99 29.59 36.44
C LYS A 413 -4.78 29.01 35.70
N THR A 414 -4.99 28.48 34.49
CA THR A 414 -3.93 27.78 33.77
C THR A 414 -3.34 28.60 32.62
N ASP A 415 -4.00 29.68 32.21
CA ASP A 415 -3.61 30.50 31.07
C ASP A 415 -3.76 29.77 29.75
N ARG A 416 -4.41 28.60 29.72
CA ARG A 416 -4.64 27.90 28.47
C ARG A 416 -5.62 28.68 27.61
N VAL A 417 -5.30 28.82 26.32
CA VAL A 417 -6.18 29.51 25.40
C VAL A 417 -7.41 28.66 25.15
N LEU A 418 -8.59 29.24 25.35
CA LEU A 418 -9.85 28.53 25.22
C LEU A 418 -10.65 28.95 24.00
N GLY A 419 -10.35 30.11 23.43
CA GLY A 419 -11.02 30.56 22.23
C GLY A 419 -10.30 31.71 21.59
N VAL A 420 -10.37 31.78 20.26
CA VAL A 420 -9.81 32.91 19.51
C VAL A 420 -10.89 33.36 18.54
N HIS A 421 -11.17 34.66 18.54
CA HIS A 421 -12.28 35.22 17.78
C HIS A 421 -11.78 36.47 17.08
N VAL A 422 -12.06 36.57 15.78
CA VAL A 422 -11.56 37.69 14.98
C VAL A 422 -12.68 38.19 14.08
N ILE A 423 -12.80 39.50 14.00
CA ILE A 423 -13.53 40.15 12.92
C ILE A 423 -12.59 41.18 12.32
N GLY A 424 -12.30 41.04 11.03
CA GLY A 424 -11.36 41.92 10.38
C GLY A 424 -10.57 41.24 9.29
N PRO A 425 -9.56 41.93 8.77
CA PRO A 425 -8.83 41.39 7.61
C PRO A 425 -8.08 40.12 7.98
N SER A 426 -8.16 39.13 7.09
CA SER A 426 -7.49 37.84 7.24
C SER A 426 -7.93 37.11 8.50
N ALA A 427 -9.17 37.31 8.91
CA ALA A 427 -9.67 36.68 10.13
C ALA A 427 -9.42 35.18 10.13
N ALA A 428 -9.69 34.51 9.00
CA ALA A 428 -9.57 33.06 8.95
C ALA A 428 -8.13 32.61 9.17
N GLU A 429 -7.17 33.33 8.59
CA GLU A 429 -5.76 32.97 8.75
C GLU A 429 -5.28 33.18 10.19
N LEU A 430 -5.74 34.26 10.83
CA LEU A 430 -5.37 34.50 12.22
C LEU A 430 -5.99 33.47 13.15
N VAL A 431 -7.24 33.10 12.90
CA VAL A 431 -7.86 32.06 13.72
C VAL A 431 -7.16 30.73 13.52
N GLN A 432 -6.69 30.45 12.29
CA GLN A 432 -5.97 29.20 12.07
C GLN A 432 -4.65 29.18 12.84
N GLN A 433 -3.98 30.34 12.93
CA GLN A 433 -2.82 30.44 13.82
C GLN A 433 -3.20 30.09 15.24
N GLY A 434 -4.28 30.66 15.74
CA GLY A 434 -4.74 30.33 17.07
C GLY A 434 -5.08 28.86 17.22
N ALA A 435 -5.73 28.28 16.20
CA ALA A 435 -6.12 26.87 16.27
C ALA A 435 -4.91 25.95 16.32
N ILE A 436 -3.87 26.26 15.56
CA ILE A 436 -2.65 25.46 15.61
C ILE A 436 -2.06 25.49 17.01
N GLY A 437 -1.99 26.68 17.61
CA GLY A 437 -1.52 26.78 18.98
C GLY A 437 -2.37 25.97 19.95
N MET A 438 -3.69 26.03 19.81
CA MET A 438 -4.57 25.30 20.71
C MET A 438 -4.43 23.78 20.54
N GLU A 439 -4.11 23.32 19.33
CA GLU A 439 -3.84 21.89 19.15
C GLU A 439 -2.69 21.42 20.02
N PHE A 440 -1.71 22.29 20.26
CA PHE A 440 -0.57 21.98 21.12
C PHE A 440 -0.78 22.44 22.55
N GLY A 441 -2.00 22.89 22.89
CA GLY A 441 -2.29 23.30 24.25
C GLY A 441 -1.67 24.62 24.65
N THR A 442 -1.58 25.56 23.70
CA THR A 442 -0.87 26.81 23.96
C THR A 442 -1.50 27.59 25.10
N SER A 443 -0.65 28.25 25.88
CA SER A 443 -1.10 29.30 26.78
C SER A 443 -1.09 30.63 26.02
N ALA A 444 -1.70 31.65 26.63
CA ALA A 444 -1.62 32.98 26.06
C ALA A 444 -0.18 33.48 26.07
N GLU A 445 0.55 33.21 27.16
CA GLU A 445 1.94 33.63 27.23
C GLU A 445 2.81 32.93 26.20
N ASP A 446 2.52 31.66 25.87
CA ASP A 446 3.23 30.99 24.78
C ASP A 446 3.16 31.79 23.49
N LEU A 447 1.95 32.18 23.09
CA LEU A 447 1.79 32.99 21.89
C LEU A 447 2.51 34.32 22.02
N GLY A 448 2.47 34.91 23.21
CA GLY A 448 3.15 36.18 23.43
C GLY A 448 4.66 36.08 23.27
N MET A 449 5.24 34.93 23.56
CA MET A 449 6.68 34.77 23.52
C MET A 449 7.25 34.53 22.13
N MET A 450 6.40 34.33 21.13
CA MET A 450 6.84 34.03 19.78
C MET A 450 7.14 35.29 18.98
N VAL A 451 7.99 35.13 17.97
CA VAL A 451 8.35 36.24 17.09
C VAL A 451 7.37 36.27 15.95
N PHE A 452 6.60 37.36 15.85
CA PHE A 452 5.66 37.60 14.77
C PHE A 452 6.26 38.63 13.82
N SER A 453 6.21 38.32 12.51
CA SER A 453 6.74 39.24 11.52
C SER A 453 6.04 40.60 11.59
N HIS A 454 6.81 41.65 11.33
CA HIS A 454 6.31 43.01 11.26
C HIS A 454 6.64 43.63 9.91
N PRO A 455 5.70 44.31 9.25
CA PRO A 455 4.29 44.54 9.61
C PRO A 455 3.39 43.45 9.01
N THR A 456 2.61 42.78 9.85
CA THR A 456 1.65 41.78 9.37
C THR A 456 0.39 41.88 10.21
N LEU A 457 -0.71 41.41 9.62
CA LEU A 457 -1.95 41.35 10.37
C LEU A 457 -1.83 40.38 11.54
N SER A 458 -0.95 39.39 11.43
CA SER A 458 -0.76 38.41 12.48
C SER A 458 -0.37 39.07 13.80
N GLU A 459 0.28 40.24 13.74
CA GLU A 459 0.68 40.93 14.96
C GLU A 459 -0.49 41.22 15.87
N ALA A 460 -1.70 41.39 15.31
CA ALA A 460 -2.86 41.64 16.15
C ALA A 460 -3.18 40.45 17.06
N LEU A 461 -2.95 39.23 16.58
CA LEU A 461 -3.12 38.07 17.45
C LEU A 461 -2.06 38.06 18.54
N HIS A 462 -0.82 38.36 18.17
CA HIS A 462 0.25 38.44 19.16
C HIS A 462 -0.08 39.46 20.25
N GLU A 463 -0.54 40.66 19.85
CA GLU A 463 -0.88 41.68 20.85
C GLU A 463 -2.07 41.26 21.70
N ALA A 464 -3.09 40.66 21.09
CA ALA A 464 -4.24 40.21 21.86
C ALA A 464 -3.84 39.17 22.90
N ALA A 465 -2.95 38.25 22.52
CA ALA A 465 -2.49 37.25 23.47
C ALA A 465 -1.73 37.89 24.64
N LEU A 466 -0.87 38.87 24.34
CA LEU A 466 -0.18 39.59 25.40
C LEU A 466 -1.17 40.34 26.29
N ALA A 467 -2.23 40.90 25.69
CA ALA A 467 -3.21 41.65 26.45
C ALA A 467 -3.95 40.77 27.45
N VAL A 468 -4.02 39.46 27.21
CA VAL A 468 -4.68 38.57 28.16
C VAL A 468 -4.12 38.79 29.56
N ASN A 469 -2.79 38.92 29.65
CA ASN A 469 -2.11 39.05 30.93
C ASN A 469 -1.58 40.46 31.14
N GLY A 470 -2.13 41.43 30.41
CA GLY A 470 -1.94 42.84 30.73
C GLY A 470 -0.62 43.43 30.32
N HIS A 471 0.06 42.90 29.31
CA HIS A 471 1.30 43.54 28.86
C HIS A 471 1.45 43.47 27.34
N ALA A 472 0.37 43.79 26.64
CA ALA A 472 0.51 44.16 25.24
C ALA A 472 1.35 45.43 25.15
N ILE A 473 2.17 45.52 24.11
CA ILE A 473 3.02 46.70 23.96
C ILE A 473 2.22 47.87 23.41
N HIS A 474 1.32 47.61 22.47
CA HIS A 474 0.75 48.67 21.64
C HIS A 474 -0.67 49.04 22.03
N ILE A 475 -1.11 48.68 23.23
CA ILE A 475 -2.33 49.26 23.77
C ILE A 475 -2.12 49.49 25.26
N ALA A 476 -2.85 50.48 25.79
CA ALA A 476 -2.81 50.84 27.20
C ALA A 476 -3.47 49.79 28.08
N ASN A 477 -2.71 48.78 28.48
CA ASN A 477 -3.26 47.69 29.29
C ASN A 477 -4.00 48.25 30.50
N SER B 5 22.86 63.49 37.27
CA SER B 5 22.04 64.65 37.59
C SER B 5 20.57 64.26 37.69
N GLN B 6 20.14 63.33 36.85
CA GLN B 6 18.85 62.68 36.98
C GLN B 6 19.07 61.17 36.86
N LYS B 7 18.44 60.42 37.76
CA LYS B 7 18.68 58.98 37.88
C LYS B 7 17.53 58.19 37.29
N PHE B 8 17.88 57.15 36.52
CA PHE B 8 16.91 56.24 35.93
C PHE B 8 17.38 54.80 36.11
N ASP B 9 16.41 53.89 36.24
CA ASP B 9 16.72 52.46 36.20
C ASP B 9 17.19 52.03 34.83
N VAL B 10 16.56 52.58 33.78
CA VAL B 10 16.84 52.21 32.40
C VAL B 10 16.88 53.48 31.56
N VAL B 11 17.96 53.65 30.79
CA VAL B 11 18.05 54.71 29.79
C VAL B 11 18.20 54.03 28.44
N VAL B 12 17.28 54.34 27.52
CA VAL B 12 17.27 53.77 26.18
C VAL B 12 17.72 54.85 25.20
N ILE B 13 18.71 54.52 24.37
CA ILE B 13 19.20 55.42 23.33
C ILE B 13 18.60 54.98 22.01
N GLY B 14 17.64 55.76 21.49
CA GLY B 14 16.96 55.47 20.25
C GLY B 14 15.53 54.99 20.51
N ALA B 15 14.60 55.40 19.63
CA ALA B 15 13.19 55.07 19.77
C ALA B 15 12.62 54.37 18.55
N GLY B 16 13.43 53.54 17.88
CA GLY B 16 12.92 52.66 16.85
C GLY B 16 12.28 51.43 17.45
N PRO B 17 11.94 50.45 16.61
CA PRO B 17 11.30 49.22 17.12
C PRO B 17 12.03 48.58 18.28
N GLY B 18 13.36 48.66 18.31
CA GLY B 18 14.11 48.12 19.43
C GLY B 18 13.91 48.97 20.66
N GLY B 19 14.24 50.26 20.54
CA GLY B 19 14.27 51.13 21.71
C GLY B 19 12.90 51.45 22.29
N TYR B 20 11.92 51.75 21.44
CA TYR B 20 10.65 52.18 22.00
C TYR B 20 9.92 50.99 22.63
N VAL B 21 10.09 49.80 22.08
CA VAL B 21 9.52 48.61 22.70
C VAL B 21 10.23 48.28 24.01
N ALA B 22 11.56 48.36 24.03
CA ALA B 22 12.30 48.14 25.26
C ALA B 22 11.86 49.11 26.34
N ALA B 23 11.66 50.38 25.98
CA ALA B 23 11.27 51.39 26.95
C ALA B 23 9.89 51.11 27.52
N ILE B 24 8.92 50.78 26.65
CA ILE B 24 7.57 50.46 27.13
C ILE B 24 7.61 49.25 28.04
N ARG B 25 8.29 48.19 27.61
CA ARG B 25 8.33 46.98 28.43
C ARG B 25 8.99 47.24 29.77
N ALA B 26 10.09 47.99 29.77
CA ALA B 26 10.75 48.32 31.03
C ALA B 26 9.81 49.08 31.95
N ALA B 27 9.07 50.06 31.41
CA ALA B 27 8.11 50.79 32.22
C ALA B 27 7.03 49.87 32.76
N GLN B 28 6.52 48.95 31.92
CA GLN B 28 5.50 48.01 32.36
C GLN B 28 6.00 47.18 33.54
N LEU B 29 7.29 46.87 33.57
CA LEU B 29 7.88 46.07 34.63
C LEU B 29 8.21 46.90 35.87
N GLY B 30 7.84 48.17 35.90
CA GLY B 30 8.03 49.00 37.07
C GLY B 30 9.37 49.72 37.13
N LEU B 31 10.13 49.73 36.04
CA LEU B 31 11.43 50.37 35.99
C LEU B 31 11.28 51.82 35.56
N LYS B 32 11.94 52.73 36.27
CA LYS B 32 11.93 54.14 35.89
C LYS B 32 12.77 54.31 34.63
N THR B 33 12.12 54.67 33.53
CA THR B 33 12.70 54.52 32.20
C THR B 33 12.72 55.84 31.47
N ALA B 34 13.84 56.09 30.79
CA ALA B 34 14.00 57.22 29.89
C ALA B 34 14.33 56.72 28.49
N CYS B 35 13.86 57.45 27.48
CA CYS B 35 14.15 57.14 26.09
C CYS B 35 14.57 58.40 25.35
N ILE B 36 15.74 58.34 24.71
CA ILE B 36 16.36 59.49 24.04
C ILE B 36 16.20 59.31 22.54
N GLU B 37 15.70 60.34 21.85
CA GLU B 37 15.52 60.28 20.40
C GLU B 37 15.76 61.66 19.81
N LYS B 38 16.41 61.68 18.64
CA LYS B 38 16.78 62.94 17.99
C LYS B 38 16.06 63.19 16.67
N TYR B 39 15.39 62.18 16.10
CA TYR B 39 14.85 62.30 14.75
C TYR B 39 13.66 63.27 14.69
N ILE B 40 13.73 64.23 13.77
CA ILE B 40 12.64 65.17 13.51
C ILE B 40 11.87 64.68 12.29
N GLY B 41 10.57 64.46 12.47
CA GLY B 41 9.71 63.98 11.42
C GLY B 41 9.13 65.10 10.55
N LYS B 42 8.12 64.72 9.76
CA LYS B 42 7.60 65.60 8.73
C LYS B 42 6.88 66.81 9.30
N GLU B 43 6.31 66.69 10.50
CA GLU B 43 5.61 67.81 11.11
C GLU B 43 6.55 68.75 11.85
N GLY B 44 7.85 68.50 11.82
CA GLY B 44 8.80 69.33 12.51
C GLY B 44 8.96 69.03 13.98
N LYS B 45 8.30 68.00 14.49
CA LYS B 45 8.47 67.59 15.87
C LYS B 45 9.23 66.27 15.90
N VAL B 46 9.83 65.97 17.06
CA VAL B 46 10.51 64.69 17.19
C VAL B 46 9.50 63.60 16.94
N ALA B 47 9.87 62.62 16.13
CA ALA B 47 8.99 61.50 15.79
C ALA B 47 9.64 60.20 16.25
N LEU B 48 8.91 59.44 17.05
CA LEU B 48 9.38 58.14 17.47
C LEU B 48 9.09 57.11 16.39
N GLY B 49 9.59 55.90 16.60
CA GLY B 49 9.33 54.80 15.69
C GLY B 49 10.50 54.43 14.79
N GLY B 50 11.53 55.25 14.76
CA GLY B 50 12.74 54.88 14.06
C GLY B 50 12.56 54.76 12.55
N THR B 51 13.44 53.95 11.96
CA THR B 51 13.41 53.73 10.53
C THR B 51 12.09 53.09 10.12
N CYS B 52 11.65 52.10 10.90
CA CYS B 52 10.52 51.27 10.50
C CYS B 52 9.26 52.10 10.29
N LEU B 53 8.92 52.96 11.24
CA LEU B 53 7.68 53.72 11.12
C LEU B 53 7.82 54.94 10.22
N ASN B 54 9.00 55.54 10.14
CA ASN B 54 9.10 56.84 9.48
C ASN B 54 9.55 56.74 8.02
N VAL B 55 10.52 55.88 7.71
CA VAL B 55 11.07 55.82 6.36
C VAL B 55 11.33 54.38 5.96
N GLY B 56 10.59 53.44 6.56
CA GLY B 56 10.89 52.03 6.38
C GLY B 56 9.67 51.15 6.18
N CYS B 57 9.45 50.24 7.13
CA CYS B 57 8.43 49.21 6.98
C CYS B 57 7.08 49.80 6.57
N ILE B 58 6.59 50.76 7.35
CA ILE B 58 5.21 51.19 7.23
C ILE B 58 5.03 52.01 5.95
N PRO B 59 5.87 53.02 5.69
CA PRO B 59 5.69 53.76 4.42
C PRO B 59 5.82 52.87 3.19
N SER B 60 6.75 51.92 3.18
CA SER B 60 6.87 51.02 2.04
CA SER B 60 6.87 51.02 2.04
C SER B 60 5.59 50.22 1.83
N LYS B 61 5.04 49.67 2.90
CA LYS B 61 3.84 48.86 2.76
C LYS B 61 2.64 49.70 2.32
N ALA B 62 2.58 50.97 2.76
CA ALA B 62 1.50 51.85 2.31
C ALA B 62 1.56 52.05 0.80
N LEU B 63 2.76 52.32 0.27
CA LEU B 63 2.91 52.51 -1.17
C LEU B 63 2.75 51.20 -1.93
N LEU B 64 3.19 50.09 -1.35
CA LEU B 64 2.98 48.79 -1.99
C LEU B 64 1.49 48.48 -2.10
N ASP B 65 0.72 48.76 -1.04
CA ASP B 65 -0.72 48.47 -1.08
C ASP B 65 -1.43 49.36 -2.09
N SER B 66 -1.14 50.66 -2.09
CA SER B 66 -1.79 51.56 -3.05
C SER B 66 -1.46 51.17 -4.48
N SER B 67 -0.16 50.96 -4.77
CA SER B 67 0.25 50.65 -6.13
C SER B 67 -0.31 49.31 -6.59
N TYR B 68 -0.45 48.35 -5.68
CA TYR B 68 -1.03 47.07 -6.08
C TYR B 68 -2.51 47.24 -6.47
N LYS B 69 -3.27 48.03 -5.72
CA LYS B 69 -4.68 48.22 -6.04
C LYS B 69 -4.84 48.86 -7.41
N TYR B 70 -3.98 49.83 -7.73
CA TYR B 70 -4.00 50.45 -9.05
C TYR B 70 -3.66 49.41 -10.12
N HIS B 71 -2.60 48.63 -9.88
CA HIS B 71 -2.17 47.63 -10.84
C HIS B 71 -3.27 46.60 -11.11
N GLU B 72 -3.94 46.13 -10.06
CA GLU B 72 -4.99 45.13 -10.25
C GLU B 72 -6.13 45.72 -11.07
N ALA B 73 -6.50 46.97 -10.80
CA ALA B 73 -7.56 47.62 -11.56
C ALA B 73 -7.21 47.72 -13.04
N LYS B 74 -5.92 47.92 -13.35
CA LYS B 74 -5.49 48.10 -14.73
C LYS B 74 -5.38 46.78 -15.48
N GLU B 75 -5.03 45.70 -14.78
CA GLU B 75 -4.60 44.47 -15.45
C GLU B 75 -5.39 43.23 -15.09
N ALA B 76 -6.26 43.29 -14.06
CA ALA B 76 -6.87 42.07 -13.55
C ALA B 76 -8.29 42.29 -13.07
N PHE B 77 -9.03 43.22 -13.70
CA PHE B 77 -10.42 43.45 -13.36
C PHE B 77 -11.39 42.84 -14.37
N LYS B 78 -11.03 42.80 -15.65
CA LYS B 78 -11.99 42.40 -16.68
C LYS B 78 -12.47 40.97 -16.50
N VAL B 79 -11.61 40.07 -15.99
CA VAL B 79 -12.04 38.68 -15.82
C VAL B 79 -13.20 38.60 -14.83
N HIS B 80 -13.31 39.56 -13.93
CA HIS B 80 -14.41 39.61 -12.98
C HIS B 80 -15.67 40.23 -13.56
N GLY B 81 -15.63 40.71 -14.80
CA GLY B 81 -16.70 41.51 -15.35
C GLY B 81 -16.61 42.98 -15.00
N ILE B 82 -15.53 43.41 -14.37
CA ILE B 82 -15.40 44.81 -13.93
C ILE B 82 -14.69 45.60 -15.03
N GLU B 83 -15.34 46.65 -15.51
CA GLU B 83 -14.79 47.54 -16.51
C GLU B 83 -14.48 48.87 -15.85
N ALA B 84 -13.23 49.31 -15.95
CA ALA B 84 -12.79 50.56 -15.38
C ALA B 84 -12.38 51.48 -16.52
N LYS B 85 -13.19 52.50 -16.78
CA LYS B 85 -12.91 53.49 -17.82
C LYS B 85 -11.86 54.46 -17.31
N GLY B 86 -10.62 54.25 -17.75
CA GLY B 86 -9.57 55.24 -17.52
C GLY B 86 -9.20 55.37 -16.06
N VAL B 87 -8.42 54.42 -15.58
CA VAL B 87 -7.92 54.43 -14.21
C VAL B 87 -6.62 55.23 -14.19
N THR B 88 -6.50 56.14 -13.24
CA THR B 88 -5.30 56.95 -13.08
C THR B 88 -4.89 56.97 -11.61
N ILE B 89 -3.64 57.38 -11.39
CA ILE B 89 -3.06 57.45 -10.06
C ILE B 89 -2.49 58.85 -9.89
N ASP B 90 -2.84 59.49 -8.78
CA ASP B 90 -2.31 60.79 -8.39
C ASP B 90 -1.19 60.51 -7.38
N VAL B 91 0.07 60.60 -7.84
CA VAL B 91 1.19 60.23 -6.98
C VAL B 91 1.26 61.12 -5.74
N PRO B 92 1.13 62.45 -5.83
CA PRO B 92 1.13 63.25 -4.60
C PRO B 92 0.08 62.79 -3.60
N ALA B 93 -1.11 62.44 -4.08
CA ALA B 93 -2.15 61.98 -3.15
C ALA B 93 -1.77 60.64 -2.53
N MET B 94 -1.20 59.74 -3.32
CA MET B 94 -0.74 58.45 -2.77
C MET B 94 0.31 58.66 -1.69
N VAL B 95 1.28 59.54 -1.95
CA VAL B 95 2.33 59.77 -0.96
C VAL B 95 1.76 60.48 0.28
N ALA B 96 0.76 61.35 0.08
CA ALA B 96 0.16 62.04 1.21
C ALA B 96 -0.60 61.06 2.12
N ARG B 97 -1.25 60.05 1.56
CA ARG B 97 -1.88 59.03 2.39
C ARG B 97 -0.84 58.35 3.27
N LYS B 98 0.29 57.96 2.66
CA LYS B 98 1.39 57.35 3.40
C LYS B 98 1.88 58.27 4.51
N ALA B 99 2.04 59.56 4.21
CA ALA B 99 2.53 60.50 5.22
C ALA B 99 1.56 60.60 6.38
N ASN B 100 0.26 60.56 6.09
CA ASN B 100 -0.73 60.67 7.16
C ASN B 100 -0.70 59.44 8.07
N ILE B 101 -0.51 58.27 7.48
CA ILE B 101 -0.39 57.04 8.27
C ILE B 101 0.82 57.13 9.19
N VAL B 102 1.95 57.59 8.66
CA VAL B 102 3.15 57.77 9.47
C VAL B 102 2.88 58.72 10.63
N LYS B 103 2.25 59.87 10.35
CA LYS B 103 1.93 60.83 11.40
C LYS B 103 1.11 60.18 12.50
N ASN B 104 0.05 59.46 12.13
CA ASN B 104 -0.83 58.86 13.13
C ASN B 104 -0.11 57.81 13.95
N LEU B 105 0.69 56.95 13.30
CA LEU B 105 1.35 55.87 14.04
C LEU B 105 2.45 56.38 14.94
N THR B 106 3.26 57.34 14.47
CA THR B 106 4.31 57.88 15.33
C THR B 106 3.71 58.60 16.52
N GLY B 107 2.63 59.35 16.30
CA GLY B 107 1.91 59.95 17.42
C GLY B 107 1.41 58.91 18.39
N GLY B 108 1.00 57.74 17.87
CA GLY B 108 0.52 56.69 18.74
C GLY B 108 1.59 56.17 19.68
N ILE B 109 2.84 56.12 19.24
CA ILE B 109 3.93 55.70 20.13
C ILE B 109 4.09 56.71 21.26
N ALA B 110 4.02 58.00 20.94
CA ALA B 110 4.13 59.01 21.98
C ALA B 110 3.01 58.87 22.99
N THR B 111 1.80 58.53 22.53
CA THR B 111 0.70 58.29 23.45
C THR B 111 0.99 57.09 24.35
N LEU B 112 1.60 56.04 23.79
CA LEU B 112 1.97 54.89 24.61
C LEU B 112 3.05 55.25 25.62
N PHE B 113 4.05 56.05 25.21
CA PHE B 113 5.06 56.49 26.16
C PHE B 113 4.42 57.22 27.33
N LYS B 114 3.47 58.11 27.06
CA LYS B 114 2.82 58.86 28.13
C LYS B 114 2.00 57.94 29.02
N ALA B 115 1.25 57.01 28.42
CA ALA B 115 0.42 56.10 29.21
C ALA B 115 1.24 55.19 30.10
N ASN B 116 2.46 54.82 29.68
CA ASN B 116 3.31 53.92 30.45
C ASN B 116 4.31 54.64 31.34
N GLY B 117 4.38 55.97 31.29
CA GLY B 117 5.28 56.70 32.15
C GLY B 117 6.72 56.76 31.68
N VAL B 118 6.98 56.57 30.40
CA VAL B 118 8.33 56.72 29.85
C VAL B 118 8.66 58.19 29.74
N THR B 119 9.84 58.58 30.24
CA THR B 119 10.31 59.96 30.10
C THR B 119 11.08 60.10 28.79
N SER B 120 10.66 61.06 27.97
CA SER B 120 11.28 61.31 26.68
C SER B 120 12.32 62.43 26.78
N PHE B 121 13.46 62.21 26.15
CA PHE B 121 14.46 63.26 25.96
C PHE B 121 14.67 63.47 24.47
N GLU B 122 14.75 64.73 24.07
CA GLU B 122 14.98 65.08 22.67
C GLU B 122 16.45 65.47 22.51
N GLY B 123 17.16 64.70 21.70
CA GLY B 123 18.55 64.98 21.44
C GLY B 123 19.34 63.71 21.21
N HIS B 124 20.66 63.87 21.26
CA HIS B 124 21.63 62.83 20.98
C HIS B 124 22.14 62.24 22.30
N GLY B 125 22.04 60.92 22.44
CA GLY B 125 22.58 60.23 23.60
C GLY B 125 23.95 59.65 23.29
N LYS B 126 24.85 59.77 24.27
CA LYS B 126 26.21 59.23 24.18
C LYS B 126 26.52 58.51 25.48
N LEU B 127 26.99 57.28 25.37
CA LEU B 127 27.34 56.50 26.54
C LEU B 127 28.72 56.92 27.03
N LEU B 128 28.80 57.36 28.28
CA LEU B 128 30.07 57.67 28.92
C LEU B 128 30.48 56.48 29.78
N ALA B 129 31.62 56.63 30.46
CA ALA B 129 32.05 55.59 31.38
C ALA B 129 31.04 55.45 32.52
N ASN B 130 31.00 54.24 33.08
CA ASN B 130 30.24 53.98 34.31
C ASN B 130 28.74 54.16 34.12
N LYS B 131 28.25 53.82 32.92
CA LYS B 131 26.81 53.78 32.60
C LYS B 131 26.15 55.15 32.72
N GLN B 132 26.90 56.23 32.63
CA GLN B 132 26.30 57.56 32.51
C GLN B 132 26.03 57.86 31.05
N VAL B 133 24.91 58.52 30.79
CA VAL B 133 24.49 58.85 29.42
C VAL B 133 24.39 60.35 29.31
N GLU B 134 25.19 60.93 28.43
CA GLU B 134 25.17 62.35 28.14
C GLU B 134 24.13 62.61 27.05
N VAL B 135 23.19 63.51 27.33
CA VAL B 135 22.17 63.90 26.37
C VAL B 135 22.50 65.31 25.90
N THR B 136 22.78 65.46 24.61
CA THR B 136 22.95 66.75 23.97
C THR B 136 21.64 67.05 23.25
N GLY B 137 20.90 68.03 23.74
CA GLY B 137 19.62 68.31 23.15
C GLY B 137 19.76 68.91 21.77
N LEU B 138 18.63 68.91 21.05
CA LEU B 138 18.59 69.61 19.78
C LEU B 138 18.80 71.10 19.98
N ASP B 139 18.59 71.57 21.22
CA ASP B 139 18.86 72.94 21.63
C ASP B 139 20.27 73.14 22.16
N GLY B 140 21.14 72.11 22.06
CA GLY B 140 22.51 72.26 22.45
C GLY B 140 22.81 72.12 23.93
N LYS B 141 21.80 72.01 24.78
CA LYS B 141 22.04 71.85 26.21
C LYS B 141 22.51 70.43 26.48
N THR B 142 23.44 70.28 27.43
CA THR B 142 23.94 68.97 27.80
C THR B 142 23.48 68.62 29.21
N GLN B 143 23.16 67.36 29.43
CA GLN B 143 22.89 66.85 30.76
C GLN B 143 23.30 65.40 30.81
N VAL B 144 23.61 64.93 32.00
CA VAL B 144 24.04 63.55 32.22
C VAL B 144 22.97 62.82 32.99
N LEU B 145 22.56 61.66 32.48
CA LEU B 145 21.64 60.78 33.18
C LEU B 145 22.44 59.65 33.83
N GLU B 146 22.18 59.40 35.10
CA GLU B 146 22.83 58.30 35.81
C GLU B 146 21.93 57.08 35.66
N ALA B 147 22.41 56.08 34.94
CA ALA B 147 21.60 54.94 34.56
C ALA B 147 22.06 53.70 35.32
N GLU B 148 21.12 52.96 35.87
CA GLU B 148 21.45 51.64 36.39
C GLU B 148 21.69 50.66 35.25
N ASN B 149 20.96 50.82 34.14
CA ASN B 149 21.11 50.01 32.94
C ASN B 149 20.93 50.91 31.73
N VAL B 150 21.68 50.63 30.66
CA VAL B 150 21.59 51.36 29.41
C VAL B 150 21.24 50.37 28.30
N ILE B 151 20.29 50.75 27.45
CA ILE B 151 19.94 49.97 26.27
C ILE B 151 20.27 50.81 25.05
N ILE B 152 21.25 50.36 24.27
CA ILE B 152 21.66 51.05 23.05
C ILE B 152 20.86 50.50 21.88
N ALA B 153 20.13 51.37 21.21
CA ALA B 153 19.25 50.96 20.10
C ALA B 153 19.31 52.01 18.99
N SER B 154 20.52 52.29 18.52
CA SER B 154 20.78 53.39 17.59
C SER B 154 20.53 53.05 16.13
N GLY B 155 20.24 51.79 15.80
CA GLY B 155 19.75 51.48 14.47
C GLY B 155 20.83 51.45 13.40
N SER B 156 20.40 51.75 12.17
CA SER B 156 21.26 51.60 11.00
C SER B 156 20.95 52.72 10.01
N ARG B 157 21.70 52.73 8.91
CA ARG B 157 21.48 53.67 7.83
C ARG B 157 21.91 53.01 6.53
N PRO B 158 21.48 53.55 5.38
CA PRO B 158 21.84 52.91 4.11
C PRO B 158 23.34 52.88 3.88
N VAL B 159 23.79 51.79 3.26
CA VAL B 159 25.15 51.72 2.75
C VAL B 159 25.29 52.67 1.57
N GLU B 160 26.44 53.33 1.49
CA GLU B 160 26.78 54.22 0.38
C GLU B 160 27.90 53.59 -0.44
N ILE B 161 27.87 53.83 -1.76
CA ILE B 161 28.92 53.29 -2.63
C ILE B 161 29.47 54.42 -3.51
N PRO B 162 30.78 54.48 -3.71
CA PRO B 162 31.37 55.61 -4.46
C PRO B 162 30.81 55.75 -5.86
N PRO B 163 30.56 54.65 -6.57
CA PRO B 163 30.07 54.78 -7.96
C PRO B 163 28.71 55.47 -8.07
N ALA B 164 27.93 55.54 -6.99
CA ALA B 164 26.57 56.07 -7.04
C ALA B 164 26.30 56.88 -5.78
N PRO B 165 26.95 58.04 -5.63
CA PRO B 165 26.68 58.89 -4.47
C PRO B 165 25.33 59.57 -4.59
N LEU B 166 24.65 59.72 -3.45
CA LEU B 166 23.38 60.44 -3.45
C LEU B 166 23.58 61.86 -3.98
N THR B 167 22.70 62.27 -4.87
CA THR B 167 22.86 63.54 -5.59
C THR B 167 21.50 64.17 -5.76
N ASP B 168 21.30 65.34 -5.15
CA ASP B 168 20.08 66.11 -5.31
C ASP B 168 18.87 65.19 -5.15
N ASP B 169 17.99 65.16 -6.15
CA ASP B 169 16.83 64.27 -6.15
C ASP B 169 16.91 63.21 -7.26
N ILE B 170 18.09 63.01 -7.84
CA ILE B 170 18.25 62.11 -8.97
C ILE B 170 18.78 60.74 -8.55
N ILE B 171 19.80 60.73 -7.69
CA ILE B 171 20.32 59.51 -7.09
C ILE B 171 19.90 59.53 -5.62
N VAL B 172 19.04 58.60 -5.24
CA VAL B 172 18.43 58.58 -3.91
C VAL B 172 18.63 57.21 -3.29
N ASP B 173 18.40 57.15 -1.98
CA ASP B 173 18.31 55.89 -1.28
C ASP B 173 16.83 55.60 -1.00
N SER B 174 16.56 54.63 -0.12
CA SER B 174 15.19 54.20 0.11
C SER B 174 14.33 55.35 0.64
N THR B 175 14.91 56.26 1.43
CA THR B 175 14.12 57.36 1.97
C THR B 175 13.59 58.25 0.85
N GLY B 176 14.47 58.65 -0.08
CA GLY B 176 14.03 59.45 -1.21
C GLY B 176 13.08 58.73 -2.14
N ALA B 177 13.24 57.40 -2.28
CA ALA B 177 12.39 56.63 -3.18
C ALA B 177 10.95 56.54 -2.67
N LEU B 178 10.72 56.80 -1.39
CA LEU B 178 9.38 56.82 -0.82
C LEU B 178 8.75 58.20 -0.93
N GLU B 179 9.42 59.14 -1.61
CA GLU B 179 9.00 60.54 -1.66
C GLU B 179 8.89 61.09 -3.07
N PHE B 180 9.04 60.26 -4.11
CA PHE B 180 8.82 60.75 -5.47
C PHE B 180 7.43 61.37 -5.56
N GLN B 181 7.34 62.52 -6.23
CA GLN B 181 6.06 63.17 -6.46
C GLN B 181 5.51 62.89 -7.85
N ALA B 182 6.23 62.12 -8.66
CA ALA B 182 5.77 61.72 -9.99
C ALA B 182 6.44 60.40 -10.34
N VAL B 183 5.78 59.64 -11.20
CA VAL B 183 6.34 58.36 -11.64
C VAL B 183 7.53 58.65 -12.54
N PRO B 184 8.74 58.20 -12.21
CA PRO B 184 9.85 58.35 -13.15
C PRO B 184 9.64 57.48 -14.39
N LYS B 185 9.94 58.06 -15.56
CA LYS B 185 9.71 57.33 -16.80
C LYS B 185 10.62 56.11 -16.87
N LYS B 186 11.90 56.27 -16.55
CA LYS B 186 12.85 55.17 -16.46
C LYS B 186 13.51 55.21 -15.10
N LEU B 187 13.42 54.10 -14.37
CA LEU B 187 13.91 54.02 -13.00
C LEU B 187 14.99 52.96 -12.92
N GLY B 188 16.16 53.36 -12.40
CA GLY B 188 17.24 52.42 -12.14
C GLY B 188 17.30 52.10 -10.66
N VAL B 189 17.65 50.85 -10.37
CA VAL B 189 17.81 50.38 -8.99
C VAL B 189 19.10 49.60 -8.92
N ILE B 190 19.96 49.96 -7.97
CA ILE B 190 21.16 49.18 -7.67
C ILE B 190 20.88 48.31 -6.46
N GLY B 191 20.89 46.99 -6.67
CA GLY B 191 20.60 46.04 -5.63
C GLY B 191 19.26 45.36 -5.81
N ALA B 192 19.27 44.06 -6.03
CA ALA B 192 18.04 43.27 -6.11
C ALA B 192 17.75 42.57 -4.79
N GLY B 193 18.02 43.26 -3.68
CA GLY B 193 17.58 42.81 -2.39
C GLY B 193 16.16 43.24 -2.13
N VAL B 194 15.76 43.09 -0.86
CA VAL B 194 14.35 43.26 -0.53
C VAL B 194 13.89 44.69 -0.81
N ILE B 195 14.74 45.69 -0.51
CA ILE B 195 14.35 47.07 -0.79
C ILE B 195 14.24 47.30 -2.29
N GLY B 196 15.25 46.87 -3.05
CA GLY B 196 15.22 47.08 -4.48
C GLY B 196 13.99 46.45 -5.12
N LEU B 197 13.63 45.25 -4.67
CA LEU B 197 12.47 44.58 -5.26
C LEU B 197 11.16 45.23 -4.82
N GLU B 198 11.06 45.61 -3.55
CA GLU B 198 9.82 46.22 -3.08
C GLU B 198 9.61 47.59 -3.72
N LEU B 199 10.63 48.46 -3.66
CA LEU B 199 10.43 49.80 -4.20
C LEU B 199 10.42 49.78 -5.72
N GLY B 200 11.19 48.89 -6.34
CA GLY B 200 11.05 48.67 -7.78
C GLY B 200 9.64 48.27 -8.16
N SER B 201 9.01 47.40 -7.37
CA SER B 201 7.65 46.98 -7.66
C SER B 201 6.68 48.14 -7.59
N VAL B 202 6.81 48.99 -6.57
CA VAL B 202 5.92 50.14 -6.41
C VAL B 202 5.86 50.93 -7.72
N TRP B 203 7.02 51.36 -8.20
CA TRP B 203 7.06 52.29 -9.31
C TRP B 203 6.83 51.58 -10.65
N ALA B 204 7.22 50.31 -10.77
CA ALA B 204 6.85 49.55 -11.96
C ALA B 204 5.35 49.49 -12.13
N ARG B 205 4.62 49.27 -11.02
CA ARG B 205 3.16 49.17 -11.10
C ARG B 205 2.53 50.47 -11.58
N LEU B 206 3.15 51.60 -11.29
CA LEU B 206 2.60 52.89 -11.66
C LEU B 206 3.09 53.37 -13.03
N GLY B 207 3.85 52.56 -13.75
CA GLY B 207 4.21 52.86 -15.14
C GLY B 207 5.68 53.07 -15.41
N ALA B 208 6.55 53.07 -14.40
CA ALA B 208 7.97 53.24 -14.64
C ALA B 208 8.55 52.00 -15.31
N GLU B 209 9.52 52.22 -16.20
CA GLU B 209 10.33 51.14 -16.75
C GLU B 209 11.51 50.92 -15.80
N VAL B 210 11.54 49.79 -15.10
CA VAL B 210 12.45 49.58 -13.98
C VAL B 210 13.51 48.57 -14.38
N THR B 211 14.77 48.94 -14.15
CA THR B 211 15.91 48.05 -14.30
C THR B 211 16.59 47.91 -12.95
N VAL B 212 16.85 46.67 -12.55
CA VAL B 212 17.50 46.37 -11.27
C VAL B 212 18.84 45.73 -11.57
N LEU B 213 19.92 46.35 -11.08
CA LEU B 213 21.27 45.88 -11.32
C LEU B 213 21.78 45.22 -10.04
N GLU B 214 22.03 43.91 -10.11
CA GLU B 214 22.41 43.11 -8.95
C GLU B 214 23.81 42.54 -9.17
N ALA B 215 24.70 42.76 -8.20
CA ALA B 215 26.09 42.35 -8.35
C ALA B 215 26.23 40.83 -8.35
N LEU B 216 25.44 40.13 -7.54
CA LEU B 216 25.58 38.70 -7.40
C LEU B 216 24.94 37.96 -8.57
N ASP B 217 25.46 36.76 -8.84
CA ASP B 217 24.90 35.90 -9.88
C ASP B 217 23.62 35.21 -9.43
N LYS B 218 23.46 35.01 -8.12
CA LYS B 218 22.35 34.26 -7.56
C LYS B 218 21.29 35.22 -7.02
N PHE B 219 20.03 34.99 -7.39
CA PHE B 219 18.91 35.80 -6.96
C PHE B 219 18.41 35.32 -5.61
N LEU B 220 18.14 36.28 -4.71
CA LEU B 220 17.65 36.03 -3.36
C LEU B 220 18.35 34.81 -2.73
N PRO B 221 19.66 34.88 -2.53
CA PRO B 221 20.39 33.68 -2.05
C PRO B 221 19.94 33.19 -0.69
N ALA B 222 19.35 34.05 0.15
CA ALA B 222 18.88 33.60 1.46
C ALA B 222 17.58 32.83 1.38
N ALA B 223 16.81 32.99 0.30
CA ALA B 223 15.56 32.27 0.16
C ALA B 223 15.81 30.85 -0.35
N ASP B 224 14.80 30.01 -0.16
CA ASP B 224 14.84 28.69 -0.76
C ASP B 224 14.94 28.82 -2.27
N GLU B 225 15.80 27.99 -2.88
CA GLU B 225 16.10 28.15 -4.30
C GLU B 225 14.84 28.05 -5.17
N GLN B 226 13.94 27.13 -4.84
CA GLN B 226 12.71 27.01 -5.61
C GLN B 226 11.85 28.27 -5.47
N ILE B 227 11.76 28.81 -4.26
CA ILE B 227 11.03 30.06 -4.04
C ILE B 227 11.65 31.19 -4.87
N ALA B 228 12.98 31.29 -4.81
CA ALA B 228 13.66 32.38 -5.52
C ALA B 228 13.44 32.27 -7.02
N LYS B 229 13.45 31.04 -7.56
CA LYS B 229 13.22 30.84 -8.98
C LYS B 229 11.83 31.33 -9.37
N GLU B 230 10.82 30.97 -8.56
CA GLU B 230 9.46 31.44 -8.83
C GLU B 230 9.36 32.96 -8.69
N ALA B 231 10.05 33.53 -7.70
CA ALA B 231 10.01 34.98 -7.52
C ALA B 231 10.60 35.70 -8.72
N LEU B 232 11.75 35.22 -9.22
CA LEU B 232 12.36 35.87 -10.37
C LEU B 232 11.45 35.80 -11.59
N LYS B 233 10.79 34.66 -11.79
CA LYS B 233 9.89 34.48 -12.92
C LYS B 233 8.71 35.48 -12.86
N VAL B 234 8.07 35.59 -11.70
CA VAL B 234 6.89 36.44 -11.60
C VAL B 234 7.27 37.91 -11.67
N LEU B 235 8.37 38.30 -11.01
CA LEU B 235 8.79 39.69 -11.06
C LEU B 235 9.19 40.09 -12.47
N THR B 236 9.77 39.15 -13.24
CA THR B 236 10.03 39.42 -14.65
C THR B 236 8.73 39.65 -15.42
N LYS B 237 7.69 38.87 -15.13
CA LYS B 237 6.40 39.06 -15.79
C LYS B 237 5.84 40.44 -15.47
N GLN B 238 6.07 40.95 -14.26
CA GLN B 238 5.57 42.24 -13.82
C GLN B 238 6.35 43.43 -14.37
N GLY B 239 7.43 43.21 -15.10
CA GLY B 239 8.12 44.29 -15.77
C GLY B 239 9.44 44.73 -15.15
N LEU B 240 9.91 44.04 -14.12
CA LEU B 240 11.22 44.34 -13.54
C LEU B 240 12.31 43.67 -14.37
N ASN B 241 13.14 44.47 -15.02
CA ASN B 241 14.28 43.96 -15.76
C ASN B 241 15.43 43.76 -14.77
N ILE B 242 15.50 42.57 -14.20
CA ILE B 242 16.51 42.26 -13.18
C ILE B 242 17.75 41.73 -13.88
N ARG B 243 18.87 42.42 -13.71
CA ARG B 243 20.14 42.05 -14.34
C ARG B 243 21.08 41.49 -13.26
N LEU B 244 21.33 40.19 -13.33
CA LEU B 244 22.21 39.54 -12.37
C LEU B 244 23.65 39.60 -12.86
N GLY B 245 24.57 39.51 -11.90
CA GLY B 245 25.99 39.61 -12.23
C GLY B 245 26.37 40.94 -12.82
N ALA B 246 25.71 42.02 -12.41
CA ALA B 246 25.97 43.35 -12.93
C ALA B 246 26.66 44.17 -11.85
N ARG B 247 27.91 44.56 -12.12
CA ARG B 247 28.75 45.29 -11.17
C ARG B 247 28.79 46.75 -11.60
N VAL B 248 28.13 47.61 -10.83
CA VAL B 248 28.12 49.05 -11.13
C VAL B 248 29.50 49.62 -10.85
N THR B 249 30.04 50.37 -11.81
CA THR B 249 31.36 50.94 -11.69
C THR B 249 31.40 52.46 -11.69
N ALA B 250 30.36 53.14 -12.18
CA ALA B 250 30.37 54.59 -12.22
C ALA B 250 28.97 55.09 -12.55
N SER B 251 28.74 56.37 -12.25
CA SER B 251 27.53 57.04 -12.67
C SER B 251 27.86 58.49 -12.98
N GLU B 252 26.99 59.14 -13.74
CA GLU B 252 27.16 60.54 -14.11
C GLU B 252 25.79 61.18 -14.25
N VAL B 253 25.62 62.35 -13.63
CA VAL B 253 24.38 63.11 -13.69
C VAL B 253 24.55 64.26 -14.66
N LYS B 254 23.56 64.44 -15.54
CA LYS B 254 23.54 65.56 -16.47
C LYS B 254 22.15 65.67 -17.06
N LYS B 255 21.64 66.90 -17.13
CA LYS B 255 20.34 67.18 -17.75
C LYS B 255 19.21 66.41 -17.07
N LYS B 256 19.26 66.38 -15.74
CA LYS B 256 18.22 65.72 -14.94
C LYS B 256 18.09 64.24 -15.29
N GLN B 257 19.19 63.61 -15.72
CA GLN B 257 19.24 62.18 -15.94
C GLN B 257 20.56 61.66 -15.40
N VAL B 258 20.62 60.35 -15.19
CA VAL B 258 21.81 59.70 -14.65
C VAL B 258 22.15 58.50 -15.53
N THR B 259 23.40 58.44 -15.98
CA THR B 259 23.90 57.34 -16.78
C THR B 259 24.77 56.45 -15.89
N VAL B 260 24.43 55.16 -15.82
CA VAL B 260 25.14 54.20 -14.98
C VAL B 260 25.98 53.32 -15.89
N THR B 261 27.25 53.12 -15.50
CA THR B 261 28.14 52.19 -16.19
C THR B 261 28.28 50.95 -15.33
N PHE B 262 28.16 49.77 -15.95
CA PHE B 262 28.29 48.52 -15.22
C PHE B 262 28.84 47.44 -16.15
N THR B 263 29.41 46.41 -15.53
CA THR B 263 29.97 45.28 -16.24
C THR B 263 29.11 44.06 -15.99
N ASP B 264 28.76 43.34 -17.05
CA ASP B 264 28.02 42.09 -16.94
C ASP B 264 28.80 41.03 -17.73
N ALA B 265 28.14 39.91 -18.01
CA ALA B 265 28.82 38.80 -18.70
C ALA B 265 29.32 39.22 -20.08
N ASN B 266 28.67 40.20 -20.71
CA ASN B 266 29.01 40.61 -22.07
C ASN B 266 29.85 41.88 -22.11
N GLY B 267 30.44 42.27 -20.99
CA GLY B 267 31.31 43.42 -20.95
C GLY B 267 30.65 44.66 -20.38
N GLU B 268 31.23 45.81 -20.71
CA GLU B 268 30.77 47.09 -20.17
C GLU B 268 29.49 47.54 -20.84
N GLN B 269 28.57 48.04 -20.02
CA GLN B 269 27.29 48.57 -20.48
C GLN B 269 27.06 49.94 -19.86
N LYS B 270 26.19 50.70 -20.52
CA LYS B 270 25.73 51.99 -20.02
C LYS B 270 24.21 52.04 -20.17
N GLU B 271 23.55 52.62 -19.18
CA GLU B 271 22.11 52.78 -19.23
C GLU B 271 21.76 54.08 -18.51
N THR B 272 20.80 54.81 -19.07
CA THR B 272 20.41 56.11 -18.55
C THR B 272 19.01 56.03 -17.95
N PHE B 273 18.83 56.73 -16.83
CA PHE B 273 17.58 56.69 -16.07
C PHE B 273 17.21 58.12 -15.68
N ASP B 274 15.92 58.31 -15.38
CA ASP B 274 15.46 59.57 -14.81
C ASP B 274 15.73 59.63 -13.31
N LYS B 275 15.68 58.49 -12.63
CA LYS B 275 15.98 58.39 -11.21
C LYS B 275 16.74 57.10 -10.95
N LEU B 276 17.58 57.11 -9.91
CA LEU B 276 18.38 55.94 -9.55
C LEU B 276 18.27 55.72 -8.04
N ILE B 277 17.81 54.53 -7.65
CA ILE B 277 17.73 54.16 -6.23
C ILE B 277 18.92 53.27 -5.89
N VAL B 278 19.64 53.64 -4.84
CA VAL B 278 20.76 52.86 -4.33
C VAL B 278 20.27 52.09 -3.13
N ALA B 279 20.17 50.76 -3.26
CA ALA B 279 19.62 49.89 -2.22
C ALA B 279 20.58 48.70 -2.05
N VAL B 280 21.75 48.95 -1.45
CA VAL B 280 22.81 47.95 -1.40
C VAL B 280 23.17 47.60 0.05
N GLY B 281 22.18 47.60 0.93
CA GLY B 281 22.35 47.15 2.30
C GLY B 281 22.29 48.31 3.28
N ARG B 282 22.36 47.96 4.56
CA ARG B 282 22.36 48.93 5.64
C ARG B 282 23.50 48.60 6.60
N ARG B 283 23.98 49.64 7.28
CA ARG B 283 25.11 49.52 8.18
C ARG B 283 24.74 50.10 9.54
N PRO B 284 25.35 49.59 10.61
CA PRO B 284 25.00 50.07 11.95
C PRO B 284 25.48 51.49 12.20
N VAL B 285 24.70 52.20 13.01
CA VAL B 285 24.96 53.60 13.35
C VAL B 285 25.58 53.65 14.74
N THR B 286 26.83 54.14 14.82
CA THR B 286 27.55 54.30 16.07
C THR B 286 28.15 55.70 16.21
N THR B 287 27.79 56.62 15.30
CA THR B 287 28.40 57.94 15.26
C THR B 287 28.24 58.65 16.61
N ASP B 288 29.36 59.00 17.24
CA ASP B 288 29.35 59.76 18.49
C ASP B 288 28.51 59.07 19.57
N LEU B 289 28.35 57.75 19.46
CA LEU B 289 27.51 57.02 20.39
C LEU B 289 28.24 56.61 21.66
N LEU B 290 29.53 56.35 21.56
CA LEU B 290 30.30 55.74 22.64
C LEU B 290 31.51 56.59 22.95
N ALA B 291 31.63 57.03 24.20
CA ALA B 291 32.86 57.66 24.63
C ALA B 291 34.02 56.68 24.51
N ALA B 292 35.22 57.22 24.31
CA ALA B 292 36.40 56.36 24.12
C ALA B 292 36.64 55.45 25.32
N ASP B 293 36.22 55.86 26.52
CA ASP B 293 36.39 55.06 27.72
C ASP B 293 35.08 54.45 28.21
N SER B 294 34.10 54.26 27.31
CA SER B 294 32.81 53.70 27.73
C SER B 294 32.93 52.23 28.09
N GLY B 295 33.91 51.52 27.52
CA GLY B 295 34.07 50.11 27.73
C GLY B 295 33.36 49.22 26.73
N VAL B 296 32.49 49.78 25.90
CA VAL B 296 31.75 49.03 24.88
C VAL B 296 32.61 48.90 23.64
N THR B 297 32.70 47.69 23.09
CA THR B 297 33.55 47.39 21.96
C THR B 297 32.72 47.10 20.71
N LEU B 298 33.33 47.35 19.55
CA LEU B 298 32.72 47.07 18.25
C LEU B 298 33.42 45.87 17.60
N ASP B 299 32.67 45.16 16.76
CA ASP B 299 33.27 44.06 16.01
C ASP B 299 33.84 44.60 14.70
N GLU B 300 34.33 43.69 13.86
CA GLU B 300 35.05 44.11 12.66
C GLU B 300 34.17 44.88 11.70
N ARG B 301 32.87 44.62 11.69
CA ARG B 301 31.95 45.24 10.75
C ARG B 301 31.27 46.47 11.32
N GLY B 302 31.66 46.90 12.52
CA GLY B 302 31.11 48.10 13.11
C GLY B 302 29.90 47.89 13.99
N PHE B 303 29.46 46.64 14.18
CA PHE B 303 28.37 46.36 15.09
C PHE B 303 28.88 46.36 16.52
N ILE B 304 28.00 46.70 17.46
CA ILE B 304 28.36 46.60 18.87
C ILE B 304 28.40 45.13 19.26
N TYR B 305 29.47 44.73 19.93
CA TYR B 305 29.70 43.35 20.32
C TYR B 305 28.81 43.01 21.52
N VAL B 306 27.96 41.99 21.37
CA VAL B 306 27.08 41.54 22.43
C VAL B 306 27.02 40.02 22.45
N ASP B 307 26.56 39.48 23.58
CA ASP B 307 26.34 38.04 23.69
C ASP B 307 24.90 37.73 23.26
N ASP B 308 24.46 36.50 23.50
CA ASP B 308 23.15 36.05 23.05
C ASP B 308 22.02 36.68 23.84
N HIS B 309 22.31 37.38 24.94
CA HIS B 309 21.33 38.17 25.66
C HIS B 309 21.44 39.65 25.35
N CYS B 310 22.19 40.01 24.31
CA CYS B 310 22.39 41.40 23.90
C CYS B 310 23.14 42.21 24.96
N LYS B 311 23.93 41.56 25.80
CA LYS B 311 24.74 42.26 26.79
C LYS B 311 26.10 42.60 26.19
N THR B 312 26.52 43.85 26.38
CA THR B 312 27.82 44.30 25.87
C THR B 312 28.92 43.83 26.81
N SER B 313 30.14 44.31 26.55
CA SER B 313 31.29 44.05 27.41
C SER B 313 31.20 44.75 28.76
N VAL B 314 30.23 45.64 28.95
CA VAL B 314 30.09 46.41 30.18
C VAL B 314 28.85 45.91 30.91
N PRO B 315 28.96 45.47 32.16
CA PRO B 315 27.75 45.03 32.87
C PRO B 315 26.72 46.13 32.93
N GLY B 316 25.46 45.76 32.74
CA GLY B 316 24.38 46.71 32.75
C GLY B 316 24.22 47.53 31.49
N VAL B 317 25.00 47.27 30.45
CA VAL B 317 24.88 47.96 29.17
C VAL B 317 24.56 46.91 28.10
N PHE B 318 23.45 47.14 27.41
CA PHE B 318 22.93 46.23 26.40
C PHE B 318 22.80 46.97 25.08
N ALA B 319 22.80 46.21 23.98
CA ALA B 319 22.59 46.79 22.67
C ALA B 319 21.73 45.86 21.84
N ILE B 320 20.77 46.42 21.12
CA ILE B 320 19.74 45.65 20.46
C ILE B 320 19.48 46.19 19.06
N GLY B 321 18.81 45.37 18.26
CA GLY B 321 18.33 45.80 16.96
C GLY B 321 19.42 45.82 15.90
N ASP B 322 19.26 46.76 14.96
CA ASP B 322 20.13 46.82 13.79
C ASP B 322 21.59 47.13 14.14
N VAL B 323 21.86 47.67 15.33
CA VAL B 323 23.24 48.00 15.68
C VAL B 323 24.03 46.80 16.17
N VAL B 324 23.41 45.62 16.31
CA VAL B 324 24.11 44.41 16.70
C VAL B 324 23.86 43.31 15.67
N ARG B 325 24.56 42.19 15.86
CA ARG B 325 24.48 41.06 14.95
C ARG B 325 23.05 40.53 14.84
N GLY B 326 22.80 39.82 13.75
CA GLY B 326 21.53 39.17 13.51
C GLY B 326 20.75 39.87 12.41
N ALA B 327 19.61 39.26 12.09
CA ALA B 327 18.76 39.79 11.02
C ALA B 327 18.36 41.22 11.34
N MET B 328 18.58 42.11 10.37
CA MET B 328 18.26 43.53 10.53
C MET B 328 16.79 43.76 10.19
N LEU B 329 15.94 43.32 11.12
CA LEU B 329 14.49 43.33 10.95
C LEU B 329 13.83 43.94 12.18
N ALA B 330 12.65 44.51 11.98
CA ALA B 330 11.97 45.22 13.06
C ALA B 330 11.50 44.27 14.15
N HIS B 331 10.97 43.10 13.79
CA HIS B 331 10.49 42.19 14.82
C HIS B 331 11.64 41.54 15.57
N LYS B 332 12.82 41.44 14.95
CA LYS B 332 14.01 41.02 15.68
C LYS B 332 14.40 42.06 16.72
N ALA B 333 14.44 43.33 16.32
CA ALA B 333 14.79 44.41 17.23
C ALA B 333 13.83 44.49 18.41
N SER B 334 12.52 44.41 18.14
CA SER B 334 11.54 44.55 19.22
CA SER B 334 11.54 44.54 19.21
C SER B 334 11.62 43.38 20.20
N GLU B 335 11.85 42.16 19.70
CA GLU B 335 11.94 41.02 20.60
C GLU B 335 13.18 41.11 21.48
N GLU B 336 14.29 41.60 20.91
CA GLU B 336 15.48 41.83 21.71
C GLU B 336 15.23 42.88 22.78
N GLY B 337 14.45 43.92 22.44
CA GLY B 337 14.10 44.93 23.42
C GLY B 337 13.29 44.36 24.58
N VAL B 338 12.33 43.48 24.28
CA VAL B 338 11.57 42.83 25.33
C VAL B 338 12.49 41.97 26.20
N MET B 339 13.36 41.18 25.55
CA MET B 339 14.26 40.32 26.31
C MET B 339 15.10 41.14 27.28
N VAL B 340 15.72 42.21 26.78
CA VAL B 340 16.62 42.99 27.61
C VAL B 340 15.88 43.63 28.79
N ALA B 341 14.70 44.18 28.54
CA ALA B 341 13.93 44.78 29.62
C ALA B 341 13.56 43.73 30.67
N GLU B 342 13.13 42.55 30.23
CA GLU B 342 12.75 41.51 31.18
C GLU B 342 13.96 41.04 31.98
N ARG B 343 15.13 40.98 31.35
CA ARG B 343 16.32 40.56 32.09
C ARG B 343 16.75 41.62 33.11
N ILE B 344 16.63 42.90 32.77
CA ILE B 344 16.92 43.95 33.75
C ILE B 344 16.01 43.81 34.96
N ALA B 345 14.76 43.42 34.73
CA ALA B 345 13.80 43.23 35.81
C ALA B 345 14.01 41.93 36.57
N GLY B 346 15.00 41.12 36.17
CA GLY B 346 15.36 39.93 36.91
C GLY B 346 14.90 38.61 36.33
N HIS B 347 14.29 38.63 35.15
CA HIS B 347 13.82 37.41 34.51
C HIS B 347 14.93 36.82 33.66
N LYS B 348 15.02 35.49 33.63
CA LYS B 348 16.02 34.81 32.81
C LYS B 348 15.50 34.66 31.37
N ALA B 349 15.14 35.80 30.79
CA ALA B 349 14.57 35.85 29.45
C ALA B 349 15.62 35.48 28.41
N GLN B 350 15.16 34.80 27.37
CA GLN B 350 16.02 34.34 26.29
C GLN B 350 15.39 34.73 24.96
N MET B 351 16.20 34.67 23.91
CA MET B 351 15.73 34.94 22.57
C MET B 351 16.02 33.73 21.68
N ASN B 352 15.02 33.35 20.89
CA ASN B 352 15.12 32.25 19.94
C ASN B 352 15.42 32.85 18.56
N TYR B 353 16.68 32.81 18.16
CA TYR B 353 17.08 33.35 16.86
C TYR B 353 16.84 32.37 15.71
N ASP B 354 16.28 31.19 15.99
CA ASP B 354 16.09 30.16 14.97
C ASP B 354 14.77 30.27 14.23
N LEU B 355 13.77 30.96 14.78
CA LEU B 355 12.44 31.00 14.18
C LEU B 355 11.99 32.43 13.86
N ILE B 356 12.93 33.28 13.48
CA ILE B 356 12.60 34.63 13.04
C ILE B 356 12.13 34.54 11.59
N PRO B 357 10.86 34.83 11.29
CA PRO B 357 10.41 34.76 9.90
C PRO B 357 10.95 35.93 9.08
N SER B 358 10.99 35.70 7.77
CA SER B 358 11.38 36.72 6.79
C SER B 358 10.20 36.93 5.84
N VAL B 359 9.96 38.18 5.46
CA VAL B 359 8.89 38.50 4.54
C VAL B 359 9.40 39.52 3.54
N ILE B 360 9.08 39.31 2.27
CA ILE B 360 9.34 40.27 1.20
C ILE B 360 7.98 40.67 0.65
N TYR B 361 7.66 41.97 0.72
CA TYR B 361 6.30 42.42 0.46
C TYR B 361 6.06 42.77 -0.99
N THR B 362 6.61 41.96 -1.89
CA THR B 362 6.16 41.95 -3.27
C THR B 362 4.74 41.41 -3.33
N HIS B 363 4.15 41.42 -4.52
CA HIS B 363 2.90 40.70 -4.76
C HIS B 363 3.11 39.87 -6.01
N PRO B 364 3.16 38.54 -5.90
CA PRO B 364 2.94 37.73 -4.69
C PRO B 364 3.97 37.96 -3.60
N GLU B 365 3.47 37.88 -2.37
CA GLU B 365 4.29 37.99 -1.18
C GLU B 365 5.20 36.77 -1.05
N ILE B 366 6.38 36.98 -0.47
CA ILE B 366 7.36 35.92 -0.25
C ILE B 366 7.63 35.89 1.25
N ALA B 367 7.64 34.69 1.84
CA ALA B 367 7.90 34.59 3.26
C ALA B 367 8.47 33.22 3.59
N TRP B 368 9.27 33.16 4.65
CA TRP B 368 9.76 31.85 5.09
C TRP B 368 10.23 31.92 6.53
N VAL B 369 10.35 30.73 7.13
CA VAL B 369 10.88 30.55 8.48
C VAL B 369 11.65 29.24 8.49
N GLY B 370 12.73 29.21 9.26
CA GLY B 370 13.54 28.01 9.29
C GLY B 370 14.50 27.93 8.11
N LYS B 371 14.91 26.70 7.82
CA LYS B 371 16.02 26.46 6.90
C LYS B 371 15.54 26.15 5.49
N THR B 372 16.37 26.55 4.52
CA THR B 372 16.13 26.26 3.12
C THR B 372 16.60 24.85 2.78
N GLU B 373 16.14 24.37 1.62
CA GLU B 373 16.58 23.05 1.17
C GLU B 373 18.09 23.03 0.95
N GLN B 374 18.64 24.10 0.37
CA GLN B 374 20.06 24.11 0.07
C GLN B 374 20.89 24.16 1.35
N THR B 375 20.42 24.89 2.37
CA THR B 375 21.12 24.91 3.65
C THR B 375 21.16 23.52 4.27
N LEU B 376 20.02 22.84 4.29
CA LEU B 376 19.97 21.51 4.90
C LEU B 376 20.82 20.53 4.13
N LYS B 377 20.88 20.66 2.81
CA LYS B 377 21.78 19.83 2.01
C LYS B 377 23.23 20.08 2.38
N ALA B 378 23.61 21.36 2.57
CA ALA B 378 24.98 21.66 2.96
C ALA B 378 25.30 21.10 4.34
N GLU B 379 24.31 21.02 5.22
CA GLU B 379 24.51 20.48 6.56
C GLU B 379 24.45 18.95 6.60
N GLY B 380 24.10 18.30 5.50
CA GLY B 380 24.01 16.85 5.48
C GLY B 380 22.78 16.27 6.13
N VAL B 381 21.70 17.05 6.24
CA VAL B 381 20.48 16.60 6.88
C VAL B 381 19.55 16.03 5.81
N GLU B 382 19.23 14.75 5.91
CA GLU B 382 18.24 14.17 5.01
C GLU B 382 16.85 14.67 5.36
N VAL B 383 16.10 15.08 4.34
CA VAL B 383 14.80 15.70 4.54
C VAL B 383 13.79 15.11 3.56
N ASN B 384 12.53 15.24 3.94
CA ASN B 384 11.40 15.04 3.03
C ASN B 384 10.75 16.40 2.78
N VAL B 385 10.39 16.65 1.52
CA VAL B 385 9.83 17.93 1.11
C VAL B 385 8.43 17.70 0.56
N GLY B 386 7.51 18.57 0.94
CA GLY B 386 6.17 18.57 0.36
C GLY B 386 5.83 19.96 -0.12
N THR B 387 5.22 20.03 -1.29
CA THR B 387 4.81 21.31 -1.85
C THR B 387 3.38 21.22 -2.33
N PHE B 388 2.71 22.37 -2.36
CA PHE B 388 1.38 22.46 -2.88
C PHE B 388 1.28 23.79 -3.62
N PRO B 389 0.85 23.79 -4.88
CA PRO B 389 0.75 25.04 -5.63
C PRO B 389 -0.60 25.71 -5.43
N PHE B 390 -0.58 27.05 -5.41
CA PHE B 390 -1.83 27.78 -5.29
C PHE B 390 -2.71 27.61 -6.51
N ALA B 391 -2.14 27.14 -7.62
CA ALA B 391 -2.96 26.80 -8.78
C ALA B 391 -3.96 25.68 -8.48
N ALA B 392 -3.73 24.91 -7.42
CA ALA B 392 -4.65 23.85 -7.02
C ALA B 392 -5.50 24.24 -5.83
N SER B 393 -5.45 25.51 -5.42
CA SER B 393 -6.22 26.01 -4.29
C SER B 393 -7.52 26.62 -4.78
N GLY B 394 -8.65 26.06 -4.31
CA GLY B 394 -9.93 26.63 -4.67
C GLY B 394 -10.10 28.06 -4.21
N ARG B 395 -9.62 28.36 -2.99
CA ARG B 395 -9.69 29.73 -2.49
C ARG B 395 -8.91 30.69 -3.38
N ALA B 396 -7.71 30.29 -3.80
CA ALA B 396 -6.87 31.14 -4.63
C ALA B 396 -7.48 31.35 -6.01
N MET B 397 -8.10 30.32 -6.58
CA MET B 397 -8.80 30.48 -7.84
C MET B 397 -9.91 31.51 -7.72
N ALA B 398 -10.73 31.40 -6.67
CA ALA B 398 -11.79 32.38 -6.45
C ALA B 398 -11.22 33.79 -6.35
N ALA B 399 -10.04 33.93 -5.74
CA ALA B 399 -9.38 35.22 -5.58
C ALA B 399 -8.69 35.71 -6.86
N ASN B 400 -8.65 34.89 -7.91
CA ASN B 400 -7.91 35.23 -9.14
C ASN B 400 -6.43 35.46 -8.86
N ASP B 401 -5.85 34.64 -7.97
CA ASP B 401 -4.46 34.86 -7.54
C ASP B 401 -3.83 33.50 -7.23
N THR B 402 -3.40 32.80 -8.29
CA THR B 402 -2.98 31.40 -8.18
C THR B 402 -1.48 31.20 -8.38
N THR B 403 -0.69 32.27 -8.44
CA THR B 403 0.75 32.11 -8.57
C THR B 403 1.34 31.61 -7.26
N GLY B 404 2.30 30.69 -7.38
CA GLY B 404 3.18 30.37 -6.26
C GLY B 404 2.89 29.02 -5.65
N LEU B 405 3.49 28.79 -4.48
CA LEU B 405 3.41 27.49 -3.83
C LEU B 405 3.74 27.63 -2.35
N VAL B 406 3.38 26.59 -1.60
CA VAL B 406 3.82 26.41 -0.22
C VAL B 406 4.76 25.22 -0.20
N LYS B 407 5.85 25.34 0.55
CA LYS B 407 6.84 24.28 0.68
C LYS B 407 7.09 24.02 2.15
N VAL B 408 6.97 22.76 2.56
CA VAL B 408 7.28 22.33 3.92
C VAL B 408 8.45 21.35 3.84
N ILE B 409 9.47 21.57 4.66
CA ILE B 409 10.64 20.72 4.74
C ILE B 409 10.67 20.06 6.12
N ALA B 410 10.78 18.74 6.15
CA ALA B 410 10.80 18.00 7.41
C ALA B 410 11.99 17.06 7.47
N ASP B 411 12.47 16.82 8.69
CA ASP B 411 13.54 15.86 8.91
C ASP B 411 13.09 14.45 8.54
N ALA B 412 13.91 13.75 7.75
CA ALA B 412 13.52 12.45 7.24
C ALA B 412 13.44 11.39 8.32
N LYS B 413 14.17 11.55 9.42
CA LYS B 413 14.16 10.56 10.49
C LYS B 413 13.07 10.84 11.53
N THR B 414 12.88 12.10 11.91
CA THR B 414 11.95 12.47 12.97
C THR B 414 10.65 13.08 12.46
N ASP B 415 10.59 13.48 11.20
CA ASP B 415 9.44 14.18 10.62
C ASP B 415 9.24 15.57 11.22
N ARG B 416 10.19 16.07 11.98
CA ARG B 416 10.09 17.43 12.53
C ARG B 416 10.19 18.45 11.39
N VAL B 417 9.28 19.43 11.40
CA VAL B 417 9.32 20.47 10.39
C VAL B 417 10.53 21.37 10.64
N LEU B 418 11.36 21.54 9.60
CA LEU B 418 12.59 22.31 9.69
C LEU B 418 12.53 23.64 8.95
N GLY B 419 11.58 23.80 8.03
CA GLY B 419 11.41 25.04 7.32
C GLY B 419 10.09 25.11 6.60
N VAL B 420 9.53 26.31 6.50
CA VAL B 420 8.31 26.56 5.74
C VAL B 420 8.56 27.77 4.86
N HIS B 421 8.25 27.63 3.57
CA HIS B 421 8.57 28.64 2.57
C HIS B 421 7.37 28.85 1.68
N VAL B 422 6.98 30.11 1.47
CA VAL B 422 5.77 30.42 0.70
C VAL B 422 6.04 31.59 -0.24
N ILE B 423 5.57 31.45 -1.48
CA ILE B 423 5.38 32.58 -2.37
C ILE B 423 3.96 32.49 -2.88
N GLY B 424 3.18 33.55 -2.65
CA GLY B 424 1.78 33.54 -3.02
C GLY B 424 0.94 34.36 -2.05
N PRO B 425 -0.38 34.30 -2.20
CA PRO B 425 -1.25 35.15 -1.39
C PRO B 425 -1.17 34.79 0.08
N SER B 426 -1.11 35.83 0.92
CA SER B 426 -1.07 35.67 2.38
C SER B 426 0.14 34.86 2.83
N ALA B 427 1.25 34.95 2.08
CA ALA B 427 2.44 34.19 2.43
C ALA B 427 2.87 34.40 3.88
N ALA B 428 2.84 35.64 4.36
CA ALA B 428 3.32 35.91 5.72
C ALA B 428 2.44 35.23 6.77
N GLU B 429 1.12 35.24 6.56
CA GLU B 429 0.23 34.60 7.51
C GLU B 429 0.39 33.09 7.52
N LEU B 430 0.62 32.49 6.34
CA LEU B 430 0.83 31.05 6.28
C LEU B 430 2.16 30.67 6.92
N VAL B 431 3.20 31.46 6.68
CA VAL B 431 4.49 31.20 7.32
C VAL B 431 4.37 31.35 8.84
N GLN B 432 3.56 32.30 9.29
CA GLN B 432 3.39 32.45 10.74
C GLN B 432 2.69 31.24 11.34
N GLN B 433 1.76 30.64 10.60
CA GLN B 433 1.18 29.37 11.02
C GLN B 433 2.26 28.31 11.16
N GLY B 434 3.12 28.18 10.15
CA GLY B 434 4.22 27.24 10.23
C GLY B 434 5.16 27.53 11.39
N ALA B 435 5.45 28.81 11.64
CA ALA B 435 6.34 29.19 12.72
C ALA B 435 5.76 28.82 14.09
N ILE B 436 4.46 29.04 14.27
CA ILE B 436 3.81 28.66 15.51
C ILE B 436 3.91 27.15 15.71
N GLY B 437 3.64 26.38 14.66
CA GLY B 437 3.83 24.94 14.75
C GLY B 437 5.25 24.57 15.12
N MET B 438 6.24 25.22 14.50
CA MET B 438 7.64 24.90 14.79
C MET B 438 8.02 25.30 16.22
N GLU B 439 7.44 26.37 16.76
CA GLU B 439 7.68 26.70 18.15
C GLU B 439 7.29 25.56 19.08
N PHE B 440 6.23 24.82 18.72
CA PHE B 440 5.76 23.70 19.50
C PHE B 440 6.37 22.37 19.04
N GLY B 441 7.36 22.41 18.15
CA GLY B 441 8.05 21.20 17.72
C GLY B 441 7.24 20.32 16.81
N THR B 442 6.37 20.91 15.98
CA THR B 442 5.46 20.13 15.16
C THR B 442 6.20 19.24 14.18
N SER B 443 5.65 18.05 13.95
CA SER B 443 6.00 17.26 12.78
C SER B 443 5.08 17.65 11.62
N ALA B 444 5.43 17.18 10.43
CA ALA B 444 4.55 17.39 9.29
C ALA B 444 3.22 16.66 9.48
N GLU B 445 3.27 15.46 10.05
CA GLU B 445 2.04 14.70 10.29
C GLU B 445 1.15 15.41 11.30
N ASP B 446 1.75 16.05 12.31
CA ASP B 446 0.96 16.86 13.24
C ASP B 446 0.13 17.90 12.50
N LEU B 447 0.77 18.68 11.62
CA LEU B 447 0.03 19.67 10.84
C LEU B 447 -1.00 19.02 9.95
N GLY B 448 -0.66 17.88 9.36
CA GLY B 448 -1.61 17.19 8.50
C GLY B 448 -2.85 16.72 9.23
N MET B 449 -2.74 16.45 10.53
CA MET B 449 -3.86 15.93 11.30
C MET B 449 -4.79 17.03 11.80
N MET B 450 -4.45 18.29 11.62
CA MET B 450 -5.29 19.38 12.12
C MET B 450 -6.38 19.73 11.12
N VAL B 451 -7.46 20.31 11.65
CA VAL B 451 -8.57 20.74 10.82
C VAL B 451 -8.30 22.16 10.35
N PHE B 452 -8.19 22.34 9.03
CA PHE B 452 -8.04 23.65 8.43
C PHE B 452 -9.36 24.06 7.79
N SER B 453 -9.77 25.31 8.04
CA SER B 453 -11.01 25.82 7.47
C SER B 453 -10.97 25.76 5.94
N HIS B 454 -12.13 25.47 5.36
CA HIS B 454 -12.30 25.47 3.91
C HIS B 454 -13.40 26.43 3.51
N PRO B 455 -13.20 27.23 2.45
CA PRO B 455 -11.99 27.38 1.64
C PRO B 455 -11.10 28.51 2.18
N THR B 456 -9.84 28.22 2.44
CA THR B 456 -8.90 29.24 2.90
C THR B 456 -7.54 28.99 2.27
N LEU B 457 -6.75 30.06 2.19
CA LEU B 457 -5.39 29.91 1.69
C LEU B 457 -4.57 29.01 2.61
N SER B 458 -4.94 28.97 3.89
CA SER B 458 -4.23 28.12 4.85
C SER B 458 -4.23 26.66 4.44
N GLU B 459 -5.23 26.23 3.68
CA GLU B 459 -5.29 24.83 3.24
C GLU B 459 -4.06 24.44 2.43
N ALA B 460 -3.42 25.40 1.76
CA ALA B 460 -2.22 25.08 1.01
C ALA B 460 -1.10 24.62 1.93
N LEU B 461 -1.01 25.19 3.13
CA LEU B 461 -0.03 24.72 4.10
C LEU B 461 -0.38 23.31 4.59
N HIS B 462 -1.67 23.07 4.87
CA HIS B 462 -2.10 21.74 5.27
C HIS B 462 -1.74 20.69 4.21
N GLU B 463 -2.05 20.98 2.95
CA GLU B 463 -1.76 20.03 1.88
C GLU B 463 -0.25 19.83 1.71
N ALA B 464 0.53 20.90 1.81
CA ALA B 464 1.97 20.76 1.69
C ALA B 464 2.52 19.88 2.80
N ALA B 465 2.02 20.05 4.02
CA ALA B 465 2.44 19.19 5.13
C ALA B 465 2.07 17.74 4.88
N LEU B 466 0.86 17.49 4.37
CA LEU B 466 0.49 16.13 4.02
C LEU B 466 1.38 15.59 2.92
N ALA B 467 1.78 16.45 1.97
CA ALA B 467 2.61 16.01 0.86
C ALA B 467 3.99 15.56 1.31
N VAL B 468 4.47 16.04 2.46
CA VAL B 468 5.77 15.62 2.97
C VAL B 468 5.85 14.10 3.00
N ASN B 469 4.79 13.46 3.47
CA ASN B 469 4.77 12.02 3.62
C ASN B 469 3.87 11.35 2.59
N GLY B 470 3.60 12.04 1.49
CA GLY B 470 3.05 11.42 0.31
C GLY B 470 1.56 11.15 0.32
N HIS B 471 0.77 11.92 1.06
CA HIS B 471 -0.67 11.74 1.04
C HIS B 471 -1.41 13.07 1.13
N ALA B 472 -0.98 14.05 0.33
CA ALA B 472 -1.86 15.17 0.04
C ALA B 472 -3.09 14.66 -0.71
N ILE B 473 -4.24 15.29 -0.44
CA ILE B 473 -5.47 14.84 -1.09
C ILE B 473 -5.61 15.42 -2.48
N HIS B 474 -5.27 16.70 -2.66
CA HIS B 474 -5.69 17.45 -3.82
C HIS B 474 -4.58 17.66 -4.85
N ILE B 475 -3.48 16.94 -4.73
CA ILE B 475 -2.50 16.83 -5.81
C ILE B 475 -1.98 15.41 -5.81
N ALA B 476 -1.45 14.99 -6.96
CA ALA B 476 -0.87 13.67 -7.05
C ALA B 476 0.39 13.62 -6.19
N ASN B 477 0.65 12.44 -5.60
CA ASN B 477 1.78 12.27 -4.72
C ASN B 477 2.86 11.41 -5.38
N SER C 5 21.28 -39.07 -48.87
CA SER C 5 21.02 -40.26 -49.67
C SER C 5 19.75 -40.97 -49.18
N GLN C 6 19.56 -42.20 -49.64
CA GLN C 6 18.39 -42.99 -49.28
C GLN C 6 18.72 -44.12 -48.32
N LYS C 7 19.94 -44.17 -47.79
CA LYS C 7 20.39 -45.25 -46.93
C LYS C 7 20.45 -44.78 -45.49
N PHE C 8 19.91 -45.58 -44.57
CA PHE C 8 19.90 -45.27 -43.15
C PHE C 8 20.26 -46.52 -42.35
N ASP C 9 20.92 -46.30 -41.20
CA ASP C 9 21.11 -47.40 -40.26
C ASP C 9 19.77 -47.80 -39.64
N VAL C 10 18.90 -46.84 -39.36
CA VAL C 10 17.63 -47.07 -38.70
C VAL C 10 16.57 -46.23 -39.38
N VAL C 11 15.46 -46.87 -39.78
CA VAL C 11 14.27 -46.18 -40.28
C VAL C 11 13.12 -46.50 -39.34
N VAL C 12 12.53 -45.45 -38.77
CA VAL C 12 11.42 -45.59 -37.82
C VAL C 12 10.14 -45.17 -38.53
N ILE C 13 9.12 -46.02 -38.46
CA ILE C 13 7.80 -45.72 -39.01
C ILE C 13 6.90 -45.31 -37.85
N GLY C 14 6.57 -44.03 -37.79
CA GLY C 14 5.74 -43.47 -36.74
C GLY C 14 6.56 -42.62 -35.79
N ALA C 15 5.97 -41.50 -35.35
CA ALA C 15 6.65 -40.56 -34.47
C ALA C 15 5.85 -40.32 -33.19
N GLY C 16 5.17 -41.34 -32.69
CA GLY C 16 4.56 -41.29 -31.39
C GLY C 16 5.59 -41.59 -30.31
N PRO C 17 5.13 -41.75 -29.06
CA PRO C 17 6.07 -42.02 -27.95
C PRO C 17 7.03 -43.16 -28.23
N GLY C 18 6.60 -44.19 -28.93
CA GLY C 18 7.51 -45.27 -29.28
C GLY C 18 8.52 -44.82 -30.30
N GLY C 19 8.02 -44.35 -31.44
CA GLY C 19 8.87 -44.08 -32.58
C GLY C 19 9.80 -42.88 -32.40
N TYR C 20 9.28 -41.77 -31.87
CA TYR C 20 10.15 -40.59 -31.80
C TYR C 20 11.21 -40.77 -30.72
N VAL C 21 10.91 -41.51 -29.65
CA VAL C 21 11.93 -41.81 -28.65
C VAL C 21 12.96 -42.79 -29.22
N ALA C 22 12.50 -43.83 -29.92
CA ALA C 22 13.44 -44.75 -30.56
C ALA C 22 14.37 -44.00 -31.51
N ALA C 23 13.82 -43.06 -32.28
CA ALA C 23 14.62 -42.33 -33.26
C ALA C 23 15.68 -41.47 -32.57
N ILE C 24 15.30 -40.74 -31.53
CA ILE C 24 16.25 -39.91 -30.80
C ILE C 24 17.35 -40.78 -30.20
N ARG C 25 16.97 -41.86 -29.53
CA ARG C 25 17.97 -42.71 -28.88
C ARG C 25 18.93 -43.30 -29.91
N ALA C 26 18.40 -43.75 -31.04
CA ALA C 26 19.27 -44.29 -32.08
C ALA C 26 20.26 -43.25 -32.57
N ALA C 27 19.80 -42.01 -32.79
CA ALA C 27 20.71 -40.95 -33.19
C ALA C 27 21.75 -40.67 -32.11
N GLN C 28 21.32 -40.66 -30.84
CA GLN C 28 22.26 -40.46 -29.75
C GLN C 28 23.35 -41.54 -29.73
N LEU C 29 23.00 -42.75 -30.14
CA LEU C 29 23.94 -43.86 -30.16
C LEU C 29 24.80 -43.89 -31.42
N GLY C 30 24.70 -42.88 -32.28
CA GLY C 30 25.54 -42.77 -33.45
C GLY C 30 25.00 -43.42 -34.70
N LEU C 31 23.73 -43.83 -34.69
CA LEU C 31 23.11 -44.48 -35.84
C LEU C 31 22.47 -43.42 -36.73
N LYS C 32 22.73 -43.51 -38.04
CA LYS C 32 22.09 -42.60 -38.98
C LYS C 32 20.61 -42.96 -39.08
N THR C 33 19.73 -42.06 -38.64
CA THR C 33 18.35 -42.41 -38.34
C THR C 33 17.37 -41.54 -39.11
N ALA C 34 16.31 -42.19 -39.61
CA ALA C 34 15.18 -41.52 -40.24
C ALA C 34 13.90 -41.89 -39.50
N CYS C 35 12.95 -40.96 -39.47
CA CYS C 35 11.64 -41.18 -38.85
C CYS C 35 10.55 -40.68 -39.79
N ILE C 36 9.58 -41.55 -40.09
CA ILE C 36 8.52 -41.28 -41.04
C ILE C 36 7.22 -41.04 -40.30
N GLU C 37 6.51 -39.96 -40.63
CA GLU C 37 5.25 -39.64 -39.98
C GLU C 37 4.29 -39.00 -40.98
N LYS C 38 3.01 -39.36 -40.87
CA LYS C 38 1.98 -38.94 -41.81
C LYS C 38 0.91 -38.04 -41.20
N TYR C 39 0.82 -37.95 -39.87
CA TYR C 39 -0.31 -37.30 -39.23
C TYR C 39 -0.29 -35.80 -39.48
N ILE C 40 -1.41 -35.26 -39.93
CA ILE C 40 -1.57 -33.83 -40.19
C ILE C 40 -2.24 -33.19 -38.98
N GLY C 41 -1.55 -32.20 -38.39
CA GLY C 41 -2.06 -31.50 -37.22
C GLY C 41 -2.95 -30.33 -37.57
N LYS C 42 -3.20 -29.49 -36.56
CA LYS C 42 -4.23 -28.45 -36.67
C LYS C 42 -3.82 -27.36 -37.66
N GLU C 43 -2.52 -27.15 -37.85
CA GLU C 43 -2.02 -26.14 -38.77
C GLU C 43 -1.94 -26.61 -40.21
N GLY C 44 -2.39 -27.83 -40.51
CA GLY C 44 -2.30 -28.35 -41.85
C GLY C 44 -0.95 -28.92 -42.24
N LYS C 45 0.00 -28.96 -41.30
CA LYS C 45 1.30 -29.57 -41.51
C LYS C 45 1.44 -30.82 -40.65
N VAL C 46 2.40 -31.66 -41.01
CA VAL C 46 2.66 -32.86 -40.21
C VAL C 46 3.00 -32.46 -38.79
N ALA C 47 2.41 -33.17 -37.84
CA ALA C 47 2.67 -32.96 -36.42
C ALA C 47 3.18 -34.27 -35.84
N LEU C 48 4.35 -34.22 -35.21
CA LEU C 48 4.91 -35.39 -34.56
C LEU C 48 4.25 -35.58 -33.20
N GLY C 49 4.59 -36.68 -32.53
CA GLY C 49 4.12 -36.94 -31.18
C GLY C 49 3.03 -37.98 -31.06
N GLY C 50 2.44 -38.39 -32.18
CA GLY C 50 1.49 -39.50 -32.17
C GLY C 50 0.21 -39.20 -31.41
N THR C 51 -0.42 -40.30 -30.96
CA THR C 51 -1.67 -40.20 -30.23
C THR C 51 -1.48 -39.42 -28.93
N CYS C 52 -0.40 -39.71 -28.23
CA CYS C 52 -0.19 -39.19 -26.88
C CYS C 52 -0.16 -37.66 -26.87
N LEU C 53 0.63 -37.06 -27.77
CA LEU C 53 0.75 -35.60 -27.75
C LEU C 53 -0.41 -34.91 -28.47
N ASN C 54 -1.01 -35.54 -29.49
CA ASN C 54 -1.98 -34.81 -30.31
C ASN C 54 -3.42 -35.02 -29.88
N VAL C 55 -3.82 -36.24 -29.54
CA VAL C 55 -5.22 -36.53 -29.26
C VAL C 55 -5.35 -37.49 -28.07
N GLY C 56 -4.34 -37.50 -27.20
CA GLY C 56 -4.29 -38.51 -26.16
C GLY C 56 -3.87 -37.98 -24.80
N CYS C 57 -2.72 -38.46 -24.32
CA CYS C 57 -2.31 -38.19 -22.94
C CYS C 57 -2.36 -36.71 -22.60
N ILE C 58 -1.67 -35.89 -23.38
CA ILE C 58 -1.44 -34.49 -23.00
C ILE C 58 -2.73 -33.70 -23.15
N PRO C 59 -3.43 -33.79 -24.27
CA PRO C 59 -4.70 -33.05 -24.36
C PRO C 59 -5.68 -33.43 -23.27
N SER C 60 -5.77 -34.72 -22.93
CA SER C 60 -6.67 -35.14 -21.86
CA SER C 60 -6.67 -35.14 -21.86
C SER C 60 -6.28 -34.52 -20.54
N LYS C 61 -4.99 -34.54 -20.21
CA LYS C 61 -4.54 -34.01 -18.93
C LYS C 61 -4.74 -32.49 -18.87
N ALA C 62 -4.57 -31.80 -19.99
CA ALA C 62 -4.82 -30.36 -20.02
C ALA C 62 -6.27 -30.07 -19.67
N LEU C 63 -7.22 -30.80 -20.27
CA LEU C 63 -8.63 -30.57 -19.96
C LEU C 63 -8.99 -31.05 -18.57
N LEU C 64 -8.35 -32.13 -18.10
CA LEU C 64 -8.58 -32.57 -16.73
C LEU C 64 -8.13 -31.51 -15.72
N ASP C 65 -6.97 -30.90 -15.97
CA ASP C 65 -6.46 -29.89 -15.05
C ASP C 65 -7.33 -28.63 -15.05
N SER C 66 -7.70 -28.14 -16.23
CA SER C 66 -8.56 -26.97 -16.30
C SER C 66 -9.91 -27.22 -15.65
N SER C 67 -10.55 -28.35 -16.00
CA SER C 67 -11.88 -28.63 -15.46
C SER C 67 -11.82 -28.85 -13.95
N TYR C 68 -10.73 -29.43 -13.44
CA TYR C 68 -10.63 -29.60 -11.99
C TYR C 68 -10.49 -28.26 -11.29
N LYS C 69 -9.71 -27.34 -11.84
CA LYS C 69 -9.55 -26.04 -11.21
C LYS C 69 -10.88 -25.30 -11.15
N TYR C 70 -11.66 -25.39 -12.24
CA TYR C 70 -13.01 -24.81 -12.22
C TYR C 70 -13.87 -25.49 -11.16
N HIS C 71 -13.85 -26.83 -11.13
CA HIS C 71 -14.68 -27.55 -10.18
C HIS C 71 -14.34 -27.19 -8.74
N GLU C 72 -13.04 -27.11 -8.42
CA GLU C 72 -12.64 -26.78 -7.05
C GLU C 72 -13.08 -25.36 -6.70
N ALA C 73 -12.90 -24.41 -7.62
CA ALA C 73 -13.36 -23.05 -7.37
C ALA C 73 -14.86 -22.99 -7.13
N LYS C 74 -15.63 -23.84 -7.81
CA LYS C 74 -17.08 -23.79 -7.69
C LYS C 74 -17.59 -24.48 -6.43
N GLU C 75 -16.92 -25.55 -5.98
CA GLU C 75 -17.49 -26.43 -4.96
C GLU C 75 -16.63 -26.59 -3.72
N ALA C 76 -15.38 -26.11 -3.71
CA ALA C 76 -14.48 -26.42 -2.61
C ALA C 76 -13.58 -25.24 -2.26
N PHE C 77 -14.08 -24.02 -2.44
CA PHE C 77 -13.35 -22.82 -2.07
C PHE C 77 -13.83 -22.20 -0.77
N LYS C 78 -15.12 -22.35 -0.45
CA LYS C 78 -15.69 -21.65 0.70
C LYS C 78 -15.01 -22.05 2.01
N VAL C 79 -14.63 -23.32 2.15
CA VAL C 79 -14.04 -23.78 3.39
C VAL C 79 -12.71 -23.08 3.67
N HIS C 80 -12.04 -22.59 2.62
CA HIS C 80 -10.80 -21.84 2.77
C HIS C 80 -11.03 -20.37 3.11
N GLY C 81 -12.28 -19.93 3.16
CA GLY C 81 -12.57 -18.52 3.25
C GLY C 81 -12.55 -17.81 1.91
N ILE C 82 -12.45 -18.55 0.82
CA ILE C 82 -12.36 -17.95 -0.51
C ILE C 82 -13.77 -17.85 -1.06
N GLU C 83 -14.18 -16.63 -1.41
CA GLU C 83 -15.48 -16.40 -1.99
C GLU C 83 -15.27 -16.12 -3.47
N ALA C 84 -15.90 -16.94 -4.31
CA ALA C 84 -15.81 -16.80 -5.75
C ALA C 84 -17.20 -16.43 -6.24
N LYS C 85 -17.37 -15.17 -6.64
CA LYS C 85 -18.64 -14.66 -7.12
C LYS C 85 -18.86 -15.11 -8.56
N GLY C 86 -19.62 -16.19 -8.73
CA GLY C 86 -20.09 -16.56 -10.05
C GLY C 86 -18.94 -16.93 -10.96
N VAL C 87 -18.41 -18.11 -10.78
CA VAL C 87 -17.30 -18.59 -11.59
C VAL C 87 -17.87 -19.25 -12.83
N THR C 88 -17.27 -18.95 -13.97
CA THR C 88 -17.68 -19.54 -15.23
C THR C 88 -16.43 -20.05 -15.95
N ILE C 89 -16.67 -20.95 -16.89
CA ILE C 89 -15.63 -21.54 -17.72
C ILE C 89 -16.09 -21.37 -19.17
N ASP C 90 -15.21 -20.84 -20.01
CA ASP C 90 -15.48 -20.69 -21.42
C ASP C 90 -14.86 -21.89 -22.14
N VAL C 91 -15.70 -22.82 -22.59
CA VAL C 91 -15.19 -24.05 -23.19
C VAL C 91 -14.29 -23.76 -24.39
N PRO C 92 -14.64 -22.87 -25.32
CA PRO C 92 -13.71 -22.58 -26.42
C PRO C 92 -12.33 -22.14 -25.95
N ALA C 93 -12.27 -21.30 -24.91
CA ALA C 93 -10.97 -20.86 -24.41
C ALA C 93 -10.21 -22.01 -23.75
N MET C 94 -10.92 -22.86 -23.00
CA MET C 94 -10.28 -24.01 -22.39
C MET C 94 -9.68 -24.93 -23.45
N VAL C 95 -10.44 -25.19 -24.53
CA VAL C 95 -9.94 -26.07 -25.59
C VAL C 95 -8.79 -25.40 -26.32
N ALA C 96 -8.82 -24.08 -26.47
CA ALA C 96 -7.74 -23.38 -27.16
C ALA C 96 -6.43 -23.46 -26.40
N ARG C 97 -6.48 -23.39 -25.06
CA ARG C 97 -5.26 -23.57 -24.28
C ARG C 97 -4.66 -24.94 -24.55
N LYS C 98 -5.52 -25.97 -24.52
CA LYS C 98 -5.06 -27.33 -24.84
C LYS C 98 -4.43 -27.37 -26.22
N ALA C 99 -5.07 -26.76 -27.22
CA ALA C 99 -4.55 -26.79 -28.58
C ALA C 99 -3.18 -26.11 -28.66
N ASN C 100 -2.99 -25.02 -27.92
CA ASN C 100 -1.70 -24.32 -27.94
C ASN C 100 -0.60 -25.17 -27.31
N ILE C 101 -0.93 -25.87 -26.23
CA ILE C 101 0.04 -26.77 -25.61
C ILE C 101 0.44 -27.88 -26.58
N VAL C 102 -0.54 -28.46 -27.25
CA VAL C 102 -0.25 -29.49 -28.26
C VAL C 102 0.69 -28.93 -29.31
N LYS C 103 0.37 -27.73 -29.81
CA LYS C 103 1.22 -27.11 -30.83
C LYS C 103 2.65 -26.98 -30.36
N ASN C 104 2.84 -26.46 -29.14
CA ASN C 104 4.19 -26.24 -28.62
C ASN C 104 4.93 -27.56 -28.45
N LEU C 105 4.27 -28.58 -27.89
CA LEU C 105 4.96 -29.83 -27.62
C LEU C 105 5.28 -30.59 -28.90
N THR C 106 4.36 -30.62 -29.87
CA THR C 106 4.67 -31.28 -31.13
C THR C 106 5.82 -30.57 -31.83
N GLY C 107 5.84 -29.24 -31.79
CA GLY C 107 6.97 -28.51 -32.32
C GLY C 107 8.26 -28.83 -31.59
N GLY C 108 8.17 -29.08 -30.28
CA GLY C 108 9.37 -29.43 -29.53
C GLY C 108 9.99 -30.74 -29.97
N ILE C 109 9.17 -31.69 -30.40
CA ILE C 109 9.72 -32.95 -30.92
C ILE C 109 10.54 -32.68 -32.18
N ALA C 110 10.03 -31.80 -33.05
CA ALA C 110 10.79 -31.46 -34.25
C ALA C 110 12.12 -30.81 -33.88
N THR C 111 12.12 -29.97 -32.84
CA THR C 111 13.37 -29.36 -32.39
C THR C 111 14.34 -30.42 -31.87
N LEU C 112 13.84 -31.41 -31.13
CA LEU C 112 14.72 -32.48 -30.64
C LEU C 112 15.27 -33.31 -31.78
N PHE C 113 14.44 -33.60 -32.79
CA PHE C 113 14.92 -34.32 -33.96
C PHE C 113 16.07 -33.58 -34.62
N LYS C 114 15.92 -32.26 -34.78
CA LYS C 114 16.98 -31.46 -35.40
C LYS C 114 18.24 -31.45 -34.55
N ALA C 115 18.07 -31.30 -33.22
CA ALA C 115 19.23 -31.26 -32.34
C ALA C 115 19.97 -32.58 -32.33
N ASN C 116 19.27 -33.70 -32.52
CA ASN C 116 19.91 -35.02 -32.49
C ASN C 116 20.27 -35.54 -33.87
N GLY C 117 19.92 -34.82 -34.94
CA GLY C 117 20.27 -35.24 -36.27
C GLY C 117 19.36 -36.29 -36.88
N VAL C 118 18.13 -36.41 -36.39
CA VAL C 118 17.15 -37.32 -36.98
C VAL C 118 16.60 -36.69 -38.26
N THR C 119 16.59 -37.46 -39.34
CA THR C 119 16.00 -37.01 -40.60
C THR C 119 14.52 -37.33 -40.62
N SER C 120 13.70 -36.32 -40.85
CA SER C 120 12.25 -36.48 -40.90
C SER C 120 11.79 -36.66 -42.34
N PHE C 121 10.91 -37.63 -42.54
CA PHE C 121 10.17 -37.78 -43.79
C PHE C 121 8.70 -37.62 -43.48
N GLU C 122 8.00 -36.86 -44.31
CA GLU C 122 6.58 -36.63 -44.14
C GLU C 122 5.83 -37.49 -45.14
N GLY C 123 5.02 -38.40 -44.63
CA GLY C 123 4.20 -39.25 -45.47
C GLY C 123 4.01 -40.62 -44.86
N HIS C 124 3.51 -41.52 -45.69
CA HIS C 124 3.16 -42.88 -45.28
C HIS C 124 4.31 -43.82 -45.60
N GLY C 125 4.77 -44.55 -44.58
CA GLY C 125 5.80 -45.56 -44.75
C GLY C 125 5.20 -46.96 -44.87
N LYS C 126 5.78 -47.76 -45.76
CA LYS C 126 5.36 -49.14 -45.93
C LYS C 126 6.60 -50.01 -46.03
N LEU C 127 6.65 -51.06 -45.22
CA LEU C 127 7.77 -51.99 -45.20
C LEU C 127 7.67 -53.00 -46.34
N LEU C 128 8.73 -53.07 -47.16
CA LEU C 128 8.85 -54.08 -48.20
C LEU C 128 9.79 -55.19 -47.74
N ALA C 129 10.06 -56.14 -48.63
CA ALA C 129 11.04 -57.17 -48.35
C ALA C 129 12.43 -56.55 -48.18
N ASN C 130 13.28 -57.25 -47.42
CA ASN C 130 14.70 -56.90 -47.32
C ASN C 130 14.89 -55.50 -46.74
N LYS C 131 13.99 -55.12 -45.83
CA LYS C 131 14.15 -53.90 -45.04
C LYS C 131 14.13 -52.64 -45.90
N GLN C 132 13.48 -52.71 -47.07
CA GLN C 132 13.22 -51.50 -47.85
C GLN C 132 11.92 -50.88 -47.36
N VAL C 133 11.90 -49.56 -47.27
CA VAL C 133 10.75 -48.82 -46.77
C VAL C 133 10.32 -47.83 -47.84
N GLU C 134 9.11 -47.99 -48.34
CA GLU C 134 8.53 -47.07 -49.31
C GLU C 134 7.84 -45.94 -48.58
N VAL C 135 8.20 -44.71 -48.90
CA VAL C 135 7.59 -43.52 -48.32
C VAL C 135 6.77 -42.82 -49.40
N THR C 136 5.46 -42.73 -49.16
CA THR C 136 4.57 -41.98 -50.05
C THR C 136 4.41 -40.58 -49.45
N GLY C 137 4.95 -39.58 -50.14
CA GLY C 137 4.94 -38.21 -49.67
C GLY C 137 3.55 -37.59 -49.71
N LEU C 138 3.45 -36.41 -49.09
CA LEU C 138 2.19 -35.69 -49.07
C LEU C 138 1.72 -35.26 -50.46
N ASP C 139 2.64 -35.17 -51.42
CA ASP C 139 2.28 -34.92 -52.81
C ASP C 139 1.99 -36.21 -53.58
N GLY C 140 1.97 -37.35 -52.90
CA GLY C 140 1.66 -38.61 -53.53
C GLY C 140 2.83 -39.32 -54.19
N LYS C 141 4.00 -38.69 -54.26
CA LYS C 141 5.18 -39.32 -54.85
C LYS C 141 5.80 -40.33 -53.89
N THR C 142 6.34 -41.40 -54.44
CA THR C 142 6.98 -42.45 -53.65
C THR C 142 8.49 -42.40 -53.81
N GLN C 143 9.18 -42.82 -52.75
CA GLN C 143 10.61 -43.06 -52.75
C GLN C 143 10.87 -44.23 -51.83
N VAL C 144 12.00 -44.91 -52.04
CA VAL C 144 12.39 -46.08 -51.25
C VAL C 144 13.62 -45.73 -50.41
N LEU C 145 13.53 -46.03 -49.12
CA LEU C 145 14.67 -45.91 -48.22
C LEU C 145 15.25 -47.30 -47.97
N GLU C 146 16.57 -47.41 -48.01
CA GLU C 146 17.28 -48.65 -47.70
C GLU C 146 17.68 -48.62 -46.24
N ALA C 147 17.12 -49.53 -45.43
CA ALA C 147 17.32 -49.53 -43.99
C ALA C 147 18.15 -50.75 -43.57
N GLU C 148 19.13 -50.52 -42.71
CA GLU C 148 19.79 -51.64 -42.05
C GLU C 148 18.91 -52.24 -40.97
N ASN C 149 18.10 -51.41 -40.32
CA ASN C 149 17.15 -51.83 -39.30
C ASN C 149 15.89 -51.00 -39.47
N VAL C 150 14.73 -51.62 -39.22
CA VAL C 150 13.45 -50.93 -39.27
C VAL C 150 12.77 -51.08 -37.91
N ILE C 151 12.25 -49.97 -37.39
CA ILE C 151 11.48 -49.98 -36.16
C ILE C 151 10.06 -49.54 -36.53
N ILE C 152 9.11 -50.46 -36.37
CA ILE C 152 7.71 -50.21 -36.67
C ILE C 152 7.03 -49.71 -35.40
N ALA C 153 6.46 -48.51 -35.47
CA ALA C 153 5.83 -47.89 -34.31
C ALA C 153 4.55 -47.17 -34.76
N SER C 154 3.65 -47.94 -35.40
CA SER C 154 2.49 -47.39 -36.08
C SER C 154 1.28 -47.15 -35.16
N GLY C 155 1.33 -47.59 -33.91
CA GLY C 155 0.34 -47.17 -32.93
C GLY C 155 -1.00 -47.86 -33.05
N SER C 156 -2.05 -47.15 -32.63
CA SER C 156 -3.38 -47.72 -32.48
C SER C 156 -4.43 -46.69 -32.87
N ARG C 157 -5.69 -47.13 -32.84
CA ARG C 157 -6.83 -46.26 -33.10
C ARG C 157 -8.00 -46.78 -32.27
N PRO C 158 -9.05 -45.97 -32.09
CA PRO C 158 -10.18 -46.42 -31.26
C PRO C 158 -10.88 -47.63 -31.87
N VAL C 159 -11.35 -48.53 -30.99
CA VAL C 159 -12.23 -49.60 -31.41
C VAL C 159 -13.58 -49.01 -31.80
N GLU C 160 -14.17 -49.55 -32.85
CA GLU C 160 -15.49 -49.17 -33.32
C GLU C 160 -16.46 -50.32 -33.06
N ILE C 161 -17.71 -49.99 -32.78
CA ILE C 161 -18.73 -51.02 -32.54
C ILE C 161 -19.97 -50.73 -33.37
N PRO C 162 -20.60 -51.75 -33.95
CA PRO C 162 -21.73 -51.51 -34.87
C PRO C 162 -22.88 -50.76 -34.20
N PRO C 163 -23.22 -51.07 -32.95
CA PRO C 163 -24.37 -50.39 -32.33
C PRO C 163 -24.21 -48.88 -32.20
N ALA C 164 -22.98 -48.35 -32.26
CA ALA C 164 -22.73 -46.92 -32.01
C ALA C 164 -21.65 -46.44 -32.97
N PRO C 165 -21.96 -46.34 -34.26
CA PRO C 165 -20.99 -45.82 -35.21
C PRO C 165 -20.83 -44.32 -35.05
N LEU C 166 -19.60 -43.83 -35.27
CA LEU C 166 -19.37 -42.40 -35.23
C LEU C 166 -20.25 -41.70 -36.26
N THR C 167 -20.88 -40.62 -35.83
CA THR C 167 -21.89 -39.94 -36.63
C THR C 167 -21.78 -38.44 -36.41
N ASP C 168 -21.49 -37.71 -37.49
CA ASP C 168 -21.44 -36.24 -37.47
C ASP C 168 -20.60 -35.83 -36.25
N ASP C 169 -21.11 -34.98 -35.36
CA ASP C 169 -20.42 -34.60 -34.13
C ASP C 169 -21.20 -35.06 -32.91
N ILE C 170 -22.12 -36.01 -33.08
CA ILE C 170 -23.00 -36.45 -32.02
C ILE C 170 -22.50 -37.75 -31.39
N ILE C 171 -22.05 -38.70 -32.20
CA ILE C 171 -21.40 -39.91 -31.71
C ILE C 171 -19.93 -39.78 -32.07
N VAL C 172 -19.07 -39.68 -31.06
CA VAL C 172 -17.66 -39.39 -31.25
C VAL C 172 -16.84 -40.41 -30.47
N ASP C 173 -15.55 -40.46 -30.80
CA ASP C 173 -14.58 -41.20 -29.99
C ASP C 173 -13.79 -40.20 -29.14
N SER C 174 -12.68 -40.66 -28.55
CA SER C 174 -11.93 -39.80 -27.64
C SER C 174 -11.42 -38.54 -28.34
N THR C 175 -11.10 -38.60 -29.63
CA THR C 175 -10.61 -37.43 -30.33
C THR C 175 -11.68 -36.33 -30.37
N GLY C 176 -12.90 -36.69 -30.76
CA GLY C 176 -13.98 -35.71 -30.74
C GLY C 176 -14.32 -35.22 -29.36
N ALA C 177 -14.18 -36.09 -28.34
CA ALA C 177 -14.50 -35.70 -26.97
C ALA C 177 -13.54 -34.66 -26.42
N LEU C 178 -12.37 -34.51 -27.04
CA LEU C 178 -11.41 -33.47 -26.65
C LEU C 178 -11.63 -32.17 -27.41
N GLU C 179 -12.69 -32.10 -28.22
CA GLU C 179 -12.93 -30.96 -29.10
C GLU C 179 -14.30 -30.34 -28.95
N PHE C 180 -15.13 -30.79 -27.99
CA PHE C 180 -16.41 -30.14 -27.78
C PHE C 180 -16.19 -28.65 -27.59
N GLN C 181 -17.03 -27.84 -28.23
CA GLN C 181 -16.97 -26.40 -28.10
C GLN C 181 -18.00 -25.86 -27.12
N ALA C 182 -18.81 -26.75 -26.53
CA ALA C 182 -19.77 -26.38 -25.51
C ALA C 182 -19.98 -27.60 -24.63
N VAL C 183 -20.35 -27.35 -23.37
CA VAL C 183 -20.58 -28.46 -22.46
C VAL C 183 -21.83 -29.20 -22.93
N PRO C 184 -21.74 -30.50 -23.23
CA PRO C 184 -22.97 -31.23 -23.56
C PRO C 184 -23.85 -31.34 -22.33
N LYS C 185 -25.15 -31.04 -22.51
CA LYS C 185 -26.07 -31.05 -21.39
C LYS C 185 -26.23 -32.46 -20.84
N LYS C 186 -26.45 -33.43 -21.72
CA LYS C 186 -26.52 -34.83 -21.36
C LYS C 186 -25.47 -35.56 -22.18
N LEU C 187 -24.55 -36.22 -21.50
CA LEU C 187 -23.41 -36.88 -22.13
C LEU C 187 -23.50 -38.37 -21.83
N GLY C 188 -23.48 -39.17 -22.89
CA GLY C 188 -23.40 -40.62 -22.76
C GLY C 188 -21.99 -41.09 -23.04
N VAL C 189 -21.57 -42.12 -22.34
CA VAL C 189 -20.28 -42.75 -22.54
C VAL C 189 -20.47 -44.26 -22.57
N ILE C 190 -19.97 -44.89 -23.63
CA ILE C 190 -19.93 -46.34 -23.70
C ILE C 190 -18.53 -46.77 -23.31
N GLY C 191 -18.43 -47.49 -22.19
CA GLY C 191 -17.16 -47.94 -21.67
C GLY C 191 -16.76 -47.18 -20.43
N ALA C 192 -16.68 -47.87 -19.30
CA ALA C 192 -16.20 -47.29 -18.06
C ALA C 192 -14.74 -47.63 -17.82
N GLY C 193 -13.95 -47.61 -18.89
CA GLY C 193 -12.51 -47.70 -18.80
C GLY C 193 -11.89 -46.35 -18.53
N VAL C 194 -10.58 -46.30 -18.70
CA VAL C 194 -9.84 -45.10 -18.29
C VAL C 194 -10.27 -43.89 -19.12
N ILE C 195 -10.47 -44.06 -20.43
CA ILE C 195 -10.92 -42.93 -21.24
C ILE C 195 -12.31 -42.49 -20.81
N GLY C 196 -13.23 -43.43 -20.68
CA GLY C 196 -14.59 -43.07 -20.28
C GLY C 196 -14.63 -42.34 -18.95
N LEU C 197 -13.83 -42.78 -17.99
CA LEU C 197 -13.84 -42.15 -16.68
C LEU C 197 -13.15 -40.79 -16.72
N GLU C 198 -12.03 -40.68 -17.46
CA GLU C 198 -11.32 -39.41 -17.52
C GLU C 198 -12.12 -38.36 -18.29
N LEU C 199 -12.57 -38.69 -19.49
CA LEU C 199 -13.29 -37.71 -20.29
C LEU C 199 -14.70 -37.46 -19.75
N GLY C 200 -15.33 -38.50 -19.18
CA GLY C 200 -16.57 -38.27 -18.47
C GLY C 200 -16.40 -37.29 -17.33
N SER C 201 -15.27 -37.39 -16.60
CA SER C 201 -15.01 -36.49 -15.49
C SER C 201 -14.86 -35.05 -15.98
N VAL C 202 -14.12 -34.84 -17.07
CA VAL C 202 -13.92 -33.49 -17.60
C VAL C 202 -15.27 -32.80 -17.75
N TRP C 203 -16.19 -33.42 -18.48
CA TRP C 203 -17.42 -32.74 -18.85
C TRP C 203 -18.43 -32.74 -17.70
N ALA C 204 -18.41 -33.76 -16.84
CA ALA C 204 -19.23 -33.72 -15.63
C ALA C 204 -18.87 -32.51 -14.77
N ARG C 205 -17.57 -32.23 -14.65
CA ARG C 205 -17.14 -31.10 -13.82
C ARG C 205 -17.67 -29.78 -14.35
N LEU C 206 -17.87 -29.67 -15.66
CA LEU C 206 -18.36 -28.45 -16.26
C LEU C 206 -19.88 -28.39 -16.37
N GLY C 207 -20.59 -29.38 -15.81
CA GLY C 207 -22.03 -29.32 -15.71
C GLY C 207 -22.78 -30.38 -16.50
N ALA C 208 -22.09 -31.20 -17.29
CA ALA C 208 -22.79 -32.23 -18.05
C ALA C 208 -23.33 -33.30 -17.11
N GLU C 209 -24.52 -33.80 -17.42
CA GLU C 209 -25.09 -34.96 -16.73
C GLU C 209 -24.66 -36.21 -17.48
N VAL C 210 -23.81 -37.01 -16.85
CA VAL C 210 -23.05 -38.07 -17.53
C VAL C 210 -23.57 -39.43 -17.10
N THR C 211 -23.82 -40.29 -18.08
CA THR C 211 -24.12 -41.70 -17.86
C THR C 211 -23.07 -42.53 -18.59
N VAL C 212 -22.48 -43.49 -17.89
CA VAL C 212 -21.45 -44.37 -18.45
C VAL C 212 -22.00 -45.79 -18.46
N LEU C 213 -22.04 -46.39 -19.66
CA LEU C 213 -22.56 -47.73 -19.84
C LEU C 213 -21.40 -48.71 -20.00
N GLU C 214 -21.25 -49.62 -19.05
CA GLU C 214 -20.14 -50.56 -18.99
C GLU C 214 -20.66 -51.98 -19.16
N ALA C 215 -20.09 -52.72 -20.11
CA ALA C 215 -20.58 -54.05 -20.41
C ALA C 215 -20.31 -55.03 -19.28
N LEU C 216 -19.16 -54.91 -18.62
CA LEU C 216 -18.78 -55.87 -17.59
C LEU C 216 -19.51 -55.60 -16.28
N ASP C 217 -19.67 -56.67 -15.49
CA ASP C 217 -20.25 -56.52 -14.16
C ASP C 217 -19.26 -55.95 -13.17
N LYS C 218 -17.96 -56.12 -13.41
CA LYS C 218 -16.92 -55.73 -12.46
C LYS C 218 -16.28 -54.42 -12.91
N PHE C 219 -16.18 -53.47 -11.99
CA PHE C 219 -15.58 -52.17 -12.26
C PHE C 219 -14.06 -52.23 -12.10
N LEU C 220 -13.36 -51.63 -13.06
CA LEU C 220 -11.89 -51.57 -13.10
C LEU C 220 -11.26 -52.90 -12.67
N PRO C 221 -11.50 -53.98 -13.42
CA PRO C 221 -11.01 -55.30 -12.98
C PRO C 221 -9.50 -55.40 -12.85
N ALA C 222 -8.72 -54.57 -13.55
CA ALA C 222 -7.27 -54.63 -13.40
C ALA C 222 -6.79 -53.98 -12.12
N ALA C 223 -7.59 -53.11 -11.51
CA ALA C 223 -7.21 -52.46 -10.28
C ALA C 223 -7.47 -53.38 -9.09
N ASP C 224 -6.81 -53.06 -7.98
CA ASP C 224 -7.10 -53.76 -6.73
C ASP C 224 -8.57 -53.54 -6.36
N GLU C 225 -9.23 -54.62 -5.93
CA GLU C 225 -10.67 -54.55 -5.70
C GLU C 225 -11.04 -53.48 -4.68
N GLN C 226 -10.25 -53.35 -3.62
CA GLN C 226 -10.54 -52.33 -2.62
C GLN C 226 -10.43 -50.93 -3.23
N ILE C 227 -9.41 -50.70 -4.04
CA ILE C 227 -9.27 -49.42 -4.74
C ILE C 227 -10.46 -49.20 -5.67
N ALA C 228 -10.82 -50.21 -6.44
CA ALA C 228 -11.90 -50.06 -7.42
C ALA C 228 -13.22 -49.76 -6.73
N LYS C 229 -13.47 -50.41 -5.59
CA LYS C 229 -14.71 -50.16 -4.85
C LYS C 229 -14.78 -48.70 -4.40
N GLU C 230 -13.67 -48.18 -3.86
CA GLU C 230 -13.65 -46.78 -3.44
C GLU C 230 -13.80 -45.85 -4.65
N ALA C 231 -13.17 -46.20 -5.77
CA ALA C 231 -13.27 -45.36 -6.96
C ALA C 231 -14.71 -45.29 -7.46
N LEU C 232 -15.41 -46.43 -7.51
CA LEU C 232 -16.79 -46.41 -7.98
C LEU C 232 -17.67 -45.55 -7.09
N LYS C 233 -17.49 -45.65 -5.78
CA LYS C 233 -18.28 -44.88 -4.84
C LYS C 233 -18.04 -43.38 -5.04
N VAL C 234 -16.77 -42.98 -5.12
CA VAL C 234 -16.43 -41.56 -5.21
C VAL C 234 -16.84 -40.99 -6.56
N LEU C 235 -16.54 -41.71 -7.64
CA LEU C 235 -16.86 -41.20 -8.97
C LEU C 235 -18.37 -41.12 -9.18
N THR C 236 -19.13 -42.05 -8.62
CA THR C 236 -20.59 -41.95 -8.69
C THR C 236 -21.09 -40.71 -7.96
N LYS C 237 -20.52 -40.41 -6.80
CA LYS C 237 -20.90 -39.22 -6.06
C LYS C 237 -20.57 -37.95 -6.84
N GLN C 238 -19.51 -37.97 -7.64
CA GLN C 238 -19.11 -36.82 -8.44
C GLN C 238 -20.00 -36.61 -9.67
N GLY C 239 -20.95 -37.49 -9.93
CA GLY C 239 -21.89 -37.31 -11.02
C GLY C 239 -21.69 -38.24 -12.20
N LEU C 240 -20.76 -39.18 -12.13
CA LEU C 240 -20.66 -40.21 -13.16
C LEU C 240 -21.64 -41.32 -12.80
N ASN C 241 -22.74 -41.40 -13.55
CA ASN C 241 -23.73 -42.44 -13.36
C ASN C 241 -23.24 -43.68 -14.10
N ILE C 242 -22.44 -44.48 -13.42
CA ILE C 242 -21.82 -45.66 -14.01
C ILE C 242 -22.76 -46.84 -13.88
N ARG C 243 -23.18 -47.39 -15.01
CA ARG C 243 -24.12 -48.50 -15.06
C ARG C 243 -23.34 -49.75 -15.47
N LEU C 244 -23.17 -50.69 -14.54
CA LEU C 244 -22.44 -51.92 -14.82
C LEU C 244 -23.38 -52.98 -15.39
N GLY C 245 -22.81 -53.92 -16.14
CA GLY C 245 -23.60 -54.96 -16.75
C GLY C 245 -24.60 -54.45 -17.76
N ALA C 246 -24.25 -53.42 -18.51
CA ALA C 246 -25.13 -52.79 -19.49
C ALA C 246 -24.65 -53.14 -20.89
N ARG C 247 -25.48 -53.85 -21.65
CA ARG C 247 -25.12 -54.32 -22.99
C ARG C 247 -25.79 -53.42 -24.02
N VAL C 248 -24.99 -52.55 -24.65
CA VAL C 248 -25.52 -51.65 -25.67
C VAL C 248 -25.82 -52.45 -26.93
N THR C 249 -27.03 -52.27 -27.46
CA THR C 249 -27.47 -53.02 -28.63
C THR C 249 -27.83 -52.17 -29.84
N ALA C 250 -28.07 -50.87 -29.67
CA ALA C 250 -28.46 -50.03 -30.80
C ALA C 250 -28.40 -48.57 -30.37
N SER C 251 -28.35 -47.69 -31.38
CA SER C 251 -28.47 -46.26 -31.16
C SER C 251 -29.23 -45.64 -32.32
N GLU C 252 -29.74 -44.43 -32.08
CA GLU C 252 -30.50 -43.70 -33.09
C GLU C 252 -30.27 -42.22 -32.89
N VAL C 253 -29.93 -41.52 -33.97
CA VAL C 253 -29.69 -40.08 -33.94
C VAL C 253 -30.89 -39.39 -34.57
N LYS C 254 -31.41 -38.38 -33.87
CA LYS C 254 -32.53 -37.59 -34.38
C LYS C 254 -32.65 -36.33 -33.54
N LYS C 255 -32.90 -35.20 -34.20
CA LYS C 255 -33.10 -33.94 -33.49
C LYS C 255 -31.85 -33.55 -32.70
N LYS C 256 -30.69 -33.76 -33.31
CA LYS C 256 -29.40 -33.40 -32.71
C LYS C 256 -29.20 -34.08 -31.36
N GLN C 257 -29.79 -35.27 -31.21
CA GLN C 257 -29.63 -36.09 -30.01
C GLN C 257 -29.48 -37.54 -30.43
N VAL C 258 -29.00 -38.36 -29.49
CA VAL C 258 -28.81 -39.78 -29.75
C VAL C 258 -29.45 -40.58 -28.61
N THR C 259 -30.29 -41.55 -28.97
CA THR C 259 -30.93 -42.45 -28.02
C THR C 259 -30.25 -43.81 -28.09
N VAL C 260 -29.78 -44.29 -26.94
CA VAL C 260 -29.06 -45.56 -26.84
C VAL C 260 -29.99 -46.60 -26.23
N THR C 261 -30.04 -47.78 -26.85
CA THR C 261 -30.77 -48.91 -26.31
C THR C 261 -29.76 -49.91 -25.73
N PHE C 262 -30.01 -50.36 -24.50
CA PHE C 262 -29.10 -51.30 -23.86
C PHE C 262 -29.89 -52.18 -22.90
N THR C 263 -29.31 -53.33 -22.60
CA THR C 263 -29.90 -54.31 -21.68
C THR C 263 -29.08 -54.36 -20.40
N ASP C 264 -29.77 -54.31 -19.26
CA ASP C 264 -29.13 -54.48 -17.97
C ASP C 264 -29.90 -55.55 -17.22
N ALA C 265 -29.69 -55.63 -15.90
CA ALA C 265 -30.33 -56.66 -15.09
C ALA C 265 -31.84 -56.57 -15.14
N ASN C 266 -32.40 -55.37 -15.36
CA ASN C 266 -33.83 -55.16 -15.33
C ASN C 266 -34.46 -55.13 -16.73
N GLY C 267 -33.75 -55.60 -17.74
CA GLY C 267 -34.28 -55.68 -19.09
C GLY C 267 -33.80 -54.56 -19.98
N GLU C 268 -34.57 -54.33 -21.04
CA GLU C 268 -34.19 -53.33 -22.03
C GLU C 268 -34.42 -51.93 -21.49
N GLN C 269 -33.45 -51.05 -21.75
CA GLN C 269 -33.49 -49.67 -21.31
C GLN C 269 -33.20 -48.77 -22.50
N LYS C 270 -33.61 -47.51 -22.38
CA LYS C 270 -33.31 -46.49 -23.37
C LYS C 270 -32.90 -45.22 -22.63
N GLU C 271 -31.91 -44.52 -23.18
CA GLU C 271 -31.51 -43.24 -22.62
C GLU C 271 -31.05 -42.34 -23.77
N THR C 272 -31.37 -41.06 -23.66
CA THR C 272 -31.10 -40.09 -24.70
C THR C 272 -30.01 -39.12 -24.24
N PHE C 273 -29.12 -38.76 -25.16
CA PHE C 273 -28.00 -37.89 -24.85
C PHE C 273 -27.85 -36.85 -25.95
N ASP C 274 -27.19 -35.75 -25.62
CA ASP C 274 -26.82 -34.77 -26.63
C ASP C 274 -25.56 -35.19 -27.38
N LYS C 275 -24.65 -35.89 -26.68
CA LYS C 275 -23.43 -36.40 -27.27
C LYS C 275 -23.15 -37.77 -26.67
N LEU C 276 -22.47 -38.61 -27.45
CA LEU C 276 -22.14 -39.97 -27.03
C LEU C 276 -20.68 -40.24 -27.36
N ILE C 277 -19.91 -40.61 -26.34
CA ILE C 277 -18.50 -40.97 -26.50
C ILE C 277 -18.40 -42.49 -26.50
N VAL C 278 -17.76 -43.04 -27.53
CA VAL C 278 -17.50 -44.47 -27.63
C VAL C 278 -16.06 -44.69 -27.19
N ALA C 279 -15.87 -45.32 -26.03
CA ALA C 279 -14.54 -45.50 -25.43
C ALA C 279 -14.42 -46.96 -24.99
N VAL C 280 -14.28 -47.85 -25.97
CA VAL C 280 -14.35 -49.29 -25.72
C VAL C 280 -13.05 -49.97 -26.13
N GLY C 281 -11.93 -49.28 -25.97
CA GLY C 281 -10.63 -49.87 -26.21
C GLY C 281 -10.00 -49.32 -27.48
N ARG C 282 -8.77 -49.75 -27.73
CA ARG C 282 -8.04 -49.37 -28.92
C ARG C 282 -7.48 -50.62 -29.59
N ARG C 283 -7.25 -50.51 -30.89
CA ARG C 283 -6.79 -51.62 -31.71
C ARG C 283 -5.55 -51.22 -32.48
N PRO C 284 -4.66 -52.16 -32.76
CA PRO C 284 -3.40 -51.81 -33.45
C PRO C 284 -3.64 -51.39 -34.89
N VAL C 285 -2.80 -50.47 -35.36
CA VAL C 285 -2.89 -49.90 -36.70
C VAL C 285 -1.81 -50.55 -37.56
N THR C 286 -2.25 -51.26 -38.61
CA THR C 286 -1.36 -51.87 -39.58
C THR C 286 -1.79 -51.54 -41.02
N THR C 287 -2.71 -50.59 -41.19
CA THR C 287 -3.27 -50.29 -42.50
C THR C 287 -2.17 -49.89 -43.48
N ASP C 288 -2.05 -50.65 -44.56
CA ASP C 288 -1.09 -50.37 -45.63
C ASP C 288 0.35 -50.28 -45.11
N LEU C 289 0.60 -50.89 -43.96
CA LEU C 289 1.90 -50.80 -43.31
C LEU C 289 2.89 -51.84 -43.83
N LEU C 290 2.41 -53.01 -44.21
CA LEU C 290 3.27 -54.15 -44.52
C LEU C 290 2.95 -54.64 -45.92
N ALA C 291 3.95 -54.60 -46.79
CA ALA C 291 3.83 -55.20 -48.10
C ALA C 291 3.64 -56.71 -47.98
N ALA C 292 3.03 -57.29 -49.01
CA ALA C 292 2.78 -58.72 -49.00
C ALA C 292 4.06 -59.53 -48.88
N ASP C 293 5.20 -58.96 -49.28
CA ASP C 293 6.48 -59.66 -49.20
C ASP C 293 7.33 -59.18 -48.02
N SER C 294 6.72 -58.55 -47.02
CA SER C 294 7.51 -58.01 -45.92
C SER C 294 8.04 -59.09 -45.00
N GLY C 295 7.31 -60.20 -44.85
CA GLY C 295 7.72 -61.25 -43.93
C GLY C 295 7.22 -61.07 -42.51
N VAL C 296 6.64 -59.91 -42.20
CA VAL C 296 6.17 -59.63 -40.85
C VAL C 296 4.79 -60.22 -40.65
N THR C 297 4.61 -60.92 -39.53
CA THR C 297 3.38 -61.64 -39.26
C THR C 297 2.58 -60.94 -38.17
N LEU C 298 1.26 -61.10 -38.26
CA LEU C 298 0.32 -60.56 -37.29
C LEU C 298 -0.28 -61.68 -36.48
N ASP C 299 -0.67 -61.39 -35.24
CA ASP C 299 -1.33 -62.38 -34.42
C ASP C 299 -2.84 -62.28 -34.65
N GLU C 300 -3.60 -63.09 -33.92
CA GLU C 300 -5.03 -63.20 -34.17
C GLU C 300 -5.76 -61.87 -33.94
N ARG C 301 -5.24 -61.03 -33.07
CA ARG C 301 -5.89 -59.77 -32.72
C ARG C 301 -5.39 -58.59 -33.54
N GLY C 302 -4.53 -58.81 -34.52
CA GLY C 302 -4.03 -57.76 -35.38
C GLY C 302 -2.75 -57.11 -34.93
N PHE C 303 -2.14 -57.57 -33.83
CA PHE C 303 -0.86 -57.03 -33.42
C PHE C 303 0.28 -57.66 -34.22
N ILE C 304 1.36 -56.91 -34.36
CA ILE C 304 2.57 -57.46 -34.95
C ILE C 304 3.22 -58.39 -33.93
N TYR C 305 3.57 -59.59 -34.37
CA TYR C 305 4.17 -60.58 -33.49
C TYR C 305 5.63 -60.24 -33.24
N VAL C 306 6.00 -60.11 -31.96
CA VAL C 306 7.37 -59.84 -31.55
C VAL C 306 7.71 -60.68 -30.33
N ASP C 307 9.01 -60.86 -30.10
CA ASP C 307 9.50 -61.58 -28.94
C ASP C 307 9.69 -60.59 -27.77
N ASP C 308 10.37 -61.02 -26.71
CA ASP C 308 10.48 -60.18 -25.52
C ASP C 308 11.36 -58.97 -25.74
N HIS C 309 12.16 -58.95 -26.81
CA HIS C 309 12.97 -57.79 -27.17
C HIS C 309 12.37 -57.00 -28.32
N CYS C 310 11.09 -57.23 -28.64
CA CYS C 310 10.38 -56.49 -29.68
C CYS C 310 10.92 -56.76 -31.07
N LYS C 311 11.54 -57.92 -31.29
CA LYS C 311 12.01 -58.30 -32.62
C LYS C 311 10.92 -59.07 -33.34
N THR C 312 10.68 -58.72 -34.60
CA THR C 312 9.65 -59.42 -35.38
C THR C 312 10.22 -60.74 -35.90
N SER C 313 9.45 -61.41 -36.74
CA SER C 313 9.90 -62.62 -37.42
C SER C 313 10.97 -62.35 -38.47
N VAL C 314 11.25 -61.09 -38.78
CA VAL C 314 12.19 -60.71 -39.83
C VAL C 314 13.43 -60.12 -39.17
N PRO C 315 14.63 -60.65 -39.43
CA PRO C 315 15.83 -60.07 -38.80
C PRO C 315 15.99 -58.60 -39.17
N GLY C 316 16.38 -57.81 -38.17
CA GLY C 316 16.55 -56.39 -38.37
C GLY C 316 15.26 -55.58 -38.39
N VAL C 317 14.12 -56.21 -38.14
CA VAL C 317 12.83 -55.51 -38.11
C VAL C 317 12.23 -55.69 -36.73
N PHE C 318 11.94 -54.56 -36.08
CA PHE C 318 11.41 -54.53 -34.72
C PHE C 318 10.08 -53.80 -34.74
N ALA C 319 9.26 -54.06 -33.72
CA ALA C 319 7.99 -53.36 -33.58
C ALA C 319 7.75 -53.08 -32.11
N ILE C 320 7.27 -51.87 -31.82
CA ILE C 320 7.18 -51.37 -30.45
C ILE C 320 5.85 -50.65 -30.25
N GLY C 321 5.50 -50.45 -28.98
CA GLY C 321 4.36 -49.63 -28.64
C GLY C 321 3.02 -50.33 -28.81
N ASP C 322 2.00 -49.53 -29.15
CA ASP C 322 0.62 -50.01 -29.18
C ASP C 322 0.39 -51.07 -30.25
N VAL C 323 1.26 -51.17 -31.26
CA VAL C 323 1.05 -52.15 -32.33
C VAL C 323 1.52 -53.54 -31.94
N VAL C 324 2.12 -53.72 -30.75
CA VAL C 324 2.57 -55.03 -30.29
C VAL C 324 1.97 -55.33 -28.92
N ARG C 325 2.20 -56.56 -28.46
CA ARG C 325 1.64 -57.03 -27.19
C ARG C 325 2.06 -56.13 -26.03
N GLY C 326 1.28 -56.19 -24.96
CA GLY C 326 1.58 -55.49 -23.73
C GLY C 326 0.68 -54.30 -23.52
N ALA C 327 0.88 -53.66 -22.36
CA ALA C 327 0.07 -52.52 -21.98
C ALA C 327 0.17 -51.41 -23.02
N MET C 328 -0.98 -50.94 -23.48
CA MET C 328 -1.04 -49.91 -24.51
C MET C 328 -0.91 -48.54 -23.84
N LEU C 329 0.32 -48.25 -23.42
CA LEU C 329 0.63 -47.04 -22.64
C LEU C 329 1.85 -46.36 -23.24
N ALA C 330 1.90 -45.04 -23.05
CA ALA C 330 2.95 -44.24 -23.65
C ALA C 330 4.32 -44.55 -23.06
N HIS C 331 4.40 -44.74 -21.74
CA HIS C 331 5.71 -45.01 -21.15
C HIS C 331 6.18 -46.42 -21.48
N LYS C 332 5.25 -47.34 -21.74
CA LYS C 332 5.64 -48.65 -22.26
C LYS C 332 6.22 -48.53 -23.66
N ALA C 333 5.55 -47.77 -24.53
CA ALA C 333 6.04 -47.60 -25.90
C ALA C 333 7.43 -46.97 -25.92
N SER C 334 7.63 -45.91 -25.13
CA SER C 334 8.91 -45.21 -25.14
CA SER C 334 8.91 -45.21 -25.14
C SER C 334 10.03 -46.10 -24.62
N GLU C 335 9.77 -46.87 -23.56
CA GLU C 335 10.82 -47.73 -23.02
C GLU C 335 11.20 -48.83 -24.01
N GLU C 336 10.21 -49.36 -24.75
CA GLU C 336 10.52 -50.33 -25.80
C GLU C 336 11.36 -49.69 -26.90
N GLY C 337 11.07 -48.42 -27.23
CA GLY C 337 11.88 -47.72 -28.21
C GLY C 337 13.33 -47.58 -27.78
N VAL C 338 13.56 -47.24 -26.51
CA VAL C 338 14.93 -47.15 -26.00
C VAL C 338 15.59 -48.52 -26.06
N MET C 339 14.87 -49.56 -25.62
CA MET C 339 15.44 -50.90 -25.62
C MET C 339 15.89 -51.30 -27.02
N VAL C 340 15.01 -51.12 -28.01
CA VAL C 340 15.32 -51.56 -29.36
C VAL C 340 16.51 -50.80 -29.93
N ALA C 341 16.53 -49.48 -29.73
CA ALA C 341 17.65 -48.68 -30.24
C ALA C 341 18.95 -49.12 -29.60
N GLU C 342 18.96 -49.34 -28.28
CA GLU C 342 20.17 -49.73 -27.58
C GLU C 342 20.65 -51.11 -28.04
N ARG C 343 19.72 -52.02 -28.31
CA ARG C 343 20.11 -53.35 -28.77
C ARG C 343 20.68 -53.30 -30.19
N ILE C 344 20.13 -52.43 -31.05
CA ILE C 344 20.71 -52.25 -32.38
C ILE C 344 22.15 -51.78 -32.27
N ALA C 345 22.45 -50.95 -31.27
CA ALA C 345 23.80 -50.44 -31.07
C ALA C 345 24.73 -51.44 -30.40
N GLY C 346 24.23 -52.61 -30.00
CA GLY C 346 25.07 -53.64 -29.44
C GLY C 346 24.97 -53.81 -27.92
N HIS C 347 24.09 -53.06 -27.26
CA HIS C 347 23.91 -53.20 -25.82
C HIS C 347 22.87 -54.28 -25.52
N LYS C 348 23.10 -55.04 -24.46
CA LYS C 348 22.17 -56.09 -24.05
C LYS C 348 21.06 -55.51 -23.18
N ALA C 349 20.39 -54.48 -23.69
CA ALA C 349 19.33 -53.85 -22.93
C ALA C 349 18.12 -54.77 -22.81
N GLN C 350 17.49 -54.76 -21.65
CA GLN C 350 16.32 -55.57 -21.38
C GLN C 350 15.26 -54.68 -20.77
N MET C 351 14.02 -55.13 -20.81
CA MET C 351 12.92 -54.40 -20.22
C MET C 351 12.19 -55.25 -19.19
N ASN C 352 11.84 -54.61 -18.08
CA ASN C 352 11.10 -55.26 -17.00
C ASN C 352 9.64 -54.89 -17.17
N TYR C 353 8.86 -55.82 -17.74
CA TYR C 353 7.44 -55.59 -17.94
C TYR C 353 6.62 -55.80 -16.67
N ASP C 354 7.26 -56.12 -15.55
CA ASP C 354 6.54 -56.40 -14.31
C ASP C 354 6.29 -55.16 -13.47
N LEU C 355 7.01 -54.06 -13.70
CA LEU C 355 6.90 -52.88 -12.86
C LEU C 355 6.49 -51.65 -13.65
N ILE C 356 5.67 -51.84 -14.67
CA ILE C 356 5.08 -50.74 -15.43
C ILE C 356 3.90 -50.20 -14.62
N PRO C 357 3.94 -48.97 -14.12
CA PRO C 357 2.81 -48.46 -13.34
C PRO C 357 1.62 -48.10 -14.22
N SER C 358 0.45 -48.08 -13.59
CA SER C 358 -0.79 -47.69 -14.22
C SER C 358 -1.33 -46.46 -13.49
N VAL C 359 -1.88 -45.51 -14.24
CA VAL C 359 -2.46 -44.31 -13.65
C VAL C 359 -3.76 -43.98 -14.35
N ILE C 360 -4.78 -43.64 -13.56
CA ILE C 360 -6.04 -43.10 -14.07
C ILE C 360 -6.15 -41.69 -13.52
N TYR C 361 -6.22 -40.71 -14.42
CA TYR C 361 -6.10 -39.31 -14.03
C TYR C 361 -7.45 -38.69 -13.70
N THR C 362 -8.30 -39.46 -13.05
CA THR C 362 -9.45 -38.90 -12.35
C THR C 362 -8.96 -38.07 -11.17
N HIS C 363 -9.92 -37.43 -10.48
CA HIS C 363 -9.64 -36.82 -9.18
C HIS C 363 -10.73 -37.31 -8.24
N PRO C 364 -10.40 -38.15 -7.23
CA PRO C 364 -9.05 -38.59 -6.87
C PRO C 364 -8.35 -39.43 -7.94
N GLU C 365 -7.05 -39.22 -8.04
CA GLU C 365 -6.19 -39.98 -8.95
C GLU C 365 -6.08 -41.42 -8.46
N ILE C 366 -5.95 -42.34 -9.40
CA ILE C 366 -5.82 -43.77 -9.12
C ILE C 366 -4.52 -44.25 -9.78
N ALA C 367 -3.72 -45.00 -9.03
CA ALA C 367 -2.48 -45.50 -9.58
C ALA C 367 -2.07 -46.77 -8.86
N TRP C 368 -1.34 -47.64 -9.56
CA TRP C 368 -0.82 -48.84 -8.92
C TRP C 368 0.34 -49.40 -9.72
N VAL C 369 1.11 -50.25 -9.04
CA VAL C 369 2.21 -50.96 -9.65
C VAL C 369 2.27 -52.34 -8.99
N GLY C 370 2.62 -53.36 -9.77
CA GLY C 370 2.66 -54.70 -9.21
C GLY C 370 1.27 -55.33 -9.19
N LYS C 371 1.12 -56.30 -8.30
CA LYS C 371 -0.02 -57.19 -8.32
C LYS C 371 -1.11 -56.76 -7.33
N THR C 372 -2.35 -57.05 -7.70
CA THR C 372 -3.50 -56.81 -6.85
C THR C 372 -3.66 -57.93 -5.83
N GLU C 373 -4.47 -57.65 -4.80
CA GLU C 373 -4.77 -58.66 -3.80
C GLU C 373 -5.49 -59.86 -4.42
N GLN C 374 -6.44 -59.61 -5.34
CA GLN C 374 -7.18 -60.72 -5.92
C GLN C 374 -6.30 -61.56 -6.83
N THR C 375 -5.36 -60.94 -7.54
CA THR C 375 -4.41 -61.69 -8.34
C THR C 375 -3.55 -62.59 -7.46
N LEU C 376 -3.01 -62.04 -6.38
CA LEU C 376 -2.14 -62.82 -5.51
C LEU C 376 -2.92 -63.94 -4.82
N LYS C 377 -4.18 -63.69 -4.47
CA LYS C 377 -5.00 -64.76 -3.92
C LYS C 377 -5.21 -65.87 -4.94
N ALA C 378 -5.47 -65.50 -6.20
CA ALA C 378 -5.64 -66.51 -7.24
C ALA C 378 -4.36 -67.32 -7.44
N GLU C 379 -3.20 -66.70 -7.24
CA GLU C 379 -1.92 -67.40 -7.39
C GLU C 379 -1.53 -68.19 -6.15
N GLY C 380 -2.29 -68.08 -5.06
CA GLY C 380 -1.97 -68.82 -3.85
C GLY C 380 -0.85 -68.26 -3.02
N VAL C 381 -0.58 -66.96 -3.13
CA VAL C 381 0.51 -66.32 -2.40
C VAL C 381 -0.05 -65.69 -1.12
N GLU C 382 0.45 -66.15 0.03
CA GLU C 382 0.06 -65.55 1.29
C GLU C 382 0.72 -64.17 1.42
N VAL C 383 -0.06 -63.17 1.82
CA VAL C 383 0.41 -61.80 1.84
C VAL C 383 -0.02 -61.12 3.14
N ASN C 384 0.72 -60.07 3.49
CA ASN C 384 0.32 -59.12 4.51
C ASN C 384 0.02 -57.80 3.84
N VAL C 385 -1.06 -57.15 4.27
CA VAL C 385 -1.53 -55.92 3.65
C VAL C 385 -1.51 -54.81 4.70
N GLY C 386 -1.06 -53.64 4.29
CA GLY C 386 -1.14 -52.45 5.13
C GLY C 386 -1.76 -51.32 4.35
N THR C 387 -2.66 -50.59 5.00
CA THR C 387 -3.32 -49.45 4.39
C THR C 387 -3.27 -48.26 5.33
N PHE C 388 -3.32 -47.06 4.74
CA PHE C 388 -3.36 -45.83 5.49
C PHE C 388 -4.29 -44.87 4.74
N PRO C 389 -5.30 -44.31 5.40
CA PRO C 389 -6.22 -43.41 4.70
C PRO C 389 -5.73 -41.97 4.71
N PHE C 390 -5.99 -41.26 3.61
CA PHE C 390 -5.60 -39.86 3.58
C PHE C 390 -6.39 -39.02 4.57
N ALA C 391 -7.51 -39.55 5.07
CA ALA C 391 -8.24 -38.88 6.14
C ALA C 391 -7.40 -38.73 7.40
N ALA C 392 -6.34 -39.50 7.54
CA ALA C 392 -5.43 -39.41 8.68
C ALA C 392 -4.13 -38.70 8.34
N SER C 393 -4.03 -38.10 7.16
CA SER C 393 -2.82 -37.41 6.72
C SER C 393 -2.96 -35.92 7.02
N GLY C 394 -2.04 -35.39 7.84
CA GLY C 394 -2.05 -33.97 8.11
C GLY C 394 -1.86 -33.14 6.86
N ARG C 395 -0.97 -33.56 5.97
CA ARG C 395 -0.78 -32.83 4.72
C ARG C 395 -2.07 -32.78 3.91
N ALA C 396 -2.77 -33.91 3.81
CA ALA C 396 -3.99 -33.95 3.02
C ALA C 396 -5.08 -33.10 3.64
N MET C 397 -5.16 -33.08 4.98
CA MET C 397 -6.10 -32.19 5.66
C MET C 397 -5.83 -30.74 5.29
N ALA C 398 -4.55 -30.32 5.37
CA ALA C 398 -4.20 -28.96 4.99
C ALA C 398 -4.62 -28.68 3.55
N ALA C 399 -4.51 -29.69 2.69
CA ALA C 399 -4.87 -29.55 1.29
C ALA C 399 -6.38 -29.63 1.05
N ASN C 400 -7.18 -29.92 2.07
CA ASN C 400 -8.62 -30.11 1.89
C ASN C 400 -8.92 -31.22 0.89
N ASP C 401 -8.14 -32.31 0.97
CA ASP C 401 -8.25 -33.39 -0.02
C ASP C 401 -7.91 -34.71 0.68
N THR C 402 -8.89 -35.27 1.38
CA THR C 402 -8.66 -36.40 2.28
C THR C 402 -9.28 -37.71 1.78
N THR C 403 -9.80 -37.73 0.55
CA THR C 403 -10.35 -38.98 0.02
C THR C 403 -9.25 -39.96 -0.31
N GLY C 404 -9.47 -41.23 0.02
CA GLY C 404 -8.69 -42.32 -0.52
C GLY C 404 -7.75 -42.97 0.49
N LEU C 405 -6.85 -43.80 -0.04
CA LEU C 405 -5.96 -44.59 0.79
C LEU C 405 -4.76 -45.03 -0.02
N VAL C 406 -3.72 -45.44 0.70
CA VAL C 406 -2.56 -46.12 0.15
C VAL C 406 -2.58 -47.56 0.64
N LYS C 407 -2.26 -48.49 -0.25
CA LYS C 407 -2.25 -49.90 0.10
C LYS C 407 -0.94 -50.53 -0.35
N VAL C 408 -0.25 -51.18 0.57
CA VAL C 408 0.98 -51.91 0.28
C VAL C 408 0.72 -53.38 0.55
N ILE C 409 1.11 -54.24 -0.39
CA ILE C 409 0.96 -55.68 -0.28
C ILE C 409 2.34 -56.30 -0.29
N ALA C 410 2.64 -57.13 0.72
CA ALA C 410 3.95 -57.75 0.84
C ALA C 410 3.80 -59.25 1.03
N ASP C 411 4.80 -59.98 0.56
CA ASP C 411 4.85 -61.43 0.76
C ASP C 411 4.92 -61.75 2.25
N ALA C 412 4.05 -62.65 2.70
CA ALA C 412 3.95 -62.94 4.13
C ALA C 412 5.20 -63.65 4.66
N LYS C 413 5.91 -64.38 3.78
CA LYS C 413 7.10 -65.11 4.19
C LYS C 413 8.38 -64.29 4.07
N THR C 414 8.52 -63.52 2.99
CA THR C 414 9.74 -62.77 2.73
C THR C 414 9.62 -61.28 3.02
N ASP C 415 8.41 -60.76 3.17
CA ASP C 415 8.12 -59.34 3.37
C ASP C 415 8.45 -58.50 2.14
N ARG C 416 8.73 -59.13 1.00
CA ARG C 416 8.98 -58.38 -0.23
C ARG C 416 7.69 -57.70 -0.69
N VAL C 417 7.79 -56.42 -1.05
CA VAL C 417 6.61 -55.70 -1.54
C VAL C 417 6.25 -56.22 -2.93
N LEU C 418 4.99 -56.62 -3.10
CA LEU C 418 4.50 -57.19 -4.35
C LEU C 418 3.57 -56.27 -5.11
N GLY C 419 3.00 -55.26 -4.45
CA GLY C 419 2.14 -54.32 -5.11
C GLY C 419 1.91 -53.09 -4.26
N VAL C 420 1.74 -51.94 -4.91
CA VAL C 420 1.40 -50.69 -4.23
C VAL C 420 0.25 -50.06 -5.00
N HIS C 421 -0.79 -49.70 -4.27
CA HIS C 421 -2.05 -49.24 -4.87
C HIS C 421 -2.52 -48.00 -4.13
N VAL C 422 -2.86 -46.95 -4.88
CA VAL C 422 -3.23 -45.68 -4.28
C VAL C 422 -4.43 -45.10 -5.01
N ILE C 423 -5.39 -44.60 -4.24
CA ILE C 423 -6.40 -43.69 -4.75
C ILE C 423 -6.39 -42.48 -3.84
N GLY C 424 -6.14 -41.31 -4.42
CA GLY C 424 -6.02 -40.10 -3.65
C GLY C 424 -5.02 -39.11 -4.23
N PRO C 425 -4.72 -38.05 -3.49
CA PRO C 425 -3.86 -37.00 -4.03
C PRO C 425 -2.44 -37.50 -4.29
N SER C 426 -1.90 -37.10 -5.44
CA SER C 426 -0.54 -37.45 -5.87
C SER C 426 -0.33 -38.96 -5.95
N ALA C 427 -1.40 -39.70 -6.27
CA ALA C 427 -1.30 -41.15 -6.33
C ALA C 427 -0.16 -41.63 -7.23
N ALA C 428 0.01 -41.00 -8.39
CA ALA C 428 1.02 -41.46 -9.33
C ALA C 428 2.42 -41.31 -8.74
N GLU C 429 2.68 -40.19 -8.05
CA GLU C 429 3.98 -39.96 -7.47
C GLU C 429 4.27 -40.95 -6.34
N LEU C 430 3.26 -41.25 -5.53
CA LEU C 430 3.45 -42.23 -4.45
C LEU C 430 3.67 -43.62 -5.01
N VAL C 431 2.95 -43.99 -6.06
CA VAL C 431 3.17 -45.29 -6.68
C VAL C 431 4.56 -45.37 -7.28
N GLN C 432 5.06 -44.26 -7.84
CA GLN C 432 6.40 -44.28 -8.40
C GLN C 432 7.44 -44.49 -7.30
N GLN C 433 7.21 -43.92 -6.12
CA GLN C 433 8.07 -44.22 -4.98
C GLN C 433 8.09 -45.72 -4.70
N GLY C 434 6.92 -46.34 -4.66
CA GLY C 434 6.86 -47.78 -4.47
C GLY C 434 7.56 -48.53 -5.59
N ALA C 435 7.39 -48.08 -6.83
CA ALA C 435 7.98 -48.77 -7.97
C ALA C 435 9.51 -48.72 -7.91
N ILE C 436 10.07 -47.58 -7.51
CA ILE C 436 11.52 -47.48 -7.36
C ILE C 436 12.00 -48.48 -6.31
N GLY C 437 11.31 -48.54 -5.17
CA GLY C 437 11.66 -49.53 -4.16
C GLY C 437 11.58 -50.95 -4.68
N MET C 438 10.52 -51.27 -5.42
CA MET C 438 10.36 -52.62 -5.94
C MET C 438 11.44 -52.97 -6.95
N GLU C 439 11.94 -51.98 -7.71
CA GLU C 439 13.04 -52.25 -8.62
C GLU C 439 14.24 -52.82 -7.88
N PHE C 440 14.44 -52.38 -6.63
CA PHE C 440 15.53 -52.86 -5.81
C PHE C 440 15.11 -54.00 -4.87
N GLY C 441 13.90 -54.54 -5.05
CA GLY C 441 13.47 -55.64 -4.21
C GLY C 441 13.12 -55.26 -2.79
N THR C 442 12.57 -54.06 -2.60
CA THR C 442 12.32 -53.56 -1.25
C THR C 442 11.37 -54.47 -0.49
N SER C 443 11.61 -54.60 0.81
CA SER C 443 10.64 -55.14 1.74
C SER C 443 9.76 -54.00 2.27
N ALA C 444 8.67 -54.37 2.95
CA ALA C 444 7.86 -53.35 3.61
C ALA C 444 8.65 -52.68 4.74
N GLU C 445 9.45 -53.47 5.48
CA GLU C 445 10.24 -52.89 6.54
C GLU C 445 11.31 -51.94 6.00
N ASP C 446 11.87 -52.26 4.83
CA ASP C 446 12.80 -51.32 4.20
C ASP C 446 12.16 -49.94 4.06
N LEU C 447 10.95 -49.90 3.49
CA LEU C 447 10.25 -48.64 3.35
C LEU C 447 9.94 -48.03 4.71
N GLY C 448 9.58 -48.86 5.68
CA GLY C 448 9.29 -48.35 7.01
C GLY C 448 10.48 -47.70 7.69
N MET C 449 11.69 -48.14 7.34
CA MET C 449 12.91 -47.65 7.98
C MET C 449 13.41 -46.33 7.43
N MET C 450 12.83 -45.85 6.33
CA MET C 450 13.34 -44.65 5.69
C MET C 450 12.70 -43.41 6.32
N VAL C 451 13.42 -42.29 6.20
CA VAL C 451 12.95 -41.01 6.71
C VAL C 451 12.11 -40.34 5.62
N PHE C 452 10.83 -40.14 5.90
CA PHE C 452 9.93 -39.44 5.00
C PHE C 452 9.68 -38.03 5.52
N SER C 453 9.80 -37.04 4.63
CA SER C 453 9.58 -35.66 5.02
C SER C 453 8.18 -35.46 5.59
N HIS C 454 8.09 -34.59 6.58
CA HIS C 454 6.82 -34.22 7.18
C HIS C 454 6.62 -32.71 7.09
N PRO C 455 5.43 -32.24 6.71
CA PRO C 455 4.25 -33.00 6.27
C PRO C 455 4.23 -33.17 4.75
N THR C 456 4.10 -34.42 4.27
CA THR C 456 3.97 -34.67 2.84
C THR C 456 3.00 -35.83 2.64
N LEU C 457 2.40 -35.87 1.45
CA LEU C 457 1.53 -36.99 1.13
C LEU C 457 2.30 -38.30 1.11
N SER C 458 3.61 -38.25 0.86
CA SER C 458 4.42 -39.47 0.83
C SER C 458 4.34 -40.22 2.16
N GLU C 459 4.07 -39.53 3.26
CA GLU C 459 3.99 -40.19 4.55
C GLU C 459 2.93 -41.28 4.57
N ALA C 460 1.89 -41.14 3.74
CA ALA C 460 0.85 -42.16 3.69
C ALA C 460 1.42 -43.49 3.21
N LEU C 461 2.39 -43.43 2.28
CA LEU C 461 3.06 -44.65 1.86
C LEU C 461 3.92 -45.21 2.98
N HIS C 462 4.65 -44.35 3.69
CA HIS C 462 5.46 -44.80 4.83
C HIS C 462 4.60 -45.51 5.86
N GLU C 463 3.47 -44.90 6.23
CA GLU C 463 2.60 -45.51 7.24
C GLU C 463 1.99 -46.81 6.74
N ALA C 464 1.58 -46.85 5.47
CA ALA C 464 1.02 -48.08 4.92
C ALA C 464 2.05 -49.20 4.94
N ALA C 465 3.30 -48.90 4.63
CA ALA C 465 4.35 -49.91 4.71
C ALA C 465 4.55 -50.40 6.13
N LEU C 466 4.55 -49.47 7.10
CA LEU C 466 4.65 -49.88 8.50
C LEU C 466 3.46 -50.73 8.91
N ALA C 467 2.28 -50.39 8.40
CA ALA C 467 1.06 -51.12 8.75
C ALA C 467 1.10 -52.57 8.28
N VAL C 468 1.89 -52.88 7.24
CA VAL C 468 1.99 -54.26 6.77
C VAL C 468 2.34 -55.18 7.94
N ASN C 469 3.27 -54.75 8.78
CA ASN C 469 3.75 -55.55 9.91
C ASN C 469 3.26 -55.02 11.25
N GLY C 470 2.21 -54.21 11.24
CA GLY C 470 1.47 -53.92 12.46
C GLY C 470 2.07 -52.89 13.39
N HIS C 471 2.86 -51.95 12.89
CA HIS C 471 3.39 -50.88 13.75
C HIS C 471 3.44 -49.56 13.00
N ALA C 472 2.34 -49.24 12.31
CA ALA C 472 2.08 -47.86 11.93
C ALA C 472 1.87 -47.04 13.20
N ILE C 473 2.34 -45.79 13.17
CA ILE C 473 2.20 -44.93 14.35
C ILE C 473 0.81 -44.32 14.42
N HIS C 474 0.27 -43.92 13.27
CA HIS C 474 -0.87 -43.01 13.24
C HIS C 474 -2.19 -43.69 12.91
N ILE C 475 -2.26 -45.02 12.97
CA ILE C 475 -3.53 -45.73 12.94
C ILE C 475 -3.43 -46.94 13.86
N ALA C 476 -4.59 -47.39 14.33
CA ALA C 476 -4.63 -48.59 15.16
C ALA C 476 -4.29 -49.80 14.30
N ASN C 477 -3.45 -50.68 14.84
CA ASN C 477 -2.99 -51.85 14.10
C ASN C 477 -3.74 -53.10 14.52
N GLN D 6 3.03 -45.41 40.30
CA GLN D 6 3.88 -44.26 40.05
C GLN D 6 5.15 -44.65 39.30
N LYS D 7 5.24 -45.92 38.90
CA LYS D 7 6.43 -46.45 38.25
C LYS D 7 6.14 -46.65 36.76
N PHE D 8 7.08 -46.22 35.92
CA PHE D 8 6.94 -46.37 34.49
C PHE D 8 8.25 -46.86 33.90
N ASP D 9 8.14 -47.67 32.84
CA ASP D 9 9.31 -48.06 32.07
C ASP D 9 9.88 -46.88 31.30
N VAL D 10 9.01 -46.03 30.77
CA VAL D 10 9.40 -44.89 29.94
C VAL D 10 8.58 -43.68 30.39
N VAL D 11 9.25 -42.58 30.67
CA VAL D 11 8.59 -41.30 30.90
C VAL D 11 9.09 -40.34 29.83
N VAL D 12 8.16 -39.81 29.04
CA VAL D 12 8.46 -38.89 27.96
C VAL D 12 8.07 -37.50 28.40
N ILE D 13 8.99 -36.55 28.27
CA ILE D 13 8.73 -35.14 28.57
C ILE D 13 8.52 -34.45 27.23
N GLY D 14 7.27 -34.09 26.96
CA GLY D 14 6.90 -33.43 25.72
C GLY D 14 6.10 -34.38 24.83
N ALA D 15 5.09 -33.83 24.16
CA ALA D 15 4.20 -34.60 23.29
C ALA D 15 4.21 -34.03 21.88
N GLY D 16 5.35 -33.50 21.44
CA GLY D 16 5.53 -33.12 20.06
C GLY D 16 5.86 -34.33 19.22
N PRO D 17 6.21 -34.08 17.95
CA PRO D 17 6.55 -35.20 17.05
C PRO D 17 7.55 -36.17 17.63
N GLY D 18 8.53 -35.70 18.39
CA GLY D 18 9.47 -36.60 19.00
C GLY D 18 8.82 -37.40 20.12
N GLY D 19 8.26 -36.68 21.09
CA GLY D 19 7.79 -37.34 22.30
C GLY D 19 6.58 -38.22 22.08
N TYR D 20 5.58 -37.73 21.33
CA TYR D 20 4.36 -38.53 21.20
C TYR D 20 4.60 -39.75 20.33
N VAL D 21 5.50 -39.65 19.35
CA VAL D 21 5.85 -40.83 18.56
C VAL D 21 6.66 -41.81 19.41
N ALA D 22 7.63 -41.31 20.17
CA ALA D 22 8.39 -42.18 21.06
C ALA D 22 7.48 -42.90 22.03
N ALA D 23 6.50 -42.18 22.59
CA ALA D 23 5.59 -42.80 23.56
C ALA D 23 4.76 -43.90 22.92
N ILE D 24 4.20 -43.62 21.74
CA ILE D 24 3.40 -44.63 21.05
C ILE D 24 4.24 -45.85 20.73
N ARG D 25 5.43 -45.65 20.18
CA ARG D 25 6.27 -46.78 19.80
C ARG D 25 6.64 -47.61 21.03
N ALA D 26 6.99 -46.94 22.13
CA ALA D 26 7.33 -47.66 23.35
C ALA D 26 6.16 -48.49 23.84
N ALA D 27 4.96 -47.92 23.83
CA ALA D 27 3.78 -48.68 24.21
C ALA D 27 3.54 -49.86 23.27
N GLN D 28 3.73 -49.64 21.97
CA GLN D 28 3.61 -50.73 21.01
C GLN D 28 4.58 -51.85 21.34
N LEU D 29 5.75 -51.51 21.89
CA LEU D 29 6.78 -52.47 22.26
C LEU D 29 6.56 -53.09 23.63
N GLY D 30 5.43 -52.80 24.28
CA GLY D 30 5.09 -53.41 25.55
C GLY D 30 5.61 -52.69 26.78
N LEU D 31 6.12 -51.48 26.65
CA LEU D 31 6.64 -50.72 27.77
C LEU D 31 5.54 -49.86 28.38
N LYS D 32 5.45 -49.87 29.71
CA LYS D 32 4.51 -49.01 30.41
C LYS D 32 5.01 -47.56 30.30
N THR D 33 4.23 -46.72 29.63
CA THR D 33 4.71 -45.44 29.14
C THR D 33 3.85 -44.30 29.68
N ALA D 34 4.50 -43.22 30.08
CA ALA D 34 3.84 -41.98 30.44
C ALA D 34 4.38 -40.86 29.57
N CYS D 35 3.52 -39.88 29.27
CA CYS D 35 3.91 -38.72 28.49
C CYS D 35 3.38 -37.46 29.16
N ILE D 36 4.28 -36.50 29.40
CA ILE D 36 3.97 -35.28 30.13
C ILE D 36 3.95 -34.13 29.13
N GLU D 37 2.91 -33.31 29.19
CA GLU D 37 2.77 -32.18 28.29
C GLU D 37 2.10 -31.03 29.03
N LYS D 38 2.57 -29.80 28.76
CA LYS D 38 2.09 -28.62 29.47
C LYS D 38 1.34 -27.64 28.57
N TYR D 39 1.43 -27.76 27.26
CA TYR D 39 0.93 -26.72 26.38
C TYR D 39 -0.58 -26.66 26.47
N ILE D 40 -1.11 -25.45 26.69
CA ILE D 40 -2.54 -25.21 26.74
C ILE D 40 -2.96 -24.75 25.35
N GLY D 41 -3.89 -25.48 24.74
CA GLY D 41 -4.37 -25.10 23.44
C GLY D 41 -5.46 -24.06 23.53
N LYS D 42 -6.10 -23.83 22.38
CA LYS D 42 -7.02 -22.70 22.29
C LYS D 42 -8.29 -22.95 23.09
N GLU D 43 -8.66 -24.22 23.30
CA GLU D 43 -9.86 -24.55 24.05
C GLU D 43 -9.65 -24.50 25.55
N GLY D 44 -8.46 -24.11 26.00
CA GLY D 44 -8.15 -24.03 27.42
C GLY D 44 -7.75 -25.35 28.05
N LYS D 45 -7.62 -26.41 27.27
CA LYS D 45 -7.16 -27.71 27.76
C LYS D 45 -5.80 -28.03 27.16
N VAL D 46 -5.10 -28.97 27.78
CA VAL D 46 -3.82 -29.41 27.25
C VAL D 46 -4.02 -29.94 25.84
N ALA D 47 -3.15 -29.51 24.93
CA ALA D 47 -3.18 -29.96 23.54
C ALA D 47 -1.84 -30.61 23.23
N LEU D 48 -1.88 -31.84 22.74
CA LEU D 48 -0.68 -32.55 22.32
C LEU D 48 -0.27 -32.11 20.93
N GLY D 49 0.88 -32.61 20.47
CA GLY D 49 1.35 -32.35 19.13
C GLY D 49 2.50 -31.36 19.05
N GLY D 50 2.80 -30.65 20.13
CA GLY D 50 3.98 -29.83 20.08
C GLY D 50 3.87 -28.67 19.09
N THR D 51 5.05 -28.18 18.68
CA THR D 51 5.13 -27.06 17.76
C THR D 51 4.52 -27.42 16.41
N CYS D 52 4.82 -28.61 15.92
CA CYS D 52 4.44 -29.00 14.58
C CYS D 52 2.94 -28.97 14.37
N LEU D 53 2.19 -29.51 15.33
CA LEU D 53 0.75 -29.61 15.17
C LEU D 53 0.02 -28.32 15.57
N ASN D 54 0.56 -27.56 16.53
CA ASN D 54 -0.17 -26.44 17.11
C ASN D 54 0.20 -25.09 16.49
N VAL D 55 1.48 -24.82 16.26
CA VAL D 55 1.90 -23.50 15.77
C VAL D 55 3.01 -23.67 14.74
N GLY D 56 3.05 -24.82 14.07
CA GLY D 56 4.17 -25.13 13.22
C GLY D 56 3.83 -25.72 11.87
N CYS D 57 4.25 -26.97 11.62
CA CYS D 57 4.15 -27.54 10.28
C CYS D 57 2.75 -27.42 9.71
N ILE D 58 1.76 -27.91 10.45
CA ILE D 58 0.41 -28.09 9.91
C ILE D 58 -0.28 -26.75 9.75
N PRO D 59 -0.28 -25.87 10.77
CA PRO D 59 -0.91 -24.57 10.58
C PRO D 59 -0.35 -23.80 9.39
N SER D 60 0.98 -23.77 9.22
CA SER D 60 1.56 -23.00 8.13
C SER D 60 1.20 -23.60 6.77
N LYS D 61 1.15 -24.93 6.69
CA LYS D 61 0.80 -25.57 5.42
C LYS D 61 -0.68 -25.35 5.10
N ALA D 62 -1.54 -25.31 6.12
CA ALA D 62 -2.94 -24.99 5.87
C ALA D 62 -3.08 -23.59 5.29
N LEU D 63 -2.36 -22.62 5.83
CA LEU D 63 -2.41 -21.26 5.30
C LEU D 63 -1.72 -21.15 3.95
N LEU D 64 -0.63 -21.90 3.74
CA LEU D 64 0.02 -21.90 2.43
C LEU D 64 -0.92 -22.45 1.36
N ASP D 65 -1.64 -23.53 1.68
CA ASP D 65 -2.56 -24.11 0.70
C ASP D 65 -3.73 -23.18 0.43
N SER D 66 -4.33 -22.61 1.47
CA SER D 66 -5.45 -21.69 1.28
C SER D 66 -5.00 -20.48 0.46
N SER D 67 -3.89 -19.86 0.86
CA SER D 67 -3.43 -18.66 0.17
C SER D 67 -3.02 -18.95 -1.25
N TYR D 68 -2.47 -20.13 -1.53
CA TYR D 68 -2.09 -20.44 -2.90
C TYR D 68 -3.31 -20.61 -3.79
N LYS D 69 -4.36 -21.26 -3.28
CA LYS D 69 -5.57 -21.43 -4.09
C LYS D 69 -6.17 -20.08 -4.45
N TYR D 70 -6.18 -19.14 -3.50
CA TYR D 70 -6.65 -17.79 -3.79
C TYR D 70 -5.77 -17.12 -4.85
N HIS D 71 -4.45 -17.20 -4.67
CA HIS D 71 -3.55 -16.54 -5.61
C HIS D 71 -3.73 -17.10 -7.02
N GLU D 72 -3.86 -18.42 -7.15
CA GLU D 72 -4.02 -19.00 -8.48
C GLU D 72 -5.33 -18.56 -9.12
N ALA D 73 -6.42 -18.54 -8.34
CA ALA D 73 -7.69 -18.09 -8.88
C ALA D 73 -7.62 -16.63 -9.34
N LYS D 74 -6.84 -15.81 -8.63
CA LYS D 74 -6.79 -14.38 -8.94
C LYS D 74 -5.88 -14.09 -10.13
N GLU D 75 -4.82 -14.87 -10.33
CA GLU D 75 -3.77 -14.52 -11.27
C GLU D 75 -3.52 -15.56 -12.36
N ALA D 76 -4.10 -16.76 -12.27
CA ALA D 76 -3.72 -17.84 -13.18
C ALA D 76 -4.93 -18.69 -13.58
N PHE D 77 -6.11 -18.09 -13.65
CA PHE D 77 -7.31 -18.79 -14.09
C PHE D 77 -7.71 -18.46 -15.51
N LYS D 78 -7.43 -17.24 -15.99
CA LYS D 78 -7.93 -16.83 -17.30
C LYS D 78 -7.39 -17.73 -18.40
N VAL D 79 -6.15 -18.19 -18.27
CA VAL D 79 -5.56 -19.00 -19.33
C VAL D 79 -6.33 -20.29 -19.53
N HIS D 80 -7.01 -20.77 -18.49
CA HIS D 80 -7.86 -21.95 -18.59
C HIS D 80 -9.24 -21.65 -19.15
N GLY D 81 -9.54 -20.38 -19.43
CA GLY D 81 -10.89 -19.99 -19.76
C GLY D 81 -11.78 -19.74 -18.57
N ILE D 82 -11.23 -19.73 -17.36
CA ILE D 82 -12.01 -19.59 -16.14
C ILE D 82 -12.10 -18.11 -15.81
N GLU D 83 -13.33 -17.60 -15.74
CA GLU D 83 -13.63 -16.20 -15.42
C GLU D 83 -14.27 -16.13 -14.04
N ALA D 84 -13.73 -15.27 -13.20
CA ALA D 84 -14.25 -15.05 -11.85
C ALA D 84 -14.68 -13.59 -11.69
N LYS D 85 -15.97 -13.36 -11.48
CA LYS D 85 -16.40 -12.00 -11.16
C LYS D 85 -15.99 -11.78 -9.71
N GLY D 86 -14.78 -11.28 -9.52
CA GLY D 86 -14.32 -10.83 -8.21
C GLY D 86 -14.04 -11.88 -7.14
N VAL D 87 -12.84 -12.47 -7.13
CA VAL D 87 -12.44 -13.43 -6.11
C VAL D 87 -11.87 -12.67 -4.92
N THR D 88 -12.31 -13.03 -3.72
CA THR D 88 -11.81 -12.43 -2.48
C THR D 88 -11.55 -13.51 -1.44
N ILE D 89 -10.81 -13.13 -0.39
CA ILE D 89 -10.44 -14.03 0.70
C ILE D 89 -10.82 -13.37 2.02
N ASP D 90 -11.52 -14.11 2.88
CA ASP D 90 -11.84 -13.65 4.23
C ASP D 90 -10.82 -14.29 5.18
N VAL D 91 -9.90 -13.46 5.70
CA VAL D 91 -8.82 -14.00 6.54
C VAL D 91 -9.38 -14.71 7.77
N PRO D 92 -10.35 -14.17 8.49
CA PRO D 92 -10.87 -14.90 9.66
C PRO D 92 -11.34 -16.31 9.33
N ALA D 93 -12.02 -16.50 8.20
CA ALA D 93 -12.48 -17.83 7.81
C ALA D 93 -11.31 -18.74 7.44
N MET D 94 -10.30 -18.20 6.74
CA MET D 94 -9.11 -18.98 6.42
C MET D 94 -8.40 -19.45 7.69
N VAL D 95 -8.25 -18.57 8.67
CA VAL D 95 -7.58 -18.93 9.92
C VAL D 95 -8.42 -19.92 10.71
N ALA D 96 -9.74 -19.80 10.65
CA ALA D 96 -10.62 -20.69 11.40
C ALA D 96 -10.54 -22.12 10.87
N ARG D 97 -10.42 -22.30 9.55
CA ARG D 97 -10.22 -23.64 9.02
C ARG D 97 -8.95 -24.26 9.59
N LYS D 98 -7.86 -23.48 9.58
CA LYS D 98 -6.61 -23.93 10.17
C LYS D 98 -6.80 -24.35 11.62
N ALA D 99 -7.51 -23.52 12.40
CA ALA D 99 -7.71 -23.86 13.81
C ALA D 99 -8.50 -25.15 13.96
N ASN D 100 -9.48 -25.38 13.09
CA ASN D 100 -10.25 -26.61 13.17
C ASN D 100 -9.40 -27.82 12.84
N ILE D 101 -8.51 -27.69 11.86
CA ILE D 101 -7.60 -28.78 11.52
C ILE D 101 -6.71 -29.10 12.72
N VAL D 102 -6.18 -28.07 13.35
CA VAL D 102 -5.32 -28.25 14.52
C VAL D 102 -6.08 -29.01 15.61
N LYS D 103 -7.30 -28.56 15.93
CA LYS D 103 -8.07 -29.24 16.97
C LYS D 103 -8.29 -30.71 16.65
N ASN D 104 -8.65 -31.03 15.41
CA ASN D 104 -8.88 -32.43 15.05
C ASN D 104 -7.60 -33.25 15.20
N LEU D 105 -6.47 -32.72 14.72
CA LEU D 105 -5.24 -33.48 14.75
C LEU D 105 -4.72 -33.65 16.16
N THR D 106 -4.81 -32.61 16.99
CA THR D 106 -4.36 -32.74 18.37
C THR D 106 -5.23 -33.72 19.13
N GLY D 107 -6.55 -33.70 18.90
CA GLY D 107 -7.41 -34.72 19.47
C GLY D 107 -7.07 -36.11 18.97
N GLY D 108 -6.66 -36.23 17.71
CA GLY D 108 -6.26 -37.53 17.20
C GLY D 108 -5.08 -38.12 17.93
N ILE D 109 -4.18 -37.26 18.40
CA ILE D 109 -3.04 -37.72 19.19
C ILE D 109 -3.53 -38.34 20.48
N ALA D 110 -4.52 -37.71 21.13
CA ALA D 110 -5.09 -38.26 22.36
C ALA D 110 -5.77 -39.59 22.08
N THR D 111 -6.45 -39.72 20.92
CA THR D 111 -7.05 -40.99 20.56
C THR D 111 -6.01 -42.07 20.38
N LEU D 112 -4.88 -41.73 19.75
CA LEU D 112 -3.80 -42.70 19.59
C LEU D 112 -3.19 -43.08 20.93
N PHE D 113 -2.99 -42.11 21.82
CA PHE D 113 -2.47 -42.41 23.15
C PHE D 113 -3.37 -43.41 23.87
N LYS D 114 -4.68 -43.18 23.83
CA LYS D 114 -5.61 -44.07 24.53
C LYS D 114 -5.62 -45.45 23.91
N ALA D 115 -5.61 -45.54 22.58
CA ALA D 115 -5.64 -46.84 21.91
C ALA D 115 -4.39 -47.66 22.19
N ASN D 116 -3.24 -47.00 22.38
CA ASN D 116 -1.98 -47.68 22.61
C ASN D 116 -1.63 -47.83 24.09
N GLY D 117 -2.44 -47.25 24.98
CA GLY D 117 -2.20 -47.38 26.40
C GLY D 117 -1.19 -46.44 27.00
N VAL D 118 -0.90 -45.31 26.34
CA VAL D 118 -0.02 -44.30 26.91
C VAL D 118 -0.77 -43.53 28.00
N THR D 119 -0.14 -43.39 29.16
CA THR D 119 -0.72 -42.60 30.24
C THR D 119 -0.29 -41.14 30.08
N SER D 120 -1.27 -40.25 30.05
CA SER D 120 -1.02 -38.82 29.88
C SER D 120 -0.98 -38.10 31.22
N PHE D 121 0.01 -37.24 31.39
CA PHE D 121 0.09 -36.32 32.51
C PHE D 121 0.09 -34.89 32.01
N GLU D 122 -0.67 -34.04 32.67
CA GLU D 122 -0.80 -32.64 32.31
C GLU D 122 0.02 -31.80 33.29
N GLY D 123 1.03 -31.11 32.77
CA GLY D 123 1.84 -30.23 33.58
C GLY D 123 3.27 -30.21 33.08
N HIS D 124 4.14 -29.64 33.92
CA HIS D 124 5.55 -29.45 33.59
C HIS D 124 6.38 -30.60 34.17
N GLY D 125 7.16 -31.24 33.32
CA GLY D 125 8.09 -32.28 33.75
C GLY D 125 9.48 -31.70 33.92
N LYS D 126 10.14 -32.12 35.00
CA LYS D 126 11.50 -31.69 35.30
C LYS D 126 12.30 -32.91 35.70
N LEU D 127 13.46 -33.10 35.08
CA LEU D 127 14.30 -34.24 35.39
C LEU D 127 15.09 -33.98 36.67
N LEU D 128 14.92 -34.85 37.66
CA LEU D 128 15.70 -34.81 38.88
C LEU D 128 16.81 -35.85 38.81
N ALA D 129 17.57 -35.94 39.90
CA ALA D 129 18.60 -36.97 40.00
C ALA D 129 17.97 -38.36 39.99
N ASN D 130 18.77 -39.34 39.55
CA ASN D 130 18.38 -40.75 39.62
C ASN D 130 17.13 -41.03 38.78
N LYS D 131 17.01 -40.33 37.65
CA LYS D 131 15.95 -40.59 36.68
C LYS D 131 14.57 -40.40 37.28
N GLN D 132 14.46 -39.58 38.33
CA GLN D 132 13.16 -39.18 38.85
C GLN D 132 12.68 -37.96 38.07
N VAL D 133 11.38 -37.93 37.79
CA VAL D 133 10.77 -36.86 37.01
C VAL D 133 9.69 -36.21 37.86
N GLU D 134 9.87 -34.92 38.14
CA GLU D 134 8.88 -34.14 38.88
C GLU D 134 7.86 -33.57 37.90
N VAL D 135 6.58 -33.83 38.17
CA VAL D 135 5.48 -33.32 37.36
C VAL D 135 4.74 -32.28 38.19
N THR D 136 4.77 -31.03 37.73
CA THR D 136 4.02 -29.94 38.35
C THR D 136 2.73 -29.74 37.57
N GLY D 137 1.61 -30.09 38.20
CA GLY D 137 0.33 -29.97 37.53
C GLY D 137 -0.09 -28.53 37.32
N LEU D 138 -1.13 -28.37 36.51
CA LEU D 138 -1.69 -27.03 36.28
C LEU D 138 -2.28 -26.45 37.56
N ASP D 139 -2.59 -27.29 38.54
CA ASP D 139 -3.04 -26.82 39.86
C ASP D 139 -1.89 -26.58 40.81
N GLY D 140 -0.65 -26.68 40.35
CA GLY D 140 0.52 -26.41 41.17
C GLY D 140 0.97 -27.57 42.03
N LYS D 141 0.20 -28.65 42.11
CA LYS D 141 0.61 -29.80 42.89
C LYS D 141 1.68 -30.59 42.15
N THR D 142 2.62 -31.16 42.89
CA THR D 142 3.71 -31.92 42.32
C THR D 142 3.58 -33.40 42.65
N GLN D 143 4.08 -34.23 41.74
CA GLN D 143 4.21 -35.66 42.00
C GLN D 143 5.47 -36.14 41.28
N VAL D 144 6.05 -37.22 41.80
CA VAL D 144 7.29 -37.78 41.28
C VAL D 144 6.96 -39.12 40.62
N LEU D 145 7.43 -39.29 39.39
CA LEU D 145 7.31 -40.56 38.67
C LEU D 145 8.65 -41.27 38.72
N GLU D 146 8.62 -42.58 39.02
CA GLU D 146 9.82 -43.39 39.02
C GLU D 146 9.98 -44.01 37.65
N ALA D 147 11.03 -43.61 36.92
CA ALA D 147 11.21 -43.99 35.54
C ALA D 147 12.44 -44.87 35.40
N GLU D 148 12.28 -45.99 34.66
CA GLU D 148 13.44 -46.76 34.25
C GLU D 148 14.20 -46.04 33.14
N ASN D 149 13.48 -45.33 32.28
CA ASN D 149 14.07 -44.56 31.19
C ASN D 149 13.28 -43.26 31.04
N VAL D 150 14.00 -42.19 30.73
CA VAL D 150 13.40 -40.88 30.49
C VAL D 150 13.77 -40.43 29.08
N ILE D 151 12.78 -39.94 28.34
CA ILE D 151 13.00 -39.40 27.01
C ILE D 151 12.66 -37.91 27.09
N ILE D 152 13.67 -37.06 26.91
CA ILE D 152 13.49 -35.62 26.96
C ILE D 152 13.21 -35.14 25.54
N ALA D 153 12.04 -34.53 25.35
CA ALA D 153 11.61 -34.08 24.02
C ALA D 153 10.92 -32.73 24.14
N SER D 154 11.62 -31.77 24.75
CA SER D 154 11.05 -30.48 25.10
C SER D 154 11.03 -29.47 23.96
N GLY D 155 11.66 -29.79 22.82
CA GLY D 155 11.44 -28.99 21.64
C GLY D 155 12.21 -27.68 21.63
N SER D 156 11.65 -26.69 20.95
CA SER D 156 12.31 -25.43 20.68
C SER D 156 11.30 -24.29 20.76
N ARG D 157 11.80 -23.06 20.60
CA ARG D 157 10.96 -21.88 20.53
C ARG D 157 11.66 -20.86 19.65
N PRO D 158 10.95 -19.82 19.22
CA PRO D 158 11.57 -18.82 18.35
C PRO D 158 12.70 -18.07 19.05
N VAL D 159 13.74 -17.76 18.27
CA VAL D 159 14.79 -16.88 18.75
C VAL D 159 14.24 -15.46 18.84
N GLU D 160 14.63 -14.75 19.90
CA GLU D 160 14.30 -13.34 20.07
C GLU D 160 15.57 -12.51 19.97
N ILE D 161 15.44 -11.29 19.45
CA ILE D 161 16.58 -10.39 19.30
C ILE D 161 16.24 -9.02 19.87
N PRO D 162 17.17 -8.37 20.58
CA PRO D 162 16.86 -7.07 21.22
C PRO D 162 16.38 -6.03 20.22
N PRO D 163 16.98 -5.95 19.03
CA PRO D 163 16.56 -4.91 18.08
C PRO D 163 15.10 -4.99 17.66
N ALA D 164 14.45 -6.13 17.87
CA ALA D 164 13.07 -6.35 17.41
C ALA D 164 12.33 -7.15 18.47
N PRO D 165 12.05 -6.53 19.62
CA PRO D 165 11.31 -7.25 20.66
C PRO D 165 9.84 -7.43 20.29
N LEU D 166 9.29 -8.57 20.71
CA LEU D 166 7.88 -8.83 20.49
C LEU D 166 7.04 -7.76 21.18
N THR D 167 6.06 -7.21 20.45
CA THR D 167 5.30 -6.07 20.95
C THR D 167 3.86 -6.18 20.47
N ASP D 168 2.92 -6.32 21.41
CA ASP D 168 1.50 -6.29 21.09
C ASP D 168 1.20 -7.17 19.88
N ASP D 169 0.59 -6.59 18.85
CA ASP D 169 0.33 -7.30 17.59
C ASP D 169 1.12 -6.73 16.42
N ILE D 170 2.16 -5.94 16.69
CA ILE D 170 2.93 -5.30 15.63
C ILE D 170 4.23 -6.07 15.34
N ILE D 171 4.95 -6.47 16.38
CA ILE D 171 6.14 -7.30 16.23
C ILE D 171 5.80 -8.67 16.79
N VAL D 172 5.79 -9.68 15.90
CA VAL D 172 5.37 -11.03 16.25
C VAL D 172 6.42 -12.01 15.77
N ASP D 173 6.32 -13.23 16.30
CA ASP D 173 7.07 -14.36 15.79
C ASP D 173 6.14 -15.21 14.92
N SER D 174 6.59 -16.42 14.58
CA SER D 174 5.82 -17.25 13.65
C SER D 174 4.43 -17.55 14.20
N THR D 175 4.29 -17.66 15.51
CA THR D 175 2.98 -17.97 16.11
C THR D 175 1.98 -16.85 15.84
N GLY D 176 2.38 -15.61 16.10
CA GLY D 176 1.49 -14.49 15.80
C GLY D 176 1.21 -14.33 14.32
N ALA D 177 2.20 -14.63 13.48
CA ALA D 177 2.02 -14.50 12.03
C ALA D 177 1.03 -15.51 11.47
N LEU D 178 0.75 -16.59 12.20
CA LEU D 178 -0.26 -17.55 11.80
C LEU D 178 -1.64 -17.19 12.33
N GLU D 179 -1.77 -16.02 12.97
CA GLU D 179 -3.00 -15.63 13.64
C GLU D 179 -3.52 -14.26 13.20
N PHE D 180 -2.89 -13.62 12.22
CA PHE D 180 -3.42 -12.36 11.72
C PHE D 180 -4.89 -12.54 11.33
N GLN D 181 -5.72 -11.59 11.71
CA GLN D 181 -7.11 -11.60 11.32
C GLN D 181 -7.39 -10.70 10.12
N ALA D 182 -6.35 -10.03 9.61
CA ALA D 182 -6.46 -9.19 8.42
C ALA D 182 -5.11 -9.12 7.74
N VAL D 183 -5.13 -8.90 6.43
CA VAL D 183 -3.90 -8.78 5.65
C VAL D 183 -3.18 -7.48 6.01
N PRO D 184 -1.94 -7.52 6.50
CA PRO D 184 -1.20 -6.26 6.70
C PRO D 184 -0.88 -5.60 5.38
N LYS D 185 -1.06 -4.28 5.33
CA LYS D 185 -0.85 -3.54 4.08
C LYS D 185 0.62 -3.59 3.66
N LYS D 186 1.53 -3.30 4.59
CA LYS D 186 2.97 -3.41 4.37
C LYS D 186 3.53 -4.32 5.44
N LEU D 187 4.20 -5.40 5.03
CA LEU D 187 4.68 -6.42 5.94
C LEU D 187 6.19 -6.53 5.84
N GLY D 188 6.86 -6.42 6.99
CA GLY D 188 8.28 -6.65 7.08
C GLY D 188 8.57 -8.00 7.69
N VAL D 189 9.66 -8.62 7.22
CA VAL D 189 10.12 -9.90 7.74
C VAL D 189 11.61 -9.80 7.97
N ILE D 190 12.05 -10.15 9.17
CA ILE D 190 13.47 -10.21 9.50
C ILE D 190 13.89 -11.68 9.36
N GLY D 191 14.76 -11.95 8.39
CA GLY D 191 15.19 -13.31 8.13
C GLY D 191 14.62 -13.88 6.85
N ALA D 192 15.49 -14.22 5.91
CA ALA D 192 15.08 -14.92 4.69
C ALA D 192 15.32 -16.41 4.82
N GLY D 193 15.08 -16.97 6.00
CA GLY D 193 15.07 -18.40 6.19
C GLY D 193 13.73 -18.98 5.83
N VAL D 194 13.56 -20.26 6.17
CA VAL D 194 12.40 -21.01 5.68
C VAL D 194 11.11 -20.41 6.24
N ILE D 195 11.10 -20.04 7.52
CA ILE D 195 9.89 -19.45 8.10
C ILE D 195 9.58 -18.12 7.43
N GLY D 196 10.60 -17.27 7.28
CA GLY D 196 10.38 -15.98 6.64
C GLY D 196 9.84 -16.12 5.23
N LEU D 197 10.36 -17.09 4.47
CA LEU D 197 9.92 -17.25 3.10
C LEU D 197 8.51 -17.83 3.04
N GLU D 198 8.20 -18.81 3.90
CA GLU D 198 6.87 -19.41 3.88
C GLU D 198 5.81 -18.42 4.36
N LEU D 199 6.04 -17.78 5.50
CA LEU D 199 5.03 -16.89 6.05
C LEU D 199 4.94 -15.60 5.23
N GLY D 200 6.07 -15.13 4.69
CA GLY D 200 6.01 -14.05 3.72
C GLY D 200 5.17 -14.38 2.51
N SER D 201 5.27 -15.62 2.02
CA SER D 201 4.49 -16.02 0.86
C SER D 201 3.00 -16.00 1.16
N VAL D 202 2.60 -16.49 2.32
CA VAL D 202 1.17 -16.52 2.67
C VAL D 202 0.56 -15.14 2.49
N TRP D 203 1.14 -14.14 3.15
CA TRP D 203 0.52 -12.82 3.19
C TRP D 203 0.76 -12.04 1.91
N ALA D 204 1.89 -12.26 1.25
CA ALA D 204 2.09 -11.65 -0.07
C ALA D 204 0.99 -12.09 -1.04
N ARG D 205 0.63 -13.37 -1.01
CA ARG D 205 -0.40 -13.89 -1.91
C ARG D 205 -1.74 -13.22 -1.67
N LEU D 206 -2.02 -12.80 -0.43
CA LEU D 206 -3.28 -12.19 -0.09
C LEU D 206 -3.27 -10.67 -0.23
N GLY D 207 -2.18 -10.10 -0.73
CA GLY D 207 -2.14 -8.68 -1.06
C GLY D 207 -1.16 -7.85 -0.25
N ALA D 208 -0.49 -8.40 0.75
CA ALA D 208 0.48 -7.61 1.51
C ALA D 208 1.70 -7.29 0.65
N GLU D 209 2.26 -6.11 0.87
CA GLU D 209 3.54 -5.74 0.29
C GLU D 209 4.63 -6.16 1.25
N VAL D 210 5.42 -7.17 0.88
CA VAL D 210 6.31 -7.87 1.80
C VAL D 210 7.75 -7.51 1.46
N THR D 211 8.50 -7.12 2.48
CA THR D 211 9.94 -6.92 2.40
C THR D 211 10.61 -7.87 3.38
N VAL D 212 11.62 -8.61 2.90
CA VAL D 212 12.35 -9.57 3.71
C VAL D 212 13.78 -9.09 3.85
N LEU D 213 14.23 -8.87 5.08
CA LEU D 213 15.56 -8.36 5.37
C LEU D 213 16.43 -9.52 5.86
N GLU D 214 17.47 -9.84 5.09
CA GLU D 214 18.34 -10.96 5.38
C GLU D 214 19.75 -10.44 5.63
N ALA D 215 20.31 -10.79 6.79
CA ALA D 215 21.63 -10.27 7.16
C ALA D 215 22.72 -10.87 6.29
N LEU D 216 22.60 -12.14 5.93
CA LEU D 216 23.64 -12.82 5.16
C LEU D 216 23.60 -12.39 3.71
N ASP D 217 24.77 -12.47 3.05
CA ASP D 217 24.86 -12.19 1.63
C ASP D 217 24.34 -13.34 0.78
N LYS D 218 24.38 -14.56 1.29
CA LYS D 218 24.04 -15.75 0.52
C LYS D 218 22.63 -16.21 0.86
N PHE D 219 21.83 -16.43 -0.17
CA PHE D 219 20.46 -16.90 -0.02
C PHE D 219 20.44 -18.42 0.07
N LEU D 220 19.65 -18.95 1.01
CA LEU D 220 19.49 -20.38 1.26
C LEU D 220 20.85 -21.11 1.16
N PRO D 221 21.78 -20.79 2.05
CA PRO D 221 23.13 -21.38 1.92
C PRO D 221 23.16 -22.90 2.03
N ALA D 222 22.18 -23.52 2.68
CA ALA D 222 22.15 -24.97 2.77
C ALA D 222 21.64 -25.63 1.49
N ALA D 223 20.91 -24.90 0.66
CA ALA D 223 20.40 -25.47 -0.58
C ALA D 223 21.50 -25.44 -1.64
N ASP D 224 21.32 -26.28 -2.67
CA ASP D 224 22.22 -26.24 -3.80
C ASP D 224 22.18 -24.85 -4.44
N GLU D 225 23.36 -24.33 -4.78
CA GLU D 225 23.46 -22.95 -5.22
C GLU D 225 22.59 -22.68 -6.45
N GLN D 226 22.55 -23.62 -7.39
CA GLN D 226 21.73 -23.44 -8.58
C GLN D 226 20.25 -23.35 -8.21
N ILE D 227 19.80 -24.24 -7.31
CA ILE D 227 18.42 -24.17 -6.84
C ILE D 227 18.16 -22.84 -6.14
N ALA D 228 19.09 -22.42 -5.28
CA ALA D 228 18.89 -21.20 -4.52
C ALA D 228 18.81 -19.98 -5.43
N LYS D 229 19.63 -19.93 -6.47
CA LYS D 229 19.59 -18.80 -7.40
C LYS D 229 18.22 -18.71 -8.07
N GLU D 230 17.71 -19.85 -8.55
CA GLU D 230 16.39 -19.88 -9.18
C GLU D 230 15.31 -19.50 -8.18
N ALA D 231 15.43 -19.98 -6.94
CA ALA D 231 14.45 -19.65 -5.92
C ALA D 231 14.40 -18.15 -5.66
N LEU D 232 15.58 -17.51 -5.56
CA LEU D 232 15.60 -16.07 -5.30
C LEU D 232 14.94 -15.30 -6.43
N LYS D 233 15.22 -15.68 -7.67
CA LYS D 233 14.61 -14.99 -8.81
C LYS D 233 13.10 -15.13 -8.80
N VAL D 234 12.61 -16.35 -8.58
CA VAL D 234 11.18 -16.61 -8.70
C VAL D 234 10.41 -15.95 -7.56
N LEU D 235 10.92 -16.08 -6.33
CA LEU D 235 10.24 -15.50 -5.17
C LEU D 235 10.22 -13.98 -5.24
N THR D 236 11.28 -13.38 -5.78
CA THR D 236 11.27 -11.93 -5.97
C THR D 236 10.17 -11.52 -6.95
N LYS D 237 9.99 -12.30 -8.03
CA LYS D 237 8.93 -12.00 -8.98
C LYS D 237 7.55 -12.12 -8.33
N GLN D 238 7.39 -13.02 -7.37
CA GLN D 238 6.11 -13.21 -6.69
C GLN D 238 5.79 -12.12 -5.67
N GLY D 239 6.69 -11.16 -5.45
CA GLY D 239 6.42 -10.04 -4.58
C GLY D 239 7.13 -10.07 -3.25
N LEU D 240 7.98 -11.07 -3.00
CA LEU D 240 8.83 -11.04 -1.80
C LEU D 240 10.07 -10.23 -2.13
N ASN D 241 10.15 -9.03 -1.56
CA ASN D 241 11.31 -8.15 -1.75
C ASN D 241 12.38 -8.60 -0.77
N ILE D 242 13.19 -9.57 -1.20
CA ILE D 242 14.20 -10.17 -0.34
C ILE D 242 15.47 -9.33 -0.43
N ARG D 243 15.90 -8.82 0.72
CA ARG D 243 17.07 -7.95 0.81
C ARG D 243 18.23 -8.73 1.42
N LEU D 244 19.24 -9.01 0.61
CA LEU D 244 20.42 -9.72 1.09
C LEU D 244 21.41 -8.74 1.68
N GLY D 245 22.21 -9.23 2.62
CA GLY D 245 23.18 -8.40 3.31
C GLY D 245 22.55 -7.22 4.04
N ALA D 246 21.30 -7.36 4.49
CA ALA D 246 20.61 -6.32 5.24
C ALA D 246 20.40 -6.83 6.65
N ARG D 247 21.11 -6.26 7.62
CA ARG D 247 21.03 -6.67 9.01
C ARG D 247 20.34 -5.58 9.82
N VAL D 248 19.15 -5.87 10.33
CA VAL D 248 18.37 -4.92 11.11
C VAL D 248 19.08 -4.63 12.43
N THR D 249 19.14 -3.34 12.79
CA THR D 249 19.83 -2.89 13.99
C THR D 249 18.91 -2.27 15.02
N ALA D 250 17.70 -1.86 14.66
CA ALA D 250 16.78 -1.23 15.61
C ALA D 250 15.40 -1.16 14.97
N SER D 251 14.39 -0.99 15.83
CA SER D 251 13.03 -0.74 15.38
C SER D 251 12.34 0.17 16.38
N GLU D 252 11.23 0.78 15.93
CA GLU D 252 10.47 1.70 16.78
C GLU D 252 8.99 1.60 16.39
N VAL D 253 8.13 1.49 17.39
CA VAL D 253 6.69 1.38 17.21
C VAL D 253 6.04 2.72 17.51
N LYS D 254 5.12 3.15 16.63
CA LYS D 254 4.35 4.37 16.84
C LYS D 254 3.15 4.42 15.90
N LYS D 255 1.98 4.79 16.43
CA LYS D 255 0.78 4.96 15.61
C LYS D 255 0.41 3.68 14.88
N LYS D 256 0.52 2.55 15.59
CA LYS D 256 0.17 1.24 15.02
C LYS D 256 1.00 0.93 13.78
N GLN D 257 2.22 1.47 13.72
CA GLN D 257 3.16 1.15 12.64
C GLN D 257 4.55 1.00 13.25
N VAL D 258 5.43 0.35 12.49
CA VAL D 258 6.79 0.07 12.95
C VAL D 258 7.79 0.50 11.88
N THR D 259 8.79 1.28 12.29
CA THR D 259 9.89 1.70 11.42
C THR D 259 11.13 0.90 11.79
N VAL D 260 11.71 0.23 10.81
CA VAL D 260 12.88 -0.63 11.01
C VAL D 260 14.11 0.06 10.44
N THR D 261 15.19 0.06 11.21
CA THR D 261 16.49 0.55 10.76
C THR D 261 17.41 -0.64 10.51
N PHE D 262 18.08 -0.64 9.36
CA PHE D 262 18.99 -1.72 9.01
C PHE D 262 20.11 -1.17 8.15
N THR D 263 21.24 -1.90 8.15
CA THR D 263 22.42 -1.53 7.38
C THR D 263 22.60 -2.51 6.23
N ASP D 264 22.83 -1.97 5.03
CA ASP D 264 23.14 -2.77 3.86
C ASP D 264 24.41 -2.21 3.24
N ALA D 265 24.67 -2.56 1.98
CA ALA D 265 25.91 -2.15 1.33
C ALA D 265 26.05 -0.63 1.27
N ASN D 266 24.93 0.10 1.23
CA ASN D 266 24.96 1.55 1.07
C ASN D 266 24.77 2.30 2.39
N GLY D 267 24.92 1.63 3.52
CA GLY D 267 24.82 2.29 4.81
C GLY D 267 23.48 2.07 5.48
N GLU D 268 23.16 2.99 6.38
CA GLU D 268 21.94 2.88 7.17
C GLU D 268 20.71 3.18 6.32
N GLN D 269 19.69 2.34 6.47
CA GLN D 269 18.45 2.48 5.74
C GLN D 269 17.28 2.41 6.72
N LYS D 270 16.13 2.93 6.29
CA LYS D 270 14.92 2.88 7.09
C LYS D 270 13.74 2.43 6.23
N GLU D 271 12.87 1.62 6.82
CA GLU D 271 11.64 1.20 6.17
C GLU D 271 10.55 1.04 7.22
N THR D 272 9.34 1.44 6.89
CA THR D 272 8.21 1.41 7.81
C THR D 272 7.21 0.35 7.36
N PHE D 273 6.64 -0.35 8.32
CA PHE D 273 5.71 -1.44 8.04
C PHE D 273 4.51 -1.36 8.98
N ASP D 274 3.42 -1.98 8.57
CA ASP D 274 2.26 -2.13 9.44
C ASP D 274 2.42 -3.28 10.42
N LYS D 275 3.12 -4.34 10.01
CA LYS D 275 3.40 -5.49 10.85
C LYS D 275 4.82 -5.95 10.57
N LEU D 276 5.43 -6.57 11.58
CA LEU D 276 6.80 -7.06 11.47
C LEU D 276 6.87 -8.46 12.02
N ILE D 277 7.33 -9.41 11.20
CA ILE D 277 7.53 -10.79 11.62
C ILE D 277 9.02 -10.97 11.89
N VAL D 278 9.35 -11.48 13.07
CA VAL D 278 10.73 -11.78 13.44
C VAL D 278 10.93 -13.27 13.25
N ALA D 279 11.72 -13.64 12.24
CA ALA D 279 11.95 -15.02 11.86
C ALA D 279 13.45 -15.23 11.70
N VAL D 280 14.17 -15.22 12.83
CA VAL D 280 15.62 -15.22 12.83
C VAL D 280 16.15 -16.47 13.52
N GLY D 281 15.42 -17.59 13.36
CA GLY D 281 15.87 -18.88 13.83
C GLY D 281 15.06 -19.36 15.02
N ARG D 282 15.39 -20.58 15.44
CA ARG D 282 14.77 -21.20 16.59
C ARG D 282 15.84 -21.75 17.52
N ARG D 283 15.49 -21.85 18.80
CA ARG D 283 16.38 -22.25 19.87
C ARG D 283 15.78 -23.34 20.74
N PRO D 284 16.61 -24.21 21.30
CA PRO D 284 16.08 -25.30 22.14
C PRO D 284 15.54 -24.78 23.46
N VAL D 285 14.54 -25.48 23.98
CA VAL D 285 13.89 -25.10 25.24
C VAL D 285 14.47 -25.98 26.33
N THR D 286 15.20 -25.36 27.28
CA THR D 286 15.75 -26.11 28.41
C THR D 286 15.53 -25.45 29.77
N THR D 287 15.02 -24.23 29.83
CA THR D 287 14.86 -23.53 31.11
C THR D 287 13.93 -24.32 32.03
N ASP D 288 14.37 -24.51 33.27
CA ASP D 288 13.63 -25.25 34.30
C ASP D 288 13.36 -26.68 33.90
N LEU D 289 14.09 -27.19 32.92
CA LEU D 289 13.94 -28.57 32.48
C LEU D 289 14.82 -29.52 33.27
N LEU D 290 15.98 -29.04 33.71
CA LEU D 290 17.01 -29.89 34.28
C LEU D 290 17.39 -29.36 35.65
N ALA D 291 17.24 -30.19 36.67
CA ALA D 291 17.73 -29.82 37.99
C ALA D 291 19.24 -29.62 37.94
N ALA D 292 19.74 -28.77 38.83
CA ALA D 292 21.18 -28.46 38.82
C ALA D 292 22.02 -29.70 39.06
N ASP D 293 21.49 -30.68 39.80
CA ASP D 293 22.21 -31.91 40.10
C ASP D 293 21.68 -33.09 39.30
N SER D 294 21.04 -32.83 38.16
CA SER D 294 20.44 -33.90 37.36
C SER D 294 21.49 -34.76 36.66
N GLY D 295 22.66 -34.19 36.35
CA GLY D 295 23.70 -34.90 35.66
C GLY D 295 23.67 -34.82 34.15
N VAL D 296 22.58 -34.33 33.56
CA VAL D 296 22.50 -34.17 32.11
C VAL D 296 23.10 -32.82 31.75
N THR D 297 23.98 -32.81 30.75
CA THR D 297 24.77 -31.64 30.40
C THR D 297 24.31 -31.03 29.08
N LEU D 298 24.64 -29.76 28.91
CA LEU D 298 24.37 -29.01 27.69
C LEU D 298 25.67 -28.87 26.91
N ASP D 299 25.54 -28.77 25.59
CA ASP D 299 26.69 -28.57 24.74
C ASP D 299 26.96 -27.08 24.54
N GLU D 300 27.92 -26.75 23.67
CA GLU D 300 28.38 -25.37 23.55
C GLU D 300 27.28 -24.42 23.12
N ARG D 301 26.30 -24.91 22.35
CA ARG D 301 25.24 -24.08 21.79
C ARG D 301 23.95 -24.12 22.60
N GLY D 302 23.94 -24.78 23.76
CA GLY D 302 22.77 -24.84 24.60
C GLY D 302 21.86 -26.03 24.35
N PHE D 303 22.21 -26.92 23.44
CA PHE D 303 21.47 -28.15 23.22
C PHE D 303 21.87 -29.20 24.27
N ILE D 304 20.97 -30.15 24.51
CA ILE D 304 21.29 -31.27 25.39
C ILE D 304 22.32 -32.18 24.71
N TYR D 305 23.37 -32.54 25.44
CA TYR D 305 24.46 -33.35 24.89
C TYR D 305 24.03 -34.80 24.79
N VAL D 306 24.08 -35.36 23.57
CA VAL D 306 23.74 -36.75 23.33
C VAL D 306 24.71 -37.31 22.30
N ASP D 307 24.79 -38.65 22.25
CA ASP D 307 25.59 -39.33 21.25
C ASP D 307 24.72 -39.64 20.01
N ASP D 308 25.22 -40.48 19.12
CA ASP D 308 24.52 -40.77 17.87
C ASP D 308 23.26 -41.59 18.09
N HIS D 309 23.08 -42.18 19.26
CA HIS D 309 21.84 -42.87 19.60
C HIS D 309 20.95 -42.04 20.53
N CYS D 310 21.23 -40.74 20.67
CA CYS D 310 20.44 -39.81 21.47
C CYS D 310 20.49 -40.13 22.95
N LYS D 311 21.56 -40.77 23.40
CA LYS D 311 21.75 -41.07 24.82
C LYS D 311 22.52 -39.92 25.48
N THR D 312 22.02 -39.47 26.65
CA THR D 312 22.56 -38.31 27.35
C THR D 312 23.78 -38.68 28.19
N SER D 313 24.19 -37.74 29.05
CA SER D 313 25.28 -37.94 30.01
C SER D 313 24.90 -38.94 31.08
N VAL D 314 23.62 -39.29 31.20
CA VAL D 314 23.09 -40.17 32.25
C VAL D 314 22.56 -41.44 31.58
N PRO D 315 22.99 -42.63 31.98
CA PRO D 315 22.41 -43.85 31.40
C PRO D 315 20.91 -43.92 31.64
N GLY D 316 20.19 -44.37 30.62
CA GLY D 316 18.75 -44.48 30.68
C GLY D 316 17.99 -43.18 30.46
N VAL D 317 18.69 -42.08 30.20
CA VAL D 317 18.07 -40.79 29.92
C VAL D 317 18.45 -40.39 28.51
N PHE D 318 17.45 -40.11 27.68
CA PHE D 318 17.63 -39.80 26.28
C PHE D 318 17.04 -38.43 25.98
N ALA D 319 17.51 -37.83 24.90
CA ALA D 319 16.99 -36.55 24.45
C ALA D 319 16.92 -36.58 22.93
N ILE D 320 15.80 -36.10 22.40
CA ILE D 320 15.48 -36.25 20.99
C ILE D 320 14.86 -34.96 20.47
N GLY D 321 14.80 -34.85 19.14
CA GLY D 321 14.11 -33.75 18.52
C GLY D 321 14.90 -32.45 18.53
N ASP D 322 14.17 -31.34 18.59
CA ASP D 322 14.77 -30.02 18.45
C ASP D 322 15.71 -29.67 19.60
N VAL D 323 15.61 -30.36 20.74
CA VAL D 323 16.43 -30.03 21.89
C VAL D 323 17.83 -30.62 21.82
N VAL D 324 18.14 -31.40 20.77
CA VAL D 324 19.46 -31.97 20.59
C VAL D 324 19.99 -31.60 19.21
N ARG D 325 21.25 -31.96 18.96
CA ARG D 325 21.91 -31.66 17.70
C ARG D 325 21.16 -32.25 16.51
N GLY D 326 21.41 -31.68 15.35
CA GLY D 326 20.86 -32.17 14.10
C GLY D 326 19.79 -31.24 13.55
N ALA D 327 19.30 -31.60 12.37
CA ALA D 327 18.29 -30.81 11.70
C ALA D 327 17.05 -30.69 12.57
N MET D 328 16.59 -29.45 12.79
CA MET D 328 15.43 -29.18 13.65
C MET D 328 14.15 -29.36 12.82
N LEU D 329 13.83 -30.62 12.56
CA LEU D 329 12.72 -30.99 11.70
C LEU D 329 11.85 -32.04 12.36
N ALA D 330 10.57 -32.07 11.96
CA ALA D 330 9.60 -32.94 12.61
C ALA D 330 9.91 -34.42 12.32
N HIS D 331 10.28 -34.75 11.09
CA HIS D 331 10.55 -36.14 10.76
C HIS D 331 11.87 -36.62 11.35
N LYS D 332 12.82 -35.72 11.57
CA LYS D 332 14.02 -36.08 12.32
C LYS D 332 13.66 -36.40 13.76
N ALA D 333 12.82 -35.57 14.37
CA ALA D 333 12.41 -35.81 15.76
C ALA D 333 11.67 -37.14 15.90
N SER D 334 10.73 -37.41 15.00
CA SER D 334 9.92 -38.62 15.11
CA SER D 334 9.92 -38.62 15.11
C SER D 334 10.77 -39.87 14.89
N GLU D 335 11.72 -39.82 13.95
CA GLU D 335 12.56 -40.98 13.74
C GLU D 335 13.47 -41.24 14.94
N GLU D 336 13.97 -40.18 15.56
CA GLU D 336 14.75 -40.35 16.78
C GLU D 336 13.90 -40.94 17.89
N GLY D 337 12.62 -40.53 17.97
CA GLY D 337 11.72 -41.13 18.95
C GLY D 337 11.53 -42.62 18.73
N VAL D 338 11.39 -43.04 17.48
CA VAL D 338 11.26 -44.47 17.18
C VAL D 338 12.53 -45.21 17.57
N MET D 339 13.70 -44.67 17.18
CA MET D 339 14.96 -45.34 17.51
C MET D 339 15.10 -45.53 19.01
N VAL D 340 14.89 -44.46 19.78
CA VAL D 340 15.10 -44.53 21.22
C VAL D 340 14.16 -45.54 21.85
N ALA D 341 12.89 -45.53 21.44
CA ALA D 341 11.94 -46.52 21.97
C ALA D 341 12.37 -47.94 21.63
N GLU D 342 12.78 -48.18 20.38
CA GLU D 342 13.18 -49.53 19.98
C GLU D 342 14.43 -49.98 20.72
N ARG D 343 15.36 -49.05 20.98
CA ARG D 343 16.57 -49.42 21.71
C ARG D 343 16.26 -49.72 23.18
N ILE D 344 15.33 -48.98 23.78
CA ILE D 344 14.89 -49.29 25.14
C ILE D 344 14.32 -50.69 25.19
N ALA D 345 13.63 -51.11 24.13
CA ALA D 345 13.02 -52.43 24.07
C ALA D 345 14.03 -53.54 23.76
N GLY D 346 15.31 -53.20 23.55
CA GLY D 346 16.34 -54.20 23.35
C GLY D 346 16.81 -54.36 21.92
N HIS D 347 16.32 -53.53 21.00
CA HIS D 347 16.74 -53.60 19.61
C HIS D 347 17.95 -52.71 19.37
N LYS D 348 18.85 -53.16 18.50
CA LYS D 348 20.02 -52.37 18.10
C LYS D 348 19.63 -51.43 16.96
N ALA D 349 18.59 -50.64 17.23
CA ALA D 349 18.06 -49.72 16.25
C ALA D 349 19.04 -48.59 15.97
N GLN D 350 19.07 -48.15 14.72
CA GLN D 350 19.96 -47.10 14.28
C GLN D 350 19.17 -46.06 13.49
N MET D 351 19.75 -44.88 13.33
CA MET D 351 19.13 -43.84 12.53
C MET D 351 20.11 -43.38 11.46
N ASN D 352 19.58 -43.15 10.25
CA ASN D 352 20.36 -42.69 9.11
C ASN D 352 20.21 -41.18 9.01
N TYR D 353 21.21 -40.45 9.51
CA TYR D 353 21.20 -38.99 9.43
C TYR D 353 21.67 -38.45 8.08
N ASP D 354 22.01 -39.32 7.13
CA ASP D 354 22.56 -38.86 5.86
C ASP D 354 21.51 -38.60 4.78
N LEU D 355 20.31 -39.13 4.90
CA LEU D 355 19.28 -39.02 3.86
C LEU D 355 18.02 -38.36 4.39
N ILE D 356 18.16 -37.40 5.30
CA ILE D 356 17.05 -36.63 5.81
C ILE D 356 16.69 -35.57 4.77
N PRO D 357 15.52 -35.63 4.14
CA PRO D 357 15.19 -34.62 3.13
C PRO D 357 14.81 -33.29 3.77
N SER D 358 14.97 -32.24 2.98
CA SER D 358 14.57 -30.89 3.37
C SER D 358 13.51 -30.40 2.39
N VAL D 359 12.50 -29.71 2.91
CA VAL D 359 11.42 -29.17 2.09
C VAL D 359 11.12 -27.75 2.55
N ILE D 360 10.95 -26.86 1.58
CA ILE D 360 10.45 -25.50 1.82
C ILE D 360 9.15 -25.37 1.05
N TYR D 361 8.06 -25.08 1.77
CA TYR D 361 6.73 -25.16 1.20
C TYR D 361 6.29 -23.84 0.57
N THR D 362 7.22 -23.15 -0.08
CA THR D 362 6.87 -22.10 -1.01
C THR D 362 6.16 -22.72 -2.21
N HIS D 363 5.69 -21.86 -3.13
CA HIS D 363 5.22 -22.31 -4.43
C HIS D 363 5.94 -21.46 -5.47
N PRO D 364 6.86 -22.02 -6.26
CA PRO D 364 7.25 -23.44 -6.35
C PRO D 364 7.88 -23.99 -5.07
N GLU D 365 7.58 -25.26 -4.81
CA GLU D 365 8.14 -25.98 -3.69
C GLU D 365 9.64 -26.23 -3.91
N ILE D 366 10.40 -26.25 -2.82
CA ILE D 366 11.83 -26.51 -2.85
C ILE D 366 12.09 -27.71 -1.96
N ALA D 367 12.89 -28.66 -2.45
CA ALA D 367 13.23 -29.83 -1.66
C ALA D 367 14.56 -30.41 -2.12
N TRP D 368 15.25 -31.08 -1.19
CA TRP D 368 16.48 -31.77 -1.56
C TRP D 368 16.80 -32.84 -0.53
N VAL D 369 17.66 -33.77 -0.95
CA VAL D 369 18.20 -34.82 -0.10
C VAL D 369 19.63 -35.08 -0.53
N GLY D 370 20.50 -35.37 0.42
CA GLY D 370 21.89 -35.61 0.08
C GLY D 370 22.67 -34.31 -0.06
N LYS D 371 23.77 -34.39 -0.81
CA LYS D 371 24.76 -33.32 -0.84
C LYS D 371 24.56 -32.38 -2.02
N THR D 372 24.90 -31.11 -1.78
CA THR D 372 24.87 -30.07 -2.81
C THR D 372 26.13 -30.13 -3.67
N GLU D 373 26.08 -29.45 -4.81
CA GLU D 373 27.24 -29.38 -5.69
C GLU D 373 28.42 -28.71 -4.98
N GLN D 374 28.15 -27.61 -4.27
CA GLN D 374 29.24 -26.87 -3.62
C GLN D 374 29.88 -27.68 -2.49
N THR D 375 29.07 -28.47 -1.77
CA THR D 375 29.63 -29.32 -0.73
C THR D 375 30.56 -30.36 -1.33
N LEU D 376 30.11 -31.02 -2.40
CA LEU D 376 30.93 -32.06 -3.02
C LEU D 376 32.19 -31.47 -3.63
N LYS D 377 32.12 -30.26 -4.17
CA LYS D 377 33.32 -29.59 -4.67
C LYS D 377 34.30 -29.32 -3.54
N ALA D 378 33.79 -28.87 -2.39
CA ALA D 378 34.66 -28.62 -1.25
C ALA D 378 35.31 -29.91 -0.75
N GLU D 379 34.61 -31.04 -0.88
CA GLU D 379 35.15 -32.32 -0.46
C GLU D 379 36.10 -32.93 -1.49
N GLY D 380 36.23 -32.32 -2.67
CA GLY D 380 37.09 -32.86 -3.70
C GLY D 380 36.53 -34.04 -4.44
N VAL D 381 35.21 -34.21 -4.46
CA VAL D 381 34.58 -35.34 -5.13
C VAL D 381 34.18 -34.89 -6.54
N GLU D 382 34.74 -35.55 -7.54
CA GLU D 382 34.35 -35.28 -8.92
C GLU D 382 32.96 -35.85 -9.16
N VAL D 383 32.09 -35.07 -9.80
CA VAL D 383 30.70 -35.45 -9.98
C VAL D 383 30.27 -35.19 -11.41
N ASN D 384 29.20 -35.90 -11.79
CA ASN D 384 28.44 -35.60 -12.99
C ASN D 384 27.08 -35.09 -12.56
N VAL D 385 26.61 -34.04 -13.23
CA VAL D 385 25.35 -33.38 -12.88
C VAL D 385 24.40 -33.49 -14.06
N GLY D 386 23.15 -33.79 -13.78
CA GLY D 386 22.09 -33.75 -14.78
C GLY D 386 20.91 -32.96 -14.28
N THR D 387 20.36 -32.13 -15.15
CA THR D 387 19.21 -31.30 -14.81
C THR D 387 18.15 -31.42 -15.88
N PHE D 388 16.90 -31.20 -15.48
CA PHE D 388 15.79 -31.19 -16.42
C PHE D 388 14.83 -30.09 -15.96
N PRO D 389 14.46 -29.16 -16.84
CA PRO D 389 13.54 -28.08 -16.44
C PRO D 389 12.08 -28.47 -16.65
N PHE D 390 11.23 -28.00 -15.73
CA PHE D 390 9.81 -28.27 -15.86
C PHE D 390 9.20 -27.58 -17.07
N ALA D 391 9.88 -26.59 -17.64
CA ALA D 391 9.42 -25.98 -18.88
C ALA D 391 9.36 -27.00 -20.03
N ALA D 392 10.07 -28.11 -19.90
CA ALA D 392 10.08 -29.17 -20.90
C ALA D 392 9.22 -30.36 -20.51
N SER D 393 8.45 -30.26 -19.44
CA SER D 393 7.59 -31.33 -18.97
C SER D 393 6.18 -31.14 -19.51
N GLY D 394 5.69 -32.14 -20.26
CA GLY D 394 4.33 -32.09 -20.75
C GLY D 394 3.32 -32.01 -19.63
N ARG D 395 3.53 -32.78 -18.55
CA ARG D 395 2.63 -32.73 -17.41
C ARG D 395 2.59 -31.33 -16.80
N ALA D 396 3.75 -30.70 -16.66
CA ALA D 396 3.79 -29.38 -16.03
C ALA D 396 3.08 -28.34 -16.90
N MET D 397 3.23 -28.45 -18.22
CA MET D 397 2.50 -27.56 -19.12
C MET D 397 1.00 -27.71 -18.94
N ALA D 398 0.51 -28.96 -18.90
CA ALA D 398 -0.92 -29.18 -18.68
C ALA D 398 -1.37 -28.55 -17.37
N ALA D 399 -0.52 -28.57 -16.36
CA ALA D 399 -0.82 -27.98 -15.05
C ALA D 399 -0.67 -26.46 -15.04
N ASN D 400 -0.17 -25.86 -16.12
CA ASN D 400 0.13 -24.43 -16.15
C ASN D 400 1.11 -24.05 -15.04
N ASP D 401 2.13 -24.90 -14.83
CA ASP D 401 3.06 -24.73 -13.71
C ASP D 401 4.43 -25.26 -14.14
N THR D 402 5.18 -24.43 -14.87
CA THR D 402 6.40 -24.87 -15.53
C THR D 402 7.68 -24.29 -14.91
N THR D 403 7.58 -23.61 -13.77
CA THR D 403 8.76 -23.06 -13.11
C THR D 403 9.60 -24.17 -12.47
N GLY D 404 10.92 -24.06 -12.62
CA GLY D 404 11.86 -24.84 -11.82
C GLY D 404 12.55 -25.93 -12.62
N LEU D 405 13.23 -26.81 -11.87
CA LEU D 405 14.04 -27.87 -12.45
C LEU D 405 14.29 -28.95 -11.41
N VAL D 406 14.72 -30.10 -11.91
CA VAL D 406 15.23 -31.20 -11.10
C VAL D 406 16.73 -31.32 -11.35
N LYS D 407 17.50 -31.56 -10.30
CA LYS D 407 18.94 -31.71 -10.42
C LYS D 407 19.38 -32.99 -9.71
N VAL D 408 20.09 -33.84 -10.44
CA VAL D 408 20.65 -35.09 -9.91
C VAL D 408 22.17 -35.00 -9.97
N ILE D 409 22.83 -35.33 -8.86
CA ILE D 409 24.28 -35.32 -8.76
C ILE D 409 24.76 -36.74 -8.49
N ALA D 410 25.71 -37.21 -9.31
CA ALA D 410 26.22 -38.57 -9.19
C ALA D 410 27.74 -38.54 -9.14
N ASP D 411 28.30 -39.53 -8.44
CA ASP D 411 29.75 -39.72 -8.40
C ASP D 411 30.27 -40.03 -9.80
N ALA D 412 31.31 -39.31 -10.22
CA ALA D 412 31.80 -39.46 -11.59
C ALA D 412 32.46 -40.82 -11.82
N LYS D 413 32.96 -41.48 -10.77
CA LYS D 413 33.61 -42.76 -10.93
C LYS D 413 32.65 -43.93 -10.80
N THR D 414 31.73 -43.87 -9.83
CA THR D 414 30.83 -44.98 -9.53
C THR D 414 29.43 -44.79 -10.07
N ASP D 415 29.06 -43.57 -10.48
CA ASP D 415 27.72 -43.22 -10.93
C ASP D 415 26.70 -43.29 -9.81
N ARG D 416 27.12 -43.46 -8.56
CA ARG D 416 26.20 -43.47 -7.44
C ARG D 416 25.60 -42.08 -7.25
N VAL D 417 24.29 -42.02 -7.06
CA VAL D 417 23.62 -40.74 -6.84
C VAL D 417 23.95 -40.23 -5.45
N LEU D 418 24.45 -38.99 -5.38
CA LEU D 418 24.88 -38.38 -4.14
C LEU D 418 23.94 -37.28 -3.66
N GLY D 419 23.11 -36.73 -4.53
CA GLY D 419 22.15 -35.72 -4.13
C GLY D 419 21.10 -35.52 -5.19
N VAL D 420 19.90 -35.18 -4.74
CA VAL D 420 18.78 -34.85 -5.62
C VAL D 420 18.17 -33.54 -5.12
N HIS D 421 17.99 -32.58 -6.03
CA HIS D 421 17.57 -31.23 -5.66
C HIS D 421 16.49 -30.78 -6.63
N VAL D 422 15.38 -30.28 -6.10
CA VAL D 422 14.23 -29.92 -6.93
C VAL D 422 13.66 -28.59 -6.48
N ILE D 423 13.34 -27.74 -7.44
CA ILE D 423 12.45 -26.62 -7.24
C ILE D 423 11.37 -26.70 -8.32
N GLY D 424 10.11 -26.78 -7.91
CA GLY D 424 9.02 -26.94 -8.84
C GLY D 424 7.89 -27.76 -8.26
N PRO D 425 6.91 -28.09 -9.10
CA PRO D 425 5.72 -28.78 -8.60
C PRO D 425 6.04 -30.18 -8.07
N SER D 426 5.45 -30.50 -6.93
CA SER D 426 5.62 -31.80 -6.28
C SER D 426 7.08 -32.09 -5.95
N ALA D 427 7.85 -31.04 -5.66
CA ALA D 427 9.27 -31.20 -5.35
C ALA D 427 9.50 -32.23 -4.25
N ALA D 428 8.69 -32.18 -3.19
CA ALA D 428 8.92 -33.07 -2.05
C ALA D 428 8.72 -34.54 -2.46
N GLU D 429 7.71 -34.82 -3.29
CA GLU D 429 7.46 -36.19 -3.72
C GLU D 429 8.57 -36.69 -4.63
N LEU D 430 9.09 -35.83 -5.51
CA LEU D 430 10.19 -36.23 -6.38
C LEU D 430 11.46 -36.47 -5.59
N VAL D 431 11.73 -35.62 -4.60
CA VAL D 431 12.91 -35.82 -3.76
C VAL D 431 12.78 -37.11 -2.96
N GLN D 432 11.55 -37.45 -2.54
CA GLN D 432 11.38 -38.70 -1.81
C GLN D 432 11.66 -39.89 -2.71
N GLN D 433 11.28 -39.80 -3.99
CA GLN D 433 11.68 -40.82 -4.95
C GLN D 433 13.20 -40.95 -4.99
N GLY D 434 13.89 -39.80 -5.08
CA GLY D 434 15.34 -39.84 -5.08
C GLY D 434 15.92 -40.42 -3.80
N ALA D 435 15.34 -40.08 -2.65
CA ALA D 435 15.84 -40.57 -1.37
C ALA D 435 15.66 -42.09 -1.27
N ILE D 436 14.53 -42.61 -1.72
CA ILE D 436 14.33 -44.06 -1.72
C ILE D 436 15.39 -44.75 -2.56
N GLY D 437 15.64 -44.21 -3.76
CA GLY D 437 16.69 -44.77 -4.59
C GLY D 437 18.04 -44.76 -3.91
N MET D 438 18.37 -43.64 -3.25
CA MET D 438 19.66 -43.52 -2.59
C MET D 438 19.79 -44.49 -1.41
N GLU D 439 18.68 -44.79 -0.73
CA GLU D 439 18.73 -45.79 0.33
C GLU D 439 19.22 -47.14 -0.19
N PHE D 440 18.88 -47.46 -1.44
CA PHE D 440 19.32 -48.70 -2.07
C PHE D 440 20.61 -48.53 -2.86
N GLY D 441 21.26 -47.38 -2.73
CA GLY D 441 22.54 -47.17 -3.40
C GLY D 441 22.40 -47.01 -4.90
N THR D 442 21.31 -46.41 -5.35
CA THR D 442 21.04 -46.33 -6.79
C THR D 442 22.14 -45.55 -7.49
N SER D 443 22.46 -45.98 -8.70
CA SER D 443 23.20 -45.16 -9.64
C SER D 443 22.21 -44.31 -10.44
N ALA D 444 22.75 -43.34 -11.17
CA ALA D 444 21.89 -42.54 -12.06
C ALA D 444 21.34 -43.41 -13.18
N GLU D 445 22.16 -44.32 -13.73
CA GLU D 445 21.67 -45.20 -14.78
C GLU D 445 20.59 -46.14 -14.27
N ASP D 446 20.68 -46.59 -13.01
CA ASP D 446 19.59 -47.37 -12.42
C ASP D 446 18.27 -46.63 -12.54
N LEU D 447 18.23 -45.37 -12.11
CA LEU D 447 17.01 -44.58 -12.22
C LEU D 447 16.62 -44.40 -13.68
N GLY D 448 17.60 -44.20 -14.56
CA GLY D 448 17.30 -44.02 -15.97
C GLY D 448 16.66 -45.25 -16.59
N MET D 449 16.96 -46.43 -16.06
CA MET D 449 16.44 -47.67 -16.63
C MET D 449 15.04 -48.01 -16.16
N MET D 450 14.49 -47.27 -15.20
CA MET D 450 13.18 -47.59 -14.66
C MET D 450 12.09 -46.95 -15.52
N VAL D 451 10.91 -47.56 -15.48
CA VAL D 451 9.76 -47.06 -16.21
C VAL D 451 9.00 -46.07 -15.32
N PHE D 452 8.91 -44.83 -15.78
CA PHE D 452 8.15 -43.78 -15.10
C PHE D 452 6.85 -43.55 -15.85
N SER D 453 5.75 -43.46 -15.10
CA SER D 453 4.45 -43.20 -15.70
C SER D 453 4.46 -41.88 -16.47
N HIS D 454 3.72 -41.86 -17.57
CA HIS D 454 3.55 -40.67 -18.39
C HIS D 454 2.07 -40.33 -18.51
N PRO D 455 1.70 -39.04 -18.41
CA PRO D 455 2.51 -37.89 -18.07
C PRO D 455 2.48 -37.64 -16.58
N THR D 456 3.64 -37.55 -15.94
CA THR D 456 3.73 -37.25 -14.52
C THR D 456 4.92 -36.35 -14.29
N LEU D 457 4.86 -35.61 -13.17
CA LEU D 457 5.99 -34.78 -12.80
C LEU D 457 7.22 -35.63 -12.50
N SER D 458 7.01 -36.89 -12.08
CA SER D 458 8.13 -37.77 -11.78
C SER D 458 9.06 -37.93 -12.98
N GLU D 459 8.53 -37.77 -14.20
CA GLU D 459 9.35 -37.92 -15.40
C GLU D 459 10.52 -36.95 -15.41
N ALA D 460 10.40 -35.80 -14.76
CA ALA D 460 11.50 -34.84 -14.70
C ALA D 460 12.69 -35.42 -13.94
N LEU D 461 12.42 -36.22 -12.90
CA LEU D 461 13.50 -36.90 -12.20
C LEU D 461 14.16 -37.95 -13.09
N HIS D 462 13.34 -38.70 -13.83
CA HIS D 462 13.87 -39.69 -14.76
C HIS D 462 14.79 -39.03 -15.79
N GLU D 463 14.33 -37.92 -16.39
CA GLU D 463 15.14 -37.25 -17.41
C GLU D 463 16.41 -36.67 -16.80
N ALA D 464 16.32 -36.09 -15.60
CA ALA D 464 17.51 -35.54 -14.96
C ALA D 464 18.53 -36.63 -14.68
N ALA D 465 18.08 -37.81 -14.27
CA ALA D 465 18.99 -38.92 -14.06
C ALA D 465 19.65 -39.34 -15.36
N LEU D 466 18.89 -39.42 -16.45
CA LEU D 466 19.47 -39.73 -17.75
C LEU D 466 20.47 -38.67 -18.18
N ALA D 467 20.18 -37.41 -17.87
CA ALA D 467 21.08 -36.31 -18.26
C ALA D 467 22.43 -36.40 -17.56
N VAL D 468 22.49 -37.06 -16.40
CA VAL D 468 23.76 -37.20 -15.70
C VAL D 468 24.82 -37.75 -16.64
N ASN D 469 24.45 -38.74 -17.44
CA ASN D 469 25.36 -39.40 -18.37
C ASN D 469 25.09 -39.01 -19.80
N GLY D 470 24.38 -37.90 -20.02
CA GLY D 470 24.32 -37.28 -21.32
C GLY D 470 23.38 -37.91 -22.32
N HIS D 471 22.33 -38.58 -21.88
CA HIS D 471 21.36 -39.14 -22.83
C HIS D 471 19.93 -39.03 -22.29
N ALA D 472 19.58 -37.85 -21.79
CA ALA D 472 18.17 -37.51 -21.66
C ALA D 472 17.52 -37.47 -23.04
N ILE D 473 16.25 -37.87 -23.11
CA ILE D 473 15.57 -37.88 -24.40
C ILE D 473 15.04 -36.49 -24.74
N HIS D 474 14.51 -35.76 -23.76
CA HIS D 474 13.69 -34.59 -24.02
C HIS D 474 14.41 -33.27 -23.80
N ILE D 475 15.74 -33.30 -23.73
CA ILE D 475 16.57 -32.11 -23.82
C ILE D 475 17.78 -32.48 -24.67
N ALA D 476 18.39 -31.45 -25.28
CA ALA D 476 19.43 -31.67 -26.27
C ALA D 476 20.71 -32.29 -25.72
N ASN D 477 20.96 -32.22 -24.42
CA ASN D 477 22.22 -32.73 -23.86
C ASN D 477 23.40 -31.96 -24.43
#